data_8Y0A
#
_entry.id   8Y0A
#
_cell.length_a   121.777
_cell.length_b   142.673
_cell.length_c   209.126
_cell.angle_alpha   90.000
_cell.angle_beta   90.000
_cell.angle_gamma   90.000
#
_symmetry.space_group_name_H-M   'P 21 21 21'
#
loop_
_entity.id
_entity.type
_entity.pdbx_description
1 polymer LbCas12a
2 polymer 'RNA (38-MER)'
3 polymer 'DNA (27-MER)'
4 polymer "DNA (5'-D(*CP*GP*TP*CP*CP*TP*TP*TP*AP*TP*T)-3')"
5 non-polymer 'MAGNESIUM ION'
6 water water
#
loop_
_entity_poly.entity_id
_entity_poly.type
_entity_poly.pdbx_seq_one_letter_code
_entity_poly.pdbx_strand_id
1 'polypeptide(L)'
;MSKLEKFTNCYSLSKTLRFKAIPVGKTQENIDNKRLLVEDEKRAEDYKGVKKLLDRYYLSFINDVLHSIKLKNLNNYISL
FRKKTRTEKENKELENLEINLRKEIAKAFKGNEGYKSLFKKDIIETILPEFLDDKDEIALVNSFNGFTTAFTGFFDNREN
MFSEEAKSTSIAFRCINENLTRYISNMDIFEKVDAIFDKHEVQEIKEKILNSDYDVEDFFEGEFFNFVLTQEGIDVYNAI
IGGFVTESGEKIKGLNEYINLYNQKTKQKLPKFKPLYKQVLSDRESLSFYGEGYTSDEEVLEVFRNTLNKNSEIFSSIKK
LEKLFKNFDEYSSAGIFVKNGPAISTISKDIFGEWNVIRDKWNAEYDDIHLKKKAVVTEKYEDDRRKSFKKIGSFSLEQL
QEYADADLSVVEKLKEIIIQKVDEIYKVYGSSEKLFDADFVLEKSLKKNDAVVAIMKDLLDSVKSFENYIKAFFGEGKET
NRDESFYGDFVLAYDILLKVDHIYDAIRNYVTQKPYSKDKFKLYFQNPQFMGGWDKDKETDYRATILRYGSKYYLAIMDK
KYAKCLQKIDKDDVNGNYEKINYKLLPGPNKMLPKVFFSKKWMAYYNPSEDIQKIYKNGTFKKGDMFNLNDCHKLIDFFK
DSISRYPKWSNAYDFNFSETEKYKDIAGFYREVEEQGYKVSFESASKKEVDKLVEEGKLYMFQIYNKDFSDKSHGTPNLH
TMYFKLLFDENNHGQIRLSGGAELFMRRASLKKEELVVHPANSPIANKNPDNPKKTTTLSYDVYKDKRFSEDQYELHIPI
AINKCPKNIFKINTEVRVLLKHDDNPYVIGIDRGERNLLYIVVVDGKGNIVEQYSLNEIINNFNGIRIKTDYHSLLDKKE
KERFEARQNWTSIENIKELKAGYISQVVHKICELVEKYDAVIALEDLNSGFKNSRVKVEKQVYQKFEKMLIDKLNYMVDK
KSNPCATGGALKGYQITNKFESFKSMSTQNGFIFYIPAWLTSKIDPSTGFVNLLKTKYTSIADSKKFISSFDRIMYVPEE
DLFEFALDYKNFSRTDADYIKKWKLYSYGNRIRIFRNPKKNNVFDWEEVCLTSAYKELFNKYGINYQQGDIRALLCEQSD
KAFYSSFMALMSLMLQMRNSITGRTDVDFLISPVKNSDGIFYDSRNYEAQENAILPKNADANGAYNIARKVLWAIGQFKK
AEDEKLDKVKIAISNKEWLEYAQTSVKH
;
A,E
2 'polyribonucleotide' AAUUUCUACUAAGUGUAGAUCGCAUCCAGUAAAGCGGCAC B,F
3 'polydeoxyribonucleotide'
;(DG)(DC)(DC)(DG)(DC)(DT)(DT)(DT)(DA)(DC)(DT)(DG)(DG)(DA)(DT)(DG)(DC)(DG)(DT)(DA)
(DA)(DA)(DG)(DG)(DA)(DC)(DG)
;
C,G
4 'polydeoxyribonucleotide' (DC)(DG)(DT)(DC)(DC)(DT)(DT)(DT)(DA)(DT)(DT) D,H
#
loop_
_chem_comp.id
_chem_comp.type
_chem_comp.name
_chem_comp.formula
A RNA linking ADENOSINE-5'-MONOPHOSPHATE 'C10 H14 N5 O7 P'
C RNA linking CYTIDINE-5'-MONOPHOSPHATE 'C9 H14 N3 O8 P'
DA DNA linking 2'-DEOXYADENOSINE-5'-MONOPHOSPHATE 'C10 H14 N5 O6 P'
DC DNA linking 2'-DEOXYCYTIDINE-5'-MONOPHOSPHATE 'C9 H14 N3 O7 P'
DG DNA linking 2'-DEOXYGUANOSINE-5'-MONOPHOSPHATE 'C10 H14 N5 O7 P'
DT DNA linking THYMIDINE-5'-MONOPHOSPHATE 'C10 H15 N2 O8 P'
G RNA linking GUANOSINE-5'-MONOPHOSPHATE 'C10 H14 N5 O8 P'
MG non-polymer 'MAGNESIUM ION' 'Mg 2'
U RNA linking URIDINE-5'-MONOPHOSPHATE 'C9 H13 N2 O9 P'
#
# COMPACT_ATOMS: atom_id res chain seq x y z
N MET A 1 -1.87 31.27 21.74
CA MET A 1 -1.14 32.41 21.19
C MET A 1 -1.03 32.22 19.67
N SER A 2 -0.01 31.50 19.20
CA SER A 2 0.36 31.53 17.79
C SER A 2 -0.68 30.85 16.90
N LYS A 3 -1.09 29.63 17.27
CA LYS A 3 -1.89 28.81 16.36
C LYS A 3 -3.31 29.36 16.21
N LEU A 4 -3.97 29.68 17.31
CA LEU A 4 -5.40 29.99 17.23
C LEU A 4 -5.67 31.27 16.45
N GLU A 5 -4.80 32.28 16.56
CA GLU A 5 -5.10 33.58 15.96
C GLU A 5 -5.34 33.46 14.45
N LYS A 6 -4.74 32.46 13.81
CA LYS A 6 -4.88 32.29 12.37
C LYS A 6 -6.32 31.98 11.98
N PHE A 7 -7.06 31.27 12.84
CA PHE A 7 -8.42 30.81 12.53
C PHE A 7 -9.44 31.80 13.04
N THR A 8 -9.73 32.83 12.23
CA THR A 8 -10.85 33.72 12.44
C THR A 8 -11.48 34.04 11.09
N ASN A 9 -12.80 34.28 11.09
CA ASN A 9 -13.53 34.67 9.88
C ASN A 9 -13.38 33.60 8.80
N CYS A 10 -13.49 32.34 9.20
CA CYS A 10 -13.19 31.23 8.29
C CYS A 10 -14.38 30.85 7.41
N TYR A 11 -15.56 30.68 7.98
CA TYR A 11 -16.72 30.35 7.17
C TYR A 11 -17.99 30.91 7.81
N SER A 12 -19.10 30.73 7.09
CA SER A 12 -20.38 31.33 7.45
C SER A 12 -21.28 30.27 8.06
N LEU A 13 -21.91 30.61 9.18
CA LEU A 13 -22.88 29.74 9.81
C LEU A 13 -23.96 30.58 10.48
N SER A 14 -25.11 29.97 10.71
CA SER A 14 -26.24 30.64 11.32
C SER A 14 -26.54 30.03 12.69
N LYS A 15 -27.02 30.87 13.59
CA LYS A 15 -27.54 30.44 14.88
C LYS A 15 -28.83 31.21 15.14
N THR A 16 -29.48 30.89 16.25
CA THR A 16 -30.75 31.51 16.61
C THR A 16 -30.68 31.97 18.06
N LEU A 17 -31.00 33.24 18.28
CA LEU A 17 -31.13 33.79 19.61
C LEU A 17 -32.60 33.80 20.00
N ARG A 18 -32.88 33.36 21.23
CA ARG A 18 -34.23 33.25 21.75
C ARG A 18 -34.44 34.26 22.87
N PHE A 19 -35.66 34.78 22.97
CA PHE A 19 -35.93 35.84 23.92
C PHE A 19 -37.39 35.80 24.35
N LYS A 20 -37.63 36.10 25.63
CA LYS A 20 -38.98 36.29 26.12
C LYS A 20 -39.45 37.70 25.77
N ALA A 21 -40.64 37.79 25.18
CA ALA A 21 -41.21 39.07 24.80
C ALA A 21 -42.25 39.49 25.83
N ILE A 22 -42.12 40.70 26.34
CA ILE A 22 -42.94 41.22 27.42
C ILE A 22 -43.81 42.36 26.88
N PRO A 23 -45.13 42.29 27.04
CA PRO A 23 -45.97 43.34 26.43
C PRO A 23 -45.81 44.66 27.16
N VAL A 24 -45.80 45.74 26.38
CA VAL A 24 -45.55 47.08 26.88
C VAL A 24 -46.88 47.84 26.97
N GLY A 25 -47.18 48.35 28.16
CA GLY A 25 -48.36 49.20 28.32
C GLY A 25 -49.63 48.44 28.05
N LYS A 26 -50.54 49.05 27.28
CA LYS A 26 -51.83 48.48 26.95
C LYS A 26 -51.77 47.42 25.86
N THR A 27 -50.57 46.97 25.47
CA THR A 27 -50.45 46.07 24.33
C THR A 27 -51.28 44.81 24.52
N GLN A 28 -51.09 44.11 25.65
CA GLN A 28 -51.82 42.85 25.85
C GLN A 28 -53.31 43.07 26.01
N GLU A 29 -53.73 44.23 26.51
CA GLU A 29 -55.16 44.48 26.65
C GLU A 29 -55.84 44.52 25.29
N ASN A 30 -55.22 45.20 24.32
CA ASN A 30 -55.80 45.30 23.00
C ASN A 30 -55.67 43.97 22.25
N ILE A 31 -54.66 43.16 22.58
CA ILE A 31 -54.51 41.87 21.94
C ILE A 31 -55.63 40.92 22.37
N ASP A 32 -56.03 40.99 23.64
CA ASP A 32 -57.10 40.12 24.13
C ASP A 32 -58.45 40.55 23.57
N ASN A 33 -58.74 41.85 23.61
CA ASN A 33 -60.03 42.35 23.14
C ASN A 33 -60.29 42.04 21.68
N LYS A 34 -59.23 42.03 20.84
CA LYS A 34 -59.38 41.69 19.44
C LYS A 34 -59.26 40.18 19.17
N ARG A 35 -59.10 39.36 20.21
CA ARG A 35 -59.13 37.90 20.07
C ARG A 35 -58.08 37.40 19.08
N LEU A 36 -56.90 38.02 19.09
CA LEU A 36 -55.88 37.67 18.10
C LEU A 36 -55.22 36.34 18.42
N LEU A 37 -54.97 36.06 19.70
CA LEU A 37 -54.28 34.82 20.06
C LEU A 37 -55.14 33.60 19.76
N VAL A 38 -56.44 33.67 20.10
CA VAL A 38 -57.33 32.53 19.87
C VAL A 38 -57.41 32.20 18.40
N GLU A 39 -57.27 33.21 17.53
CA GLU A 39 -57.25 32.95 16.10
C GLU A 39 -55.98 32.18 15.70
N ASP A 40 -54.83 32.58 16.24
CA ASP A 40 -53.59 31.87 15.92
C ASP A 40 -53.54 30.52 16.61
N GLU A 41 -54.16 30.40 17.78
CA GLU A 41 -54.30 29.09 18.42
C GLU A 41 -55.14 28.16 17.56
N LYS A 42 -56.34 28.61 17.18
CA LYS A 42 -57.20 27.83 16.31
C LYS A 42 -56.56 27.57 14.95
N ARG A 43 -55.67 28.48 14.51
CA ARG A 43 -55.00 28.28 13.24
C ARG A 43 -53.94 27.19 13.34
N ALA A 44 -53.09 27.26 14.36
CA ALA A 44 -52.01 26.31 14.50
C ALA A 44 -52.52 24.89 14.68
N GLU A 45 -53.73 24.73 15.19
CA GLU A 45 -54.35 23.41 15.22
C GLU A 45 -54.85 23.02 13.83
N ASP A 46 -55.55 23.94 13.15
CA ASP A 46 -56.02 23.65 11.80
C ASP A 46 -54.86 23.52 10.83
N TYR A 47 -53.74 24.20 11.11
CA TYR A 47 -52.58 24.10 10.22
C TYR A 47 -51.99 22.69 10.23
N LYS A 48 -52.03 22.02 11.38
CA LYS A 48 -51.61 20.63 11.41
C LYS A 48 -52.62 19.75 10.68
N GLY A 49 -53.90 20.12 10.71
CA GLY A 49 -54.92 19.32 10.06
C GLY A 49 -54.86 19.39 8.55
N VAL A 50 -54.80 20.61 8.00
CA VAL A 50 -54.70 20.78 6.56
C VAL A 50 -53.47 20.07 6.01
N LYS A 51 -52.37 20.09 6.77
CA LYS A 51 -51.17 19.38 6.33
C LYS A 51 -51.43 17.89 6.21
N LYS A 52 -52.19 17.33 7.16
CA LYS A 52 -52.53 15.91 7.10
C LYS A 52 -53.25 15.55 5.82
N LEU A 53 -54.20 16.37 5.38
CA LEU A 53 -54.88 16.12 4.12
C LEU A 53 -53.91 16.31 2.95
N LEU A 54 -53.03 17.30 3.04
CA LEU A 54 -52.03 17.49 2.00
C LEU A 54 -51.15 16.26 1.87
N ASP A 55 -50.80 15.63 2.99
CA ASP A 55 -50.02 14.38 2.93
C ASP A 55 -50.82 13.28 2.25
N ARG A 56 -52.14 13.26 2.46
CA ARG A 56 -52.99 12.28 1.80
C ARG A 56 -52.87 12.40 0.28
N TYR A 57 -52.93 13.64 -0.22
CA TYR A 57 -52.81 13.84 -1.67
C TYR A 57 -51.41 13.50 -2.17
N TYR A 58 -50.39 13.94 -1.44
CA TYR A 58 -49.02 13.60 -1.84
C TYR A 58 -48.81 12.10 -1.91
N LEU A 59 -49.21 11.37 -0.86
CA LEU A 59 -49.06 9.92 -0.86
C LEU A 59 -49.79 9.29 -2.03
N SER A 60 -50.95 9.84 -2.41
CA SER A 60 -51.67 9.35 -3.58
C SER A 60 -50.90 9.67 -4.86
N PHE A 61 -50.39 10.90 -4.99
CA PHE A 61 -49.56 11.23 -6.13
C PHE A 61 -48.26 10.44 -6.10
N ILE A 62 -47.74 10.15 -4.90
CA ILE A 62 -46.50 9.39 -4.78
C ILE A 62 -46.69 7.98 -5.34
N ASN A 63 -47.82 7.35 -5.00
CA ASN A 63 -48.03 5.94 -5.33
C ASN A 63 -48.44 5.72 -6.78
N ASP A 64 -49.03 6.72 -7.45
CA ASP A 64 -49.41 6.52 -8.84
C ASP A 64 -48.20 6.16 -9.69
N VAL A 65 -47.06 6.80 -9.42
CA VAL A 65 -45.83 6.47 -10.12
C VAL A 65 -45.20 5.19 -9.57
N LEU A 66 -45.16 5.05 -8.24
CA LEU A 66 -44.43 3.95 -7.62
C LEU A 66 -45.10 2.61 -7.89
N HIS A 67 -46.42 2.57 -8.09
CA HIS A 67 -47.04 1.36 -8.58
C HIS A 67 -46.59 1.05 -10.01
N SER A 68 -46.54 2.07 -10.85
CA SER A 68 -46.34 1.92 -12.29
C SER A 68 -44.88 2.07 -12.71
N ILE A 69 -43.96 2.24 -11.78
CA ILE A 69 -42.57 2.47 -12.14
C ILE A 69 -41.91 1.15 -12.54
N LYS A 70 -41.07 1.20 -13.57
CA LYS A 70 -40.19 0.11 -13.95
C LYS A 70 -38.77 0.64 -14.03
N LEU A 71 -37.83 -0.05 -13.37
CA LEU A 71 -36.45 0.38 -13.32
C LEU A 71 -35.67 -0.28 -14.46
N LYS A 72 -35.12 0.54 -15.35
CA LYS A 72 -34.35 0.00 -16.47
C LYS A 72 -33.05 -0.60 -15.97
N ASN A 73 -32.69 -1.76 -16.54
CA ASN A 73 -31.39 -2.40 -16.35
C ASN A 73 -30.99 -2.47 -14.87
N LEU A 74 -31.92 -2.97 -14.04
CA LEU A 74 -31.64 -3.12 -12.62
C LEU A 74 -30.51 -4.11 -12.35
N ASN A 75 -30.44 -5.19 -13.12
CA ASN A 75 -29.39 -6.20 -12.93
C ASN A 75 -28.01 -5.60 -13.11
N ASN A 76 -27.87 -4.65 -14.05
CA ASN A 76 -26.59 -4.00 -14.28
C ASN A 76 -26.07 -3.33 -13.01
N TYR A 77 -26.95 -2.64 -12.29
CA TYR A 77 -26.53 -2.07 -11.01
C TYR A 77 -26.12 -3.17 -10.05
N ILE A 78 -26.90 -4.26 -10.03
CA ILE A 78 -26.59 -5.39 -9.15
C ILE A 78 -25.26 -6.03 -9.53
N SER A 79 -25.02 -6.16 -10.84
CA SER A 79 -23.81 -6.81 -11.34
C SER A 79 -22.54 -6.16 -10.80
N LEU A 80 -22.37 -4.87 -11.05
CA LEU A 80 -21.20 -4.14 -10.59
C LEU A 80 -21.21 -3.97 -9.07
N PHE A 81 -22.37 -4.07 -8.43
CA PHE A 81 -22.47 -3.93 -6.98
C PHE A 81 -21.86 -5.11 -6.22
N ARG A 82 -21.87 -6.30 -6.82
CA ARG A 82 -21.37 -7.50 -6.16
C ARG A 82 -20.06 -7.99 -6.78
N LYS A 83 -19.32 -7.11 -7.41
CA LYS A 83 -18.01 -7.44 -7.95
C LYS A 83 -16.93 -7.26 -6.87
N LYS A 84 -16.21 -8.34 -6.58
CA LYS A 84 -15.13 -8.27 -5.60
C LYS A 84 -13.88 -7.57 -6.13
N THR A 85 -13.91 -6.96 -7.31
CA THR A 85 -12.71 -6.36 -7.89
C THR A 85 -13.04 -5.26 -8.90
N ARG A 86 -13.49 -4.11 -8.43
CA ARG A 86 -13.65 -2.96 -9.30
C ARG A 86 -12.40 -2.09 -9.25
N THR A 87 -12.23 -1.28 -10.29
CA THR A 87 -11.11 -0.35 -10.37
C THR A 87 -11.58 1.06 -10.03
N GLU A 88 -10.62 2.00 -10.00
CA GLU A 88 -10.93 3.41 -9.83
C GLU A 88 -11.72 3.94 -11.02
N LYS A 89 -11.92 3.09 -12.02
CA LYS A 89 -12.74 3.42 -13.19
C LYS A 89 -14.13 2.80 -13.14
N GLU A 90 -14.26 1.60 -12.57
CA GLU A 90 -15.58 1.00 -12.39
C GLU A 90 -16.28 1.51 -11.12
N ASN A 91 -15.52 1.90 -10.11
CA ASN A 91 -16.12 2.54 -8.95
C ASN A 91 -16.85 3.83 -9.34
N LYS A 92 -16.26 4.59 -10.26
CA LYS A 92 -16.94 5.76 -10.80
C LYS A 92 -18.02 5.39 -11.81
N GLU A 93 -18.10 4.12 -12.19
CA GLU A 93 -19.11 3.65 -13.14
C GLU A 93 -20.40 3.24 -12.44
N LEU A 94 -20.28 2.55 -11.29
CA LEU A 94 -21.47 2.21 -10.52
C LEU A 94 -22.15 3.45 -9.96
N GLU A 95 -21.36 4.47 -9.57
CA GLU A 95 -21.94 5.73 -9.11
C GLU A 95 -22.80 6.36 -10.20
N ASN A 96 -22.25 6.48 -11.40
CA ASN A 96 -23.01 7.08 -12.49
C ASN A 96 -24.25 6.24 -12.82
N LEU A 97 -24.19 4.93 -12.55
CA LEU A 97 -25.40 4.12 -12.63
C LEU A 97 -26.35 4.45 -11.47
N GLU A 98 -25.81 4.60 -10.26
CA GLU A 98 -26.63 4.94 -9.10
C GLU A 98 -27.32 6.29 -9.30
N ILE A 99 -26.66 7.22 -10.00
CA ILE A 99 -27.26 8.53 -10.23
C ILE A 99 -28.42 8.42 -11.22
N ASN A 100 -28.29 7.58 -12.25
CA ASN A 100 -29.35 7.44 -13.23
C ASN A 100 -30.55 6.67 -12.69
N LEU A 101 -30.34 5.78 -11.72
CA LEU A 101 -31.46 5.09 -11.12
C LEU A 101 -32.34 6.02 -10.30
N ARG A 102 -31.73 6.94 -9.53
CA ARG A 102 -32.52 7.94 -8.83
C ARG A 102 -33.18 8.90 -9.80
N LYS A 103 -32.47 9.30 -10.87
CA LYS A 103 -33.07 10.16 -11.88
C LYS A 103 -34.27 9.49 -12.54
N GLU A 104 -34.17 8.18 -12.80
CA GLU A 104 -35.29 7.47 -13.40
C GLU A 104 -36.54 7.57 -12.53
N ILE A 105 -36.38 7.45 -11.21
CA ILE A 105 -37.50 7.63 -10.30
C ILE A 105 -37.89 9.09 -10.22
N ALA A 106 -36.90 9.98 -10.19
CA ALA A 106 -37.17 11.41 -9.94
C ALA A 106 -37.98 12.03 -11.07
N LYS A 107 -37.52 11.86 -12.32
CA LYS A 107 -38.21 12.48 -13.44
C LYS A 107 -39.59 11.88 -13.66
N ALA A 108 -39.84 10.68 -13.16
CA ALA A 108 -41.17 10.10 -13.26
C ALA A 108 -42.18 10.85 -12.39
N PHE A 109 -41.73 11.40 -11.26
CA PHE A 109 -42.60 12.28 -10.48
C PHE A 109 -42.78 13.63 -11.16
N LYS A 110 -41.74 14.10 -11.86
CA LYS A 110 -41.75 15.42 -12.48
C LYS A 110 -42.30 15.37 -13.89
N GLY A 111 -42.29 14.18 -14.51
CA GLY A 111 -42.91 14.01 -15.80
C GLY A 111 -44.38 14.35 -15.80
N ASN A 112 -45.05 14.15 -14.68
CA ASN A 112 -46.47 14.53 -14.60
C ASN A 112 -46.57 16.04 -14.85
N GLU A 113 -47.70 16.46 -15.38
CA GLU A 113 -47.92 17.87 -15.66
C GLU A 113 -48.62 18.59 -14.52
N GLY A 114 -49.10 17.84 -13.53
CA GLY A 114 -49.53 18.41 -12.26
C GLY A 114 -48.44 18.56 -11.24
N TYR A 115 -47.17 18.32 -11.60
CA TYR A 115 -46.09 18.33 -10.61
C TYR A 115 -45.87 19.72 -10.05
N LYS A 116 -45.73 20.73 -10.92
CA LYS A 116 -45.34 22.05 -10.45
C LYS A 116 -46.42 22.70 -9.60
N SER A 117 -47.68 22.33 -9.83
CA SER A 117 -48.81 22.89 -9.10
C SER A 117 -48.98 22.28 -7.71
N LEU A 118 -48.19 21.26 -7.36
CA LEU A 118 -48.28 20.68 -6.02
C LEU A 118 -47.76 21.60 -4.94
N PHE A 119 -47.00 22.64 -5.31
CA PHE A 119 -46.32 23.49 -4.33
C PHE A 119 -46.61 24.97 -4.58
N LYS A 120 -47.72 25.28 -5.25
CA LYS A 120 -48.18 26.64 -5.41
C LYS A 120 -49.54 26.79 -4.71
N LYS A 121 -50.11 28.00 -4.80
CA LYS A 121 -51.42 28.24 -4.19
C LYS A 121 -52.51 27.41 -4.82
N ASP A 122 -52.25 26.83 -6.00
CA ASP A 122 -53.26 26.08 -6.72
C ASP A 122 -53.71 24.86 -5.91
N ILE A 123 -52.79 24.21 -5.20
CA ILE A 123 -53.12 22.96 -4.52
C ILE A 123 -54.16 23.18 -3.43
N ILE A 124 -54.14 24.34 -2.77
CA ILE A 124 -55.10 24.63 -1.72
C ILE A 124 -56.39 25.23 -2.26
N GLU A 125 -56.28 26.08 -3.28
CA GLU A 125 -57.47 26.69 -3.88
C GLU A 125 -58.18 25.75 -4.83
N THR A 126 -57.44 24.87 -5.53
CA THR A 126 -57.99 24.11 -6.65
C THR A 126 -57.91 22.61 -6.43
N ILE A 127 -56.71 22.03 -6.41
CA ILE A 127 -56.57 20.57 -6.54
C ILE A 127 -57.17 19.85 -5.33
N LEU A 128 -56.79 20.25 -4.12
CA LEU A 128 -57.31 19.59 -2.93
C LEU A 128 -58.82 19.75 -2.78
N PRO A 129 -59.44 20.89 -3.10
CA PRO A 129 -60.90 20.93 -3.11
C PRO A 129 -61.55 19.91 -4.03
N GLU A 130 -60.91 19.57 -5.16
CA GLU A 130 -61.45 18.52 -6.02
C GLU A 130 -61.24 17.13 -5.43
N PHE A 131 -60.03 16.85 -4.93
CA PHE A 131 -59.72 15.52 -4.41
C PHE A 131 -60.55 15.18 -3.18
N LEU A 132 -60.65 16.11 -2.23
CA LEU A 132 -61.32 15.79 -0.98
C LEU A 132 -62.80 15.51 -1.22
N ASP A 133 -63.35 14.58 -0.43
CA ASP A 133 -64.75 14.20 -0.53
C ASP A 133 -65.55 14.53 0.73
N ASP A 134 -64.90 14.92 1.82
CA ASP A 134 -65.60 15.32 3.03
C ASP A 134 -66.02 16.78 2.91
N LYS A 135 -67.19 17.11 3.46
CA LYS A 135 -67.63 18.50 3.46
C LYS A 135 -66.94 19.32 4.53
N ASP A 136 -66.36 18.68 5.55
CA ASP A 136 -65.61 19.41 6.57
C ASP A 136 -64.17 19.64 6.14
N GLU A 137 -63.52 18.59 5.61
CA GLU A 137 -62.19 18.76 5.03
C GLU A 137 -62.21 19.78 3.89
N ILE A 138 -63.32 19.88 3.16
CA ILE A 138 -63.42 20.93 2.16
C ILE A 138 -63.45 22.30 2.84
N ALA A 139 -64.08 22.39 4.02
CA ALA A 139 -64.22 23.65 4.73
C ALA A 139 -62.97 24.07 5.50
N LEU A 140 -62.07 23.14 5.80
CA LEU A 140 -60.85 23.53 6.51
C LEU A 140 -59.77 24.04 5.57
N VAL A 141 -59.83 23.65 4.30
CA VAL A 141 -58.91 24.20 3.32
C VAL A 141 -59.35 25.59 2.84
N ASN A 142 -60.65 25.91 2.95
CA ASN A 142 -61.12 27.22 2.49
C ASN A 142 -60.68 28.35 3.40
N SER A 143 -60.63 28.11 4.71
CA SER A 143 -60.22 29.18 5.62
C SER A 143 -58.79 29.62 5.35
N PHE A 144 -57.99 28.75 4.73
CA PHE A 144 -56.61 29.04 4.35
C PHE A 144 -56.48 29.67 2.97
N ASN A 145 -57.58 30.18 2.40
CA ASN A 145 -57.51 30.79 1.08
C ASN A 145 -56.58 31.99 1.05
N GLY A 146 -56.38 32.64 2.19
CA GLY A 146 -55.63 33.88 2.28
C GLY A 146 -54.20 33.69 2.78
N PHE A 147 -53.82 32.45 3.12
CA PHE A 147 -52.61 32.19 3.89
C PHE A 147 -51.64 31.23 3.19
N THR A 148 -51.70 31.09 1.86
CA THR A 148 -50.96 30.00 1.25
C THR A 148 -49.45 30.19 1.31
N THR A 149 -48.95 31.35 1.74
CA THR A 149 -47.52 31.51 1.92
C THR A 149 -47.06 31.00 3.27
N ALA A 150 -47.97 30.86 4.24
CA ALA A 150 -47.63 30.21 5.50
C ALA A 150 -47.27 28.74 5.31
N PHE A 151 -47.40 28.21 4.08
CA PHE A 151 -47.05 26.84 3.75
C PHE A 151 -45.73 26.72 2.99
N THR A 152 -45.09 27.86 2.67
CA THR A 152 -43.90 27.81 1.84
C THR A 152 -42.83 26.94 2.48
N GLY A 153 -42.68 27.01 3.80
CA GLY A 153 -41.77 26.11 4.48
C GLY A 153 -42.24 24.68 4.49
N PHE A 154 -43.55 24.46 4.46
CA PHE A 154 -44.08 23.12 4.35
C PHE A 154 -43.92 22.55 2.95
N PHE A 155 -43.98 23.41 1.92
CA PHE A 155 -43.78 22.94 0.56
C PHE A 155 -42.33 22.57 0.30
N ASP A 156 -41.39 23.30 0.91
CA ASP A 156 -39.98 22.94 0.78
C ASP A 156 -39.71 21.56 1.33
N ASN A 157 -40.32 21.22 2.48
CA ASN A 157 -40.16 19.90 3.07
C ASN A 157 -40.68 18.79 2.16
N ARG A 158 -41.53 19.12 1.19
CA ARG A 158 -42.13 18.13 0.32
C ARG A 158 -41.46 18.02 -1.03
N GLU A 159 -40.84 19.09 -1.52
CA GLU A 159 -40.02 18.96 -2.72
C GLU A 159 -38.77 18.15 -2.46
N ASN A 160 -38.28 18.15 -1.21
CA ASN A 160 -37.18 17.27 -0.85
C ASN A 160 -37.55 15.81 -1.10
N MET A 161 -38.83 15.47 -0.93
CA MET A 161 -39.28 14.10 -1.18
C MET A 161 -39.13 13.70 -2.63
N PHE A 162 -39.12 14.68 -3.55
CA PHE A 162 -39.00 14.42 -4.98
C PHE A 162 -37.62 14.80 -5.52
N SER A 163 -36.63 14.95 -4.65
CA SER A 163 -35.29 15.29 -5.10
C SER A 163 -34.66 14.11 -5.83
N GLU A 164 -33.74 14.42 -6.75
CA GLU A 164 -32.98 13.39 -7.45
C GLU A 164 -31.65 13.07 -6.80
N GLU A 165 -31.12 13.97 -5.97
CA GLU A 165 -29.80 13.82 -5.40
C GLU A 165 -29.85 12.84 -4.22
N ALA A 166 -28.65 12.44 -3.77
CA ALA A 166 -28.55 11.59 -2.60
C ALA A 166 -28.85 12.36 -1.32
N LYS A 167 -30.12 12.69 -1.10
CA LYS A 167 -30.52 13.44 0.09
C LYS A 167 -31.39 12.56 0.96
N SER A 168 -31.25 12.71 2.28
CA SER A 168 -31.85 11.75 3.22
C SER A 168 -33.36 11.74 3.16
N THR A 169 -34.00 12.84 2.76
CA THR A 169 -35.44 12.93 2.73
C THR A 169 -36.03 12.62 1.35
N SER A 170 -35.19 12.22 0.39
CA SER A 170 -35.65 11.92 -0.96
C SER A 170 -36.24 10.52 -1.01
N ILE A 171 -37.33 10.38 -1.77
CA ILE A 171 -37.90 9.06 -2.00
C ILE A 171 -36.96 8.22 -2.85
N ALA A 172 -36.36 8.83 -3.88
CA ALA A 172 -35.40 8.11 -4.70
C ALA A 172 -34.23 7.61 -3.87
N PHE A 173 -33.82 8.41 -2.88
CA PHE A 173 -32.77 7.97 -1.97
C PHE A 173 -33.21 6.72 -1.20
N ARG A 174 -34.46 6.70 -0.75
CA ARG A 174 -34.97 5.58 0.05
C ARG A 174 -34.99 4.29 -0.76
N CYS A 175 -35.58 4.34 -1.97
CA CYS A 175 -35.72 3.13 -2.78
C CYS A 175 -34.38 2.59 -3.27
N ILE A 176 -33.47 3.47 -3.68
CA ILE A 176 -32.25 3.03 -4.35
C ILE A 176 -31.05 2.99 -3.41
N ASN A 177 -30.74 4.11 -2.75
CA ASN A 177 -29.54 4.12 -1.92
C ASN A 177 -29.72 3.26 -0.68
N GLU A 178 -30.92 3.21 -0.12
CA GLU A 178 -31.16 2.47 1.11
C GLU A 178 -31.79 1.11 0.85
N ASN A 179 -32.95 1.07 0.20
CA ASN A 179 -33.66 -0.18 0.01
C ASN A 179 -32.86 -1.15 -0.87
N LEU A 180 -32.22 -0.65 -1.94
CA LEU A 180 -31.52 -1.55 -2.86
C LEU A 180 -30.39 -2.27 -2.14
N THR A 181 -29.49 -1.52 -1.52
CA THR A 181 -28.34 -2.12 -0.88
C THR A 181 -28.77 -3.11 0.19
N ARG A 182 -29.82 -2.79 0.93
CA ARG A 182 -30.40 -3.75 1.86
C ARG A 182 -31.01 -4.93 1.11
N TYR A 183 -31.66 -4.67 -0.02
CA TYR A 183 -32.22 -5.73 -0.83
C TYR A 183 -31.13 -6.56 -1.50
N ILE A 184 -30.10 -5.90 -2.04
CA ILE A 184 -28.98 -6.61 -2.64
C ILE A 184 -28.20 -7.39 -1.58
N SER A 185 -27.94 -6.77 -0.43
CA SER A 185 -27.15 -7.44 0.60
C SER A 185 -27.82 -8.72 1.07
N ASN A 186 -29.15 -8.71 1.22
CA ASN A 186 -29.86 -9.94 1.56
C ASN A 186 -29.76 -10.97 0.44
N MET A 187 -29.72 -10.54 -0.82
CA MET A 187 -29.55 -11.47 -1.93
C MET A 187 -28.21 -12.19 -1.83
N ASP A 188 -27.20 -11.53 -1.26
CA ASP A 188 -25.93 -12.19 -1.01
C ASP A 188 -26.05 -13.18 0.14
N ILE A 189 -26.92 -12.91 1.12
CA ILE A 189 -27.08 -13.78 2.27
C ILE A 189 -28.04 -14.93 1.98
N PHE A 190 -29.08 -14.68 1.17
CA PHE A 190 -30.01 -15.75 0.81
C PHE A 190 -29.28 -16.95 0.23
N GLU A 191 -28.40 -16.71 -0.73
CA GLU A 191 -27.70 -17.82 -1.39
C GLU A 191 -26.83 -18.59 -0.41
N LYS A 192 -26.19 -17.88 0.52
CA LYS A 192 -25.30 -18.51 1.50
C LYS A 192 -26.06 -19.37 2.50
N VAL A 193 -27.34 -19.08 2.75
CA VAL A 193 -28.06 -19.73 3.84
C VAL A 193 -29.34 -20.39 3.30
N ASP A 194 -29.47 -20.48 1.98
CA ASP A 194 -30.65 -21.12 1.39
C ASP A 194 -30.68 -22.62 1.64
N ALA A 195 -29.54 -23.24 1.94
CA ALA A 195 -29.48 -24.68 2.12
C ALA A 195 -30.30 -25.17 3.31
N ILE A 196 -30.45 -24.34 4.34
CA ILE A 196 -30.96 -24.82 5.63
C ILE A 196 -32.47 -24.68 5.72
N PHE A 197 -33.12 -24.43 4.60
CA PHE A 197 -34.56 -24.14 4.58
C PHE A 197 -35.32 -25.37 4.11
N ASP A 198 -35.99 -26.04 5.06
CA ASP A 198 -36.88 -27.15 4.78
C ASP A 198 -37.83 -26.82 3.63
N LYS A 199 -38.22 -27.86 2.89
CA LYS A 199 -39.14 -27.67 1.77
C LYS A 199 -40.54 -27.29 2.24
N HIS A 200 -40.92 -27.71 3.45
CA HIS A 200 -42.16 -27.24 4.03
C HIS A 200 -42.04 -25.79 4.50
N GLU A 201 -40.86 -25.42 5.02
CA GLU A 201 -40.65 -24.03 5.42
C GLU A 201 -40.81 -23.09 4.23
N VAL A 202 -40.33 -23.50 3.06
CA VAL A 202 -40.60 -22.74 1.85
C VAL A 202 -42.11 -22.70 1.60
N GLN A 203 -42.76 -23.88 1.67
CA GLN A 203 -44.20 -23.96 1.49
C GLN A 203 -44.97 -23.32 2.64
N GLU A 204 -44.42 -23.37 3.86
CA GLU A 204 -45.08 -22.73 5.00
C GLU A 204 -45.15 -21.22 4.80
N ILE A 205 -44.01 -20.61 4.46
CA ILE A 205 -43.99 -19.18 4.21
C ILE A 205 -44.75 -18.83 2.94
N LYS A 206 -44.76 -19.73 1.95
CA LYS A 206 -45.43 -19.43 0.70
C LYS A 206 -46.95 -19.51 0.84
N GLU A 207 -47.46 -20.53 1.52
CA GLU A 207 -48.91 -20.62 1.72
C GLU A 207 -49.41 -19.60 2.72
N LYS A 208 -48.72 -19.44 3.86
CA LYS A 208 -49.23 -18.61 4.94
C LYS A 208 -48.95 -17.13 4.75
N ILE A 209 -47.85 -16.78 4.07
CA ILE A 209 -47.46 -15.39 3.89
C ILE A 209 -47.58 -14.95 2.44
N LEU A 210 -47.16 -15.79 1.50
CA LEU A 210 -47.15 -15.42 0.09
C LEU A 210 -48.45 -15.76 -0.63
N ASN A 211 -49.31 -16.61 -0.05
CA ASN A 211 -50.62 -16.94 -0.60
C ASN A 211 -50.47 -17.74 -1.90
N SER A 212 -49.33 -18.41 -2.09
CA SER A 212 -49.04 -19.27 -3.23
C SER A 212 -48.96 -18.49 -4.54
N ASP A 213 -48.98 -17.16 -4.47
CA ASP A 213 -48.90 -16.34 -5.66
C ASP A 213 -47.46 -16.10 -6.11
N TYR A 214 -46.50 -16.22 -5.21
CA TYR A 214 -45.10 -16.04 -5.52
C TYR A 214 -44.29 -17.11 -4.80
N ASP A 215 -43.17 -17.50 -5.41
CA ASP A 215 -42.19 -18.33 -4.73
C ASP A 215 -41.36 -17.49 -3.76
N VAL A 216 -40.75 -18.14 -2.78
CA VAL A 216 -39.95 -17.42 -1.80
C VAL A 216 -38.65 -16.94 -2.41
N GLU A 217 -38.06 -17.74 -3.29
CA GLU A 217 -36.82 -17.35 -3.96
C GLU A 217 -37.02 -16.10 -4.83
N ASP A 218 -38.26 -15.80 -5.19
CA ASP A 218 -38.55 -14.67 -6.07
C ASP A 218 -38.06 -13.34 -5.50
N PHE A 219 -38.28 -13.12 -4.21
CA PHE A 219 -37.97 -11.85 -3.53
C PHE A 219 -36.51 -11.65 -3.30
N PHE A 220 -35.69 -12.53 -3.89
CA PHE A 220 -34.25 -12.38 -3.90
C PHE A 220 -33.70 -12.37 -5.31
N GLU A 221 -34.55 -12.46 -6.32
CA GLU A 221 -34.17 -12.22 -7.70
C GLU A 221 -34.09 -10.71 -7.95
N GLY A 222 -33.23 -10.33 -8.89
CA GLY A 222 -33.03 -8.91 -9.15
C GLY A 222 -34.30 -8.21 -9.64
N GLU A 223 -35.05 -8.86 -10.53
CA GLU A 223 -36.15 -8.22 -11.22
C GLU A 223 -37.42 -8.09 -10.38
N PHE A 224 -37.45 -8.66 -9.20
CA PHE A 224 -38.64 -8.61 -8.36
C PHE A 224 -38.62 -7.44 -7.39
N PHE A 225 -37.62 -6.56 -7.52
CA PHE A 225 -37.53 -5.38 -6.66
C PHE A 225 -38.77 -4.51 -6.78
N ASN A 226 -39.36 -4.46 -7.97
CA ASN A 226 -40.39 -3.49 -8.29
C ASN A 226 -41.62 -3.62 -7.40
N PHE A 227 -41.79 -4.75 -6.74
CA PHE A 227 -42.91 -4.93 -5.82
C PHE A 227 -42.71 -4.16 -4.52
N VAL A 228 -41.45 -3.99 -4.09
CA VAL A 228 -41.18 -3.53 -2.74
C VAL A 228 -40.96 -2.01 -2.72
N LEU A 229 -41.22 -1.34 -3.85
CA LEU A 229 -41.07 0.11 -3.92
C LEU A 229 -42.15 0.84 -3.14
N THR A 230 -43.23 0.16 -2.78
CA THR A 230 -44.30 0.77 -1.98
C THR A 230 -44.33 0.12 -0.60
N GLN A 231 -45.07 0.76 0.30
CA GLN A 231 -45.30 0.17 1.62
C GLN A 231 -46.06 -1.13 1.50
N GLU A 232 -46.91 -1.27 0.48
CA GLU A 232 -47.65 -2.51 0.28
C GLU A 232 -46.71 -3.69 0.07
N GLY A 233 -45.68 -3.49 -0.73
CA GLY A 233 -44.67 -4.50 -0.97
C GLY A 233 -43.67 -4.67 0.14
N ILE A 234 -43.30 -3.56 0.79
CA ILE A 234 -42.35 -3.62 1.90
C ILE A 234 -42.95 -4.40 3.06
N ASP A 235 -44.23 -4.17 3.35
CA ASP A 235 -44.89 -4.90 4.43
C ASP A 235 -44.86 -6.40 4.20
N VAL A 236 -45.04 -6.83 2.94
CA VAL A 236 -44.98 -8.26 2.63
C VAL A 236 -43.54 -8.76 2.67
N TYR A 237 -42.60 -7.98 2.13
CA TYR A 237 -41.19 -8.39 2.15
C TYR A 237 -40.71 -8.59 3.58
N ASN A 238 -40.95 -7.60 4.44
CA ASN A 238 -40.53 -7.73 5.84
C ASN A 238 -41.16 -8.94 6.51
N ALA A 239 -42.35 -9.35 6.07
CA ALA A 239 -43.00 -10.51 6.65
C ALA A 239 -42.27 -11.80 6.30
N ILE A 240 -41.64 -11.86 5.13
CA ILE A 240 -40.86 -13.03 4.76
C ILE A 240 -39.67 -13.20 5.71
N ILE A 241 -39.09 -12.09 6.18
CA ILE A 241 -37.97 -12.17 7.11
C ILE A 241 -38.46 -12.45 8.52
N GLY A 242 -39.42 -11.65 9.01
CA GLY A 242 -39.80 -11.69 10.41
C GLY A 242 -41.04 -12.49 10.72
N GLY A 243 -41.93 -12.66 9.73
CA GLY A 243 -43.21 -13.26 9.98
C GLY A 243 -44.23 -12.24 10.43
N PHE A 244 -45.36 -12.74 10.92
CA PHE A 244 -46.46 -11.88 11.34
C PHE A 244 -47.38 -12.67 12.26
N VAL A 245 -48.46 -12.03 12.70
CA VAL A 245 -49.41 -12.60 13.64
C VAL A 245 -50.79 -12.57 13.01
N THR A 246 -51.50 -13.69 13.08
CA THR A 246 -52.82 -13.83 12.48
C THR A 246 -53.89 -13.30 13.43
N GLU A 247 -55.14 -13.65 13.15
CA GLU A 247 -56.22 -13.33 14.07
C GLU A 247 -56.14 -14.16 15.35
N SER A 248 -55.77 -15.42 15.23
CA SER A 248 -55.74 -16.36 16.34
C SER A 248 -54.50 -16.23 17.20
N GLY A 249 -53.51 -15.46 16.79
CA GLY A 249 -52.29 -15.32 17.56
C GLY A 249 -51.22 -16.32 17.22
N GLU A 250 -51.25 -16.90 16.03
CA GLU A 250 -50.23 -17.86 15.62
C GLU A 250 -49.00 -17.09 15.14
N LYS A 251 -47.85 -17.38 15.74
CA LYS A 251 -46.60 -16.74 15.35
C LYS A 251 -46.05 -17.48 14.14
N ILE A 252 -46.52 -17.07 12.95
CA ILE A 252 -45.91 -17.58 11.72
C ILE A 252 -44.46 -17.16 11.68
N LYS A 253 -43.56 -18.12 11.51
CA LYS A 253 -42.14 -17.83 11.55
C LYS A 253 -41.64 -17.34 10.20
N GLY A 254 -40.64 -16.46 10.25
CA GLY A 254 -39.98 -15.94 9.07
C GLY A 254 -38.59 -16.53 8.90
N LEU A 255 -37.97 -16.16 7.78
CA LEU A 255 -36.65 -16.70 7.47
C LEU A 255 -35.64 -16.35 8.55
N ASN A 256 -35.73 -15.15 9.13
CA ASN A 256 -34.83 -14.82 10.22
C ASN A 256 -35.12 -15.62 11.48
N GLU A 257 -36.36 -16.09 11.64
CA GLU A 257 -36.67 -16.95 12.77
C GLU A 257 -36.18 -18.38 12.54
N TYR A 258 -36.19 -18.85 11.29
CA TYR A 258 -35.73 -20.21 11.00
C TYR A 258 -34.21 -20.30 11.03
N ILE A 259 -33.53 -19.35 10.40
CA ILE A 259 -32.07 -19.31 10.45
C ILE A 259 -31.60 -19.28 11.91
N ASN A 260 -32.34 -18.58 12.77
CA ASN A 260 -32.00 -18.54 14.19
C ASN A 260 -32.10 -19.92 14.82
N LEU A 261 -33.18 -20.66 14.52
CA LEU A 261 -33.34 -22.00 15.07
C LEU A 261 -32.22 -22.94 14.61
N TYR A 262 -31.77 -22.79 13.36
CA TYR A 262 -30.70 -23.64 12.86
C TYR A 262 -29.37 -23.34 13.54
N ASN A 263 -29.08 -22.06 13.80
CA ASN A 263 -27.81 -21.68 14.41
C ASN A 263 -27.75 -21.99 15.90
N GLN A 264 -28.90 -22.24 16.53
CA GLN A 264 -28.95 -22.70 17.91
C GLN A 264 -28.92 -24.22 18.01
N LYS A 265 -29.20 -24.91 16.91
CA LYS A 265 -29.18 -26.37 16.86
C LYS A 265 -27.87 -26.92 16.31
N THR A 266 -27.21 -26.19 15.42
CA THR A 266 -25.91 -26.57 14.88
C THR A 266 -24.78 -25.69 15.38
N LYS A 267 -25.06 -24.76 16.29
CA LYS A 267 -24.03 -23.96 16.98
C LYS A 267 -23.17 -23.18 15.98
N GLN A 268 -23.83 -22.51 15.04
CA GLN A 268 -23.15 -21.71 14.02
C GLN A 268 -23.57 -20.25 14.15
N LYS A 269 -22.94 -19.40 13.31
CA LYS A 269 -23.25 -17.98 13.22
C LYS A 269 -23.55 -17.67 11.75
N LEU A 270 -24.70 -18.12 11.27
CA LEU A 270 -25.04 -17.77 9.91
C LEU A 270 -25.86 -16.48 9.88
N PRO A 271 -25.66 -15.64 8.88
CA PRO A 271 -26.26 -14.30 8.90
C PRO A 271 -27.77 -14.33 8.76
N LYS A 272 -28.41 -13.38 9.45
CA LYS A 272 -29.83 -13.11 9.32
C LYS A 272 -30.05 -11.91 8.40
N PHE A 273 -31.30 -11.71 8.01
CA PHE A 273 -31.64 -10.71 7.01
C PHE A 273 -31.86 -9.33 7.65
N LYS A 274 -31.68 -8.30 6.84
CA LYS A 274 -32.03 -6.93 7.21
C LYS A 274 -33.43 -6.61 6.69
N PRO A 275 -34.36 -6.21 7.55
CA PRO A 275 -35.65 -5.74 7.05
C PRO A 275 -35.48 -4.46 6.23
N LEU A 276 -36.52 -4.12 5.49
CA LEU A 276 -36.50 -2.94 4.64
C LEU A 276 -37.18 -1.77 5.32
N TYR A 277 -36.57 -0.59 5.18
CA TYR A 277 -37.12 0.63 5.75
C TYR A 277 -38.44 0.98 5.08
N LYS A 278 -39.29 1.70 5.80
CA LYS A 278 -40.58 2.12 5.27
C LYS A 278 -40.37 3.07 4.09
N GLN A 279 -41.42 3.25 3.30
CA GLN A 279 -41.38 4.18 2.19
C GLN A 279 -41.86 5.55 2.64
N VAL A 280 -41.27 6.59 2.04
CA VAL A 280 -41.54 7.96 2.48
C VAL A 280 -43.02 8.25 2.44
N LEU A 281 -43.50 8.96 3.47
CA LEU A 281 -44.87 9.46 3.58
C LEU A 281 -45.90 8.34 3.58
N SER A 282 -45.51 7.11 3.89
CA SER A 282 -46.48 6.02 3.91
C SER A 282 -47.21 6.03 5.23
N ASP A 283 -48.53 5.92 5.16
CA ASP A 283 -49.33 5.65 6.34
C ASP A 283 -49.45 4.13 6.40
N ARG A 284 -48.64 3.50 7.24
CA ARG A 284 -48.46 2.06 7.18
C ARG A 284 -49.28 1.42 8.30
N GLU A 285 -50.30 0.70 7.89
CA GLU A 285 -50.97 -0.23 8.78
C GLU A 285 -50.12 -1.50 8.85
N SER A 286 -49.94 -2.01 10.05
CA SER A 286 -49.12 -3.20 10.26
C SER A 286 -49.94 -4.46 10.04
N LEU A 287 -49.30 -5.45 9.41
CA LEU A 287 -50.01 -6.68 9.06
C LEU A 287 -50.41 -7.46 10.29
N SER A 288 -49.52 -7.53 11.29
CA SER A 288 -49.80 -8.29 12.50
C SER A 288 -51.05 -7.76 13.18
N PHE A 289 -51.89 -8.69 13.66
CA PHE A 289 -53.18 -8.32 14.23
C PHE A 289 -53.01 -7.95 15.69
N TYR A 290 -53.48 -6.76 16.06
CA TYR A 290 -53.45 -6.26 17.43
C TYR A 290 -54.71 -5.48 17.76
N GLY A 291 -55.19 -5.65 18.99
CA GLY A 291 -56.40 -4.98 19.42
C GLY A 291 -56.14 -3.51 19.72
N GLU A 292 -56.96 -2.65 19.14
CA GLU A 292 -56.74 -1.21 19.20
C GLU A 292 -56.88 -0.68 20.62
N GLY A 293 -56.05 0.32 20.95
CA GLY A 293 -56.06 0.88 22.28
C GLY A 293 -57.27 1.76 22.53
N TYR A 294 -57.57 1.94 23.82
CA TYR A 294 -58.70 2.76 24.26
C TYR A 294 -58.43 4.24 23.97
N THR A 295 -59.45 4.94 23.49
CA THR A 295 -59.28 6.35 23.13
C THR A 295 -59.15 7.26 24.36
N SER A 296 -59.96 7.03 25.39
CA SER A 296 -60.13 8.03 26.45
C SER A 296 -60.14 7.36 27.82
N ASP A 297 -60.06 8.21 28.86
CA ASP A 297 -60.07 7.75 30.24
C ASP A 297 -61.33 6.96 30.56
N GLU A 298 -62.48 7.42 30.08
CA GLU A 298 -63.75 6.79 30.43
C GLU A 298 -63.80 5.34 29.96
N GLU A 299 -63.31 5.08 28.76
CA GLU A 299 -63.32 3.72 28.22
C GLU A 299 -62.51 2.78 29.09
N VAL A 300 -61.28 3.19 29.43
CA VAL A 300 -60.41 2.37 30.28
C VAL A 300 -61.14 1.96 31.55
N LEU A 301 -61.82 2.92 32.19
CA LEU A 301 -62.56 2.61 33.41
C LEU A 301 -63.66 1.59 33.15
N GLU A 302 -64.53 1.87 32.16
CA GLU A 302 -65.66 0.99 31.94
C GLU A 302 -65.21 -0.43 31.63
N VAL A 303 -64.08 -0.58 30.94
CA VAL A 303 -63.50 -1.91 30.73
C VAL A 303 -62.98 -2.47 32.04
N PHE A 304 -62.28 -1.65 32.84
CA PHE A 304 -61.63 -2.14 34.05
C PHE A 304 -62.66 -2.68 35.04
N ARG A 305 -63.73 -1.94 35.26
CA ARG A 305 -64.77 -2.40 36.17
C ARG A 305 -65.46 -3.65 35.62
N ASN A 306 -65.95 -3.56 34.39
CA ASN A 306 -66.80 -4.60 33.84
C ASN A 306 -66.07 -5.92 33.63
N THR A 307 -64.83 -5.87 33.13
CA THR A 307 -64.09 -7.11 32.89
C THR A 307 -63.49 -7.71 34.16
N LEU A 308 -63.00 -6.90 35.08
CA LEU A 308 -62.23 -7.42 36.21
C LEU A 308 -63.03 -7.62 37.49
N ASN A 309 -64.30 -7.21 37.56
CA ASN A 309 -65.02 -7.37 38.82
C ASN A 309 -65.38 -8.84 39.06
N LYS A 310 -65.85 -9.12 40.28
CA LYS A 310 -66.22 -10.48 40.64
C LYS A 310 -67.31 -11.04 39.73
N ASN A 311 -68.25 -10.20 39.30
CA ASN A 311 -69.35 -10.68 38.45
C ASN A 311 -68.84 -11.23 37.11
N SER A 312 -67.85 -10.56 36.51
CA SER A 312 -67.40 -10.92 35.18
C SER A 312 -66.81 -12.33 35.13
N GLU A 313 -66.73 -12.86 33.90
CA GLU A 313 -66.22 -14.21 33.68
C GLU A 313 -64.79 -14.36 34.18
N ILE A 314 -63.98 -13.32 34.03
CA ILE A 314 -62.55 -13.38 34.36
C ILE A 314 -62.37 -13.84 35.79
N PHE A 315 -63.24 -13.36 36.69
CA PHE A 315 -63.26 -13.87 38.06
C PHE A 315 -63.89 -15.25 38.14
N SER A 316 -64.94 -15.49 37.36
CA SER A 316 -65.54 -16.81 37.33
C SER A 316 -64.55 -17.87 36.86
N SER A 317 -63.61 -17.46 36.00
CA SER A 317 -62.55 -18.39 35.60
C SER A 317 -61.68 -18.77 36.79
N ILE A 318 -61.32 -17.79 37.63
CA ILE A 318 -60.59 -18.09 38.86
C ILE A 318 -61.48 -18.85 39.84
N LYS A 319 -62.76 -18.46 39.92
CA LYS A 319 -63.66 -19.07 40.90
C LYS A 319 -63.83 -20.56 40.64
N LYS A 320 -63.89 -20.95 39.36
CA LYS A 320 -63.91 -22.36 39.00
C LYS A 320 -62.52 -22.99 39.09
N LEU A 321 -61.47 -22.22 38.73
CA LEU A 321 -60.12 -22.76 38.80
C LEU A 321 -59.74 -23.11 40.23
N GLU A 322 -60.22 -22.33 41.20
CA GLU A 322 -60.03 -22.69 42.60
C GLU A 322 -60.77 -23.98 42.93
N LYS A 323 -61.94 -24.17 42.33
CA LYS A 323 -62.71 -25.38 42.56
C LYS A 323 -61.99 -26.62 42.07
N LEU A 324 -61.23 -26.50 40.97
CA LEU A 324 -60.55 -27.65 40.41
C LEU A 324 -59.42 -28.13 41.32
N PHE A 325 -58.61 -27.19 41.80
CA PHE A 325 -57.50 -27.55 42.69
C PHE A 325 -57.99 -28.02 44.05
N LYS A 326 -59.16 -27.56 44.49
CA LYS A 326 -59.71 -28.05 45.75
C LYS A 326 -60.03 -29.54 45.65
N ASN A 327 -60.74 -29.93 44.58
CA ASN A 327 -61.09 -31.32 44.31
C ASN A 327 -59.98 -32.05 43.56
N PHE A 328 -58.76 -31.51 43.61
CA PHE A 328 -57.65 -32.02 42.81
C PHE A 328 -57.38 -33.50 43.04
N ASP A 329 -57.56 -33.97 44.28
CA ASP A 329 -57.19 -35.35 44.64
C ASP A 329 -58.02 -36.39 43.91
N GLU A 330 -59.19 -36.03 43.37
CA GLU A 330 -60.10 -37.00 42.80
C GLU A 330 -59.60 -37.55 41.46
N TYR A 331 -59.12 -36.67 40.60
CA TYR A 331 -58.74 -37.07 39.25
C TYR A 331 -57.46 -37.92 39.26
N SER A 332 -57.14 -38.45 38.10
CA SER A 332 -56.00 -39.37 37.98
C SER A 332 -54.70 -38.58 38.07
N SER A 333 -53.85 -38.94 39.03
CA SER A 333 -52.55 -38.30 39.15
C SER A 333 -51.63 -38.64 37.98
N ALA A 334 -52.00 -39.62 37.17
CA ALA A 334 -51.34 -39.84 35.89
C ALA A 334 -51.93 -38.97 34.78
N GLY A 335 -53.14 -38.44 34.97
CA GLY A 335 -53.78 -37.59 33.98
C GLY A 335 -53.34 -36.14 33.96
N ILE A 336 -52.82 -35.61 35.07
CA ILE A 336 -52.43 -34.21 35.19
C ILE A 336 -50.92 -34.11 35.03
N PHE A 337 -50.46 -33.08 34.31
CA PHE A 337 -49.05 -32.95 34.00
C PHE A 337 -48.61 -31.50 34.21
N VAL A 338 -47.37 -31.32 34.66
CA VAL A 338 -46.76 -30.02 34.85
C VAL A 338 -45.74 -29.81 33.74
N LYS A 339 -45.90 -28.73 32.97
CA LYS A 339 -45.02 -28.50 31.82
C LYS A 339 -43.57 -28.38 32.28
N ASN A 340 -42.65 -28.72 31.40
CA ASN A 340 -41.22 -28.55 31.63
C ASN A 340 -40.72 -27.28 30.98
N GLY A 341 -40.07 -26.43 31.78
CA GLY A 341 -39.34 -25.29 31.30
C GLY A 341 -38.31 -24.90 32.32
N PRO A 342 -37.53 -23.84 32.06
CA PRO A 342 -36.64 -23.33 33.11
C PRO A 342 -37.40 -22.78 34.31
N ALA A 343 -38.68 -22.43 34.13
CA ALA A 343 -39.51 -21.88 35.19
C ALA A 343 -40.05 -22.95 36.14
N ILE A 344 -39.59 -24.19 36.04
CA ILE A 344 -40.03 -25.23 36.97
C ILE A 344 -39.18 -25.26 38.24
N SER A 345 -37.97 -24.72 38.21
CA SER A 345 -37.17 -24.62 39.42
C SER A 345 -37.93 -23.88 40.52
N THR A 346 -38.72 -22.88 40.13
CA THR A 346 -39.61 -22.21 41.08
C THR A 346 -40.68 -23.17 41.60
N ILE A 347 -41.17 -24.06 40.74
CA ILE A 347 -42.25 -24.97 41.12
C ILE A 347 -41.78 -25.91 42.22
N SER A 348 -40.57 -26.44 42.08
CA SER A 348 -40.01 -27.32 43.08
C SER A 348 -39.95 -26.64 44.46
N LYS A 349 -39.76 -25.32 44.47
CA LYS A 349 -39.69 -24.60 45.73
C LYS A 349 -41.04 -24.51 46.41
N ASP A 350 -42.10 -24.28 45.63
CA ASP A 350 -43.40 -23.98 46.21
C ASP A 350 -43.98 -25.14 47.00
N ILE A 351 -43.57 -26.38 46.71
CA ILE A 351 -44.12 -27.54 47.42
C ILE A 351 -43.33 -27.83 48.69
N PHE A 352 -42.02 -28.07 48.54
CA PHE A 352 -41.19 -28.49 49.67
C PHE A 352 -40.09 -27.49 50.04
N GLY A 353 -39.91 -26.43 49.27
CA GLY A 353 -39.01 -25.35 49.65
C GLY A 353 -37.61 -25.37 49.08
N GLU A 354 -37.36 -26.09 47.99
CA GLU A 354 -36.04 -26.06 47.37
C GLU A 354 -36.16 -26.05 45.86
N TRP A 355 -35.27 -25.28 45.22
CA TRP A 355 -35.35 -25.02 43.79
C TRP A 355 -35.02 -26.26 42.96
N ASN A 356 -33.86 -26.88 43.23
CA ASN A 356 -33.26 -27.84 42.31
C ASN A 356 -33.57 -29.29 42.65
N VAL A 357 -34.49 -29.57 43.58
CA VAL A 357 -34.75 -30.94 43.96
C VAL A 357 -35.38 -31.74 42.82
N ILE A 358 -36.34 -31.14 42.10
CA ILE A 358 -36.97 -31.84 40.99
C ILE A 358 -35.95 -32.16 39.91
N ARG A 359 -35.03 -31.24 39.65
CA ARG A 359 -33.94 -31.54 38.71
C ARG A 359 -32.99 -32.58 39.28
N ASP A 360 -32.64 -32.46 40.55
CA ASP A 360 -31.73 -33.43 41.18
C ASP A 360 -32.39 -34.81 41.29
N LYS A 361 -33.67 -34.86 41.67
CA LYS A 361 -34.37 -36.14 41.77
C LYS A 361 -34.38 -36.86 40.43
N TRP A 362 -34.74 -36.17 39.36
CA TRP A 362 -34.75 -36.80 38.05
C TRP A 362 -33.34 -37.20 37.64
N ASN A 363 -32.35 -36.39 38.00
CA ASN A 363 -30.97 -36.70 37.63
C ASN A 363 -30.52 -38.02 38.24
N ALA A 364 -31.04 -38.37 39.41
CA ALA A 364 -30.72 -39.67 40.00
C ALA A 364 -31.30 -40.80 39.17
N GLU A 365 -32.46 -40.59 38.54
CA GLU A 365 -33.06 -41.62 37.69
C GLU A 365 -32.27 -41.82 36.40
N TYR A 366 -31.96 -40.73 35.70
CA TYR A 366 -31.23 -40.85 34.43
C TYR A 366 -29.83 -41.43 34.65
N ASP A 367 -29.21 -41.09 35.78
CA ASP A 367 -27.83 -41.51 36.02
C ASP A 367 -27.73 -43.03 36.18
N ASP A 368 -28.58 -43.62 37.03
CA ASP A 368 -28.38 -45.01 37.43
C ASP A 368 -28.35 -45.96 36.24
N ILE A 369 -29.24 -45.78 35.25
CA ILE A 369 -29.17 -46.59 34.03
C ILE A 369 -27.93 -46.24 33.22
N HIS A 370 -27.71 -44.95 33.00
CA HIS A 370 -26.68 -44.47 32.09
C HIS A 370 -25.50 -43.87 32.86
N LEU A 371 -25.15 -44.45 33.98
CA LEU A 371 -23.88 -44.21 34.64
C LEU A 371 -23.24 -45.57 34.84
N LYS A 372 -22.28 -45.93 34.00
CA LYS A 372 -21.53 -47.14 34.27
C LYS A 372 -20.51 -46.86 35.37
N LYS A 373 -20.25 -47.90 36.18
CA LYS A 373 -19.43 -47.72 37.38
C LYS A 373 -18.02 -47.21 37.08
N LYS A 374 -17.50 -47.46 35.88
CA LYS A 374 -16.14 -47.00 35.56
C LYS A 374 -16.01 -45.49 35.69
N ALA A 375 -17.03 -44.75 35.23
CA ALA A 375 -16.91 -43.31 35.08
C ALA A 375 -17.25 -42.53 36.35
N VAL A 376 -18.38 -42.87 36.98
CA VAL A 376 -18.99 -42.29 38.18
C VAL A 376 -19.58 -40.90 37.91
N VAL A 377 -18.87 -40.03 37.18
CA VAL A 377 -19.36 -38.71 36.77
C VAL A 377 -18.51 -38.10 35.67
N THR A 378 -18.52 -38.68 34.47
CA THR A 378 -17.78 -38.03 33.40
C THR A 378 -18.48 -36.73 33.02
N GLU A 379 -17.74 -35.86 32.34
CA GLU A 379 -18.35 -34.65 31.83
C GLU A 379 -19.46 -34.95 30.83
N LYS A 380 -19.31 -36.04 30.05
CA LYS A 380 -20.38 -36.44 29.14
C LYS A 380 -21.62 -36.95 29.88
N TYR A 381 -21.48 -37.57 31.05
CA TYR A 381 -22.69 -38.02 31.72
C TYR A 381 -23.40 -36.86 32.41
N GLU A 382 -22.65 -35.94 33.02
CA GLU A 382 -23.27 -34.77 33.62
C GLU A 382 -23.85 -33.85 32.55
N ASP A 383 -23.16 -33.69 31.43
CA ASP A 383 -23.64 -32.80 30.37
C ASP A 383 -24.80 -33.39 29.55
N ASP A 384 -24.93 -34.72 29.50
CA ASP A 384 -26.05 -35.32 28.79
C ASP A 384 -27.34 -35.24 29.59
N ARG A 385 -27.25 -35.26 30.92
CA ARG A 385 -28.44 -35.14 31.74
C ARG A 385 -29.12 -33.78 31.52
N ARG A 386 -28.35 -32.75 31.18
CA ARG A 386 -28.96 -31.47 30.85
C ARG A 386 -29.74 -31.57 29.54
N LYS A 387 -29.20 -32.32 28.57
CA LYS A 387 -29.91 -32.50 27.31
C LYS A 387 -31.25 -33.21 27.51
N SER A 388 -31.26 -34.25 28.35
CA SER A 388 -32.48 -35.02 28.56
C SER A 388 -33.50 -34.25 29.41
N PHE A 389 -33.05 -33.42 30.36
CA PHE A 389 -33.97 -32.82 31.31
C PHE A 389 -34.83 -31.71 30.70
N LYS A 390 -34.31 -31.00 29.69
CA LYS A 390 -35.15 -30.06 28.96
C LYS A 390 -35.88 -30.70 27.79
N LYS A 391 -35.35 -31.80 27.25
CA LYS A 391 -36.08 -32.50 26.19
C LYS A 391 -37.40 -33.06 26.71
N ILE A 392 -37.44 -33.41 28.00
CA ILE A 392 -38.69 -33.88 28.61
C ILE A 392 -39.74 -32.78 28.55
N GLY A 393 -40.91 -33.11 28.00
CA GLY A 393 -41.94 -32.12 27.79
C GLY A 393 -42.68 -31.71 29.05
N SER A 394 -42.95 -32.66 29.94
CA SER A 394 -43.74 -32.38 31.14
C SER A 394 -43.50 -33.49 32.15
N PHE A 395 -44.09 -33.33 33.33
CA PHE A 395 -44.07 -34.35 34.38
C PHE A 395 -45.49 -34.62 34.87
N SER A 396 -45.85 -35.90 34.94
CA SER A 396 -47.12 -36.30 35.53
C SER A 396 -47.11 -36.07 37.04
N LEU A 397 -48.30 -35.95 37.61
CA LEU A 397 -48.40 -35.78 39.06
C LEU A 397 -47.85 -36.97 39.83
N GLU A 398 -47.80 -38.16 39.23
CA GLU A 398 -47.31 -39.30 39.98
C GLU A 398 -45.79 -39.41 39.93
N GLN A 399 -45.16 -39.08 38.79
CA GLN A 399 -43.71 -39.01 38.80
C GLN A 399 -43.20 -37.94 39.75
N LEU A 400 -44.02 -36.93 40.06
CA LEU A 400 -43.67 -35.98 41.10
C LEU A 400 -44.03 -36.52 42.49
N GLN A 401 -45.13 -37.27 42.60
CA GLN A 401 -45.45 -37.92 43.86
C GLN A 401 -44.47 -39.05 44.18
N GLU A 402 -43.95 -39.72 43.15
CA GLU A 402 -42.93 -40.74 43.37
C GLU A 402 -41.64 -40.11 43.88
N TYR A 403 -41.27 -38.93 43.36
CA TYR A 403 -40.07 -38.28 43.84
C TYR A 403 -40.26 -37.79 45.27
N ALA A 404 -41.49 -37.42 45.64
CA ALA A 404 -41.73 -36.87 46.97
C ALA A 404 -41.59 -37.96 48.02
N ASP A 405 -40.84 -37.66 49.07
CA ASP A 405 -40.74 -38.54 50.22
C ASP A 405 -41.90 -38.30 51.18
N ALA A 406 -42.40 -39.39 51.77
CA ALA A 406 -43.49 -39.30 52.72
C ALA A 406 -43.05 -38.45 53.92
N ASP A 407 -44.00 -37.84 54.61
CA ASP A 407 -45.44 -37.95 54.37
C ASP A 407 -45.97 -36.90 53.38
N LEU A 408 -45.06 -36.13 52.79
CA LEU A 408 -45.41 -35.08 51.84
C LEU A 408 -46.17 -35.63 50.64
N SER A 409 -47.45 -35.26 50.53
CA SER A 409 -48.30 -35.60 49.39
C SER A 409 -48.40 -34.42 48.41
N VAL A 410 -47.83 -34.59 47.22
CA VAL A 410 -47.76 -33.51 46.22
C VAL A 410 -49.13 -32.92 45.94
N VAL A 411 -50.16 -33.78 45.83
CA VAL A 411 -51.47 -33.30 45.42
C VAL A 411 -52.12 -32.44 46.50
N GLU A 412 -51.73 -32.62 47.77
CA GLU A 412 -52.27 -31.77 48.83
C GLU A 412 -51.55 -30.42 48.87
N LYS A 413 -50.21 -30.44 48.80
CA LYS A 413 -49.46 -29.20 48.82
C LYS A 413 -49.73 -28.34 47.58
N LEU A 414 -50.17 -28.94 46.48
CA LEU A 414 -50.67 -28.16 45.36
C LEU A 414 -51.95 -27.43 45.74
N LYS A 415 -52.81 -28.06 46.53
CA LYS A 415 -54.03 -27.40 46.99
C LYS A 415 -53.70 -26.25 47.93
N GLU A 416 -52.61 -26.35 48.68
CA GLU A 416 -52.22 -25.28 49.59
C GLU A 416 -51.82 -24.03 48.82
N ILE A 417 -50.98 -24.17 47.80
CA ILE A 417 -50.43 -23.02 47.09
C ILE A 417 -51.54 -22.26 46.38
N ILE A 418 -52.39 -22.98 45.64
CA ILE A 418 -53.47 -22.33 44.90
C ILE A 418 -54.42 -21.62 45.86
N ILE A 419 -54.70 -22.24 47.00
CA ILE A 419 -55.52 -21.60 48.02
C ILE A 419 -54.83 -20.36 48.57
N GLN A 420 -53.49 -20.36 48.59
CA GLN A 420 -52.77 -19.19 49.06
C GLN A 420 -52.81 -18.06 48.05
N LYS A 421 -52.74 -18.37 46.75
CA LYS A 421 -52.63 -17.32 45.75
C LYS A 421 -53.97 -16.72 45.36
N VAL A 422 -55.06 -17.46 45.50
CA VAL A 422 -56.37 -16.88 45.20
C VAL A 422 -56.92 -16.09 46.38
N ASP A 423 -56.39 -16.31 47.58
CA ASP A 423 -56.75 -15.49 48.73
C ASP A 423 -56.15 -14.09 48.60
N GLU A 424 -54.91 -14.01 48.09
CA GLU A 424 -54.27 -12.73 47.85
C GLU A 424 -55.10 -11.84 46.92
N ILE A 425 -55.65 -12.43 45.86
CA ILE A 425 -56.37 -11.64 44.86
C ILE A 425 -57.67 -11.08 45.43
N TYR A 426 -58.35 -11.85 46.29
CA TYR A 426 -59.57 -11.35 46.92
C TYR A 426 -59.31 -10.20 47.87
N LYS A 427 -58.05 -10.00 48.29
CA LYS A 427 -57.69 -8.93 49.20
C LYS A 427 -57.23 -7.67 48.46
N VAL A 428 -56.63 -7.82 47.28
CA VAL A 428 -56.32 -6.66 46.45
C VAL A 428 -57.60 -5.94 46.03
N TYR A 429 -58.68 -6.69 45.80
CA TYR A 429 -59.95 -6.08 45.46
C TYR A 429 -60.47 -5.20 46.59
N GLY A 430 -60.20 -5.58 47.84
CA GLY A 430 -60.60 -4.76 48.97
C GLY A 430 -60.08 -3.34 48.89
N SER A 431 -58.83 -3.18 48.45
CA SER A 431 -58.29 -1.84 48.26
C SER A 431 -58.85 -1.20 47.00
N SER A 432 -59.07 -2.00 45.96
CA SER A 432 -59.49 -1.49 44.67
C SER A 432 -61.00 -1.42 44.51
N GLU A 433 -61.76 -1.66 45.59
CA GLU A 433 -63.22 -1.58 45.49
C GLU A 433 -63.64 -0.17 45.10
N LYS A 434 -62.84 0.83 45.46
CA LYS A 434 -63.15 2.21 45.13
C LYS A 434 -63.10 2.45 43.63
N LEU A 435 -62.40 1.59 42.87
CA LEU A 435 -62.35 1.68 41.42
C LEU A 435 -63.57 1.05 40.75
N PHE A 436 -64.21 0.08 41.39
CA PHE A 436 -65.26 -0.70 40.75
C PHE A 436 -66.65 -0.11 40.88
N ASP A 437 -66.87 0.79 41.83
CA ASP A 437 -68.21 1.31 42.08
C ASP A 437 -68.76 2.04 40.85
N ALA A 438 -70.08 1.98 40.69
CA ALA A 438 -70.71 2.63 39.56
C ALA A 438 -70.61 4.16 39.67
N ASP A 439 -70.52 4.67 40.89
CA ASP A 439 -70.56 6.10 41.17
C ASP A 439 -69.21 6.78 41.08
N PHE A 440 -68.12 6.02 41.24
CA PHE A 440 -66.79 6.61 41.36
C PHE A 440 -66.47 7.51 40.17
N VAL A 441 -65.93 8.69 40.47
CA VAL A 441 -65.56 9.68 39.47
C VAL A 441 -64.12 10.08 39.71
N LEU A 442 -63.32 10.01 38.66
CA LEU A 442 -61.88 10.25 38.75
C LEU A 442 -61.56 11.70 39.09
N GLU A 443 -60.63 11.89 40.04
CA GLU A 443 -60.25 13.23 40.46
C GLU A 443 -59.34 13.88 39.44
N LYS A 444 -58.30 13.17 39.02
CA LYS A 444 -57.31 13.68 38.07
C LYS A 444 -57.18 12.70 36.90
N SER A 445 -56.73 13.24 35.76
CA SER A 445 -56.55 12.44 34.56
C SER A 445 -55.69 11.21 34.85
N LEU A 446 -55.95 10.13 34.11
CA LEU A 446 -55.32 8.85 34.41
C LEU A 446 -53.79 8.96 34.40
N LYS A 447 -53.24 9.73 33.45
CA LYS A 447 -51.80 9.91 33.41
C LYS A 447 -51.33 10.78 34.57
N LYS A 448 -52.09 11.81 34.92
CA LYS A 448 -51.72 12.61 36.08
C LYS A 448 -52.06 11.92 37.39
N ASN A 449 -52.63 10.71 37.35
CA ASN A 449 -53.12 10.01 38.53
C ASN A 449 -52.29 8.76 38.75
N ASP A 450 -51.12 8.96 39.36
CA ASP A 450 -50.27 7.84 39.72
C ASP A 450 -50.90 6.97 40.80
N ALA A 451 -51.90 7.47 41.51
CA ALA A 451 -52.50 6.73 42.62
C ALA A 451 -53.52 5.72 42.15
N VAL A 452 -54.34 6.06 41.15
CA VAL A 452 -55.31 5.13 40.65
C VAL A 452 -54.65 4.06 39.78
N VAL A 453 -53.58 4.43 39.07
CA VAL A 453 -52.91 3.48 38.19
C VAL A 453 -52.22 2.39 38.99
N ALA A 454 -51.46 2.78 40.01
CA ALA A 454 -50.84 1.78 40.87
C ALA A 454 -51.86 0.82 41.46
N ILE A 455 -53.11 1.26 41.61
CA ILE A 455 -54.18 0.36 42.02
C ILE A 455 -54.50 -0.63 40.90
N MET A 456 -54.72 -0.12 39.68
CA MET A 456 -54.98 -1.03 38.56
C MET A 456 -53.79 -1.93 38.31
N LYS A 457 -52.58 -1.35 38.29
CA LYS A 457 -51.37 -2.13 38.07
C LYS A 457 -51.22 -3.22 39.13
N ASP A 458 -51.72 -2.98 40.35
CA ASP A 458 -51.60 -3.97 41.41
C ASP A 458 -52.62 -5.08 41.26
N LEU A 459 -53.83 -4.76 40.81
CA LEU A 459 -54.81 -5.80 40.54
C LEU A 459 -54.45 -6.58 39.29
N LEU A 460 -53.96 -5.89 38.26
CA LEU A 460 -53.60 -6.58 37.02
C LEU A 460 -52.39 -7.49 37.22
N ASP A 461 -51.39 -7.03 37.97
CA ASP A 461 -50.21 -7.87 38.22
C ASP A 461 -50.53 -9.05 39.12
N SER A 462 -51.55 -8.93 39.98
CA SER A 462 -51.93 -10.04 40.84
C SER A 462 -52.66 -11.12 40.03
N VAL A 463 -53.53 -10.71 39.11
CA VAL A 463 -54.19 -11.67 38.23
C VAL A 463 -53.19 -12.26 37.25
N LYS A 464 -52.21 -11.47 36.82
CA LYS A 464 -51.24 -11.96 35.86
C LYS A 464 -50.38 -13.08 36.46
N SER A 465 -50.01 -12.95 37.73
CA SER A 465 -49.13 -13.94 38.34
C SER A 465 -49.84 -15.26 38.57
N PHE A 466 -51.12 -15.22 38.96
CA PHE A 466 -51.87 -16.46 39.12
C PHE A 466 -52.05 -17.17 37.79
N GLU A 467 -52.38 -16.43 36.73
CA GLU A 467 -52.51 -17.04 35.40
C GLU A 467 -51.17 -17.54 34.89
N ASN A 468 -50.12 -16.73 35.02
CA ASN A 468 -48.80 -17.11 34.54
C ASN A 468 -48.29 -18.35 35.27
N TYR A 469 -48.70 -18.53 36.52
CA TYR A 469 -48.35 -19.74 37.26
C TYR A 469 -49.07 -20.96 36.68
N ILE A 470 -50.37 -20.86 36.45
CA ILE A 470 -51.19 -21.99 35.98
C ILE A 470 -50.84 -22.42 34.56
N LYS A 471 -50.28 -21.52 33.73
CA LYS A 471 -49.96 -21.88 32.35
C LYS A 471 -49.07 -23.12 32.27
N ALA A 472 -48.18 -23.28 33.26
CA ALA A 472 -47.27 -24.43 33.27
C ALA A 472 -48.02 -25.75 33.39
N PHE A 473 -49.23 -25.75 33.97
CA PHE A 473 -49.95 -27.00 34.15
C PHE A 473 -50.54 -27.56 32.87
N PHE A 474 -50.51 -26.83 31.76
CA PHE A 474 -51.03 -27.37 30.51
C PHE A 474 -50.22 -28.57 30.02
N GLY A 475 -48.90 -28.44 29.94
CA GLY A 475 -48.06 -29.54 29.51
C GLY A 475 -48.00 -29.80 28.01
N GLU A 476 -48.61 -28.92 27.20
CA GLU A 476 -48.53 -28.91 25.73
C GLU A 476 -48.83 -30.28 25.10
N GLY A 477 -49.63 -31.10 25.76
CA GLY A 477 -49.87 -32.47 25.30
C GLY A 477 -51.02 -32.57 24.31
N LYS A 478 -50.82 -33.37 23.25
CA LYS A 478 -49.66 -34.24 22.94
C LYS A 478 -49.23 -35.17 24.08
N GLU A 479 -50.21 -35.77 24.75
CA GLU A 479 -49.94 -36.64 25.88
C GLU A 479 -50.81 -37.87 25.79
N THR A 480 -50.26 -39.04 26.14
CA THR A 480 -50.93 -40.30 25.85
C THR A 480 -52.28 -40.38 26.53
N ASN A 481 -52.32 -40.13 27.84
CA ASN A 481 -53.57 -40.11 28.56
C ASN A 481 -53.64 -38.78 29.29
N ARG A 482 -54.79 -38.15 29.20
CA ARG A 482 -55.07 -36.89 29.87
C ARG A 482 -56.39 -37.12 30.58
N ASP A 483 -56.44 -36.77 31.85
CA ASP A 483 -57.70 -36.93 32.55
C ASP A 483 -58.66 -35.92 31.95
N GLU A 484 -59.06 -36.14 30.70
CA GLU A 484 -59.72 -35.11 29.91
C GLU A 484 -61.03 -34.67 30.54
N SER A 485 -61.53 -35.42 31.52
CA SER A 485 -62.55 -34.89 32.42
C SER A 485 -62.03 -33.68 33.17
N PHE A 486 -60.76 -33.71 33.59
CA PHE A 486 -60.15 -32.54 34.22
C PHE A 486 -59.89 -31.45 33.21
N TYR A 487 -59.07 -31.74 32.18
CA TYR A 487 -58.63 -30.68 31.26
C TYR A 487 -59.78 -30.07 30.47
N GLY A 488 -60.89 -30.78 30.31
CA GLY A 488 -62.05 -30.18 29.67
C GLY A 488 -62.52 -28.94 30.40
N ASP A 489 -62.73 -29.07 31.71
CA ASP A 489 -63.07 -27.90 32.53
C ASP A 489 -61.94 -26.88 32.56
N PHE A 490 -60.70 -27.36 32.69
CA PHE A 490 -59.55 -26.47 32.78
C PHE A 490 -59.44 -25.58 31.54
N VAL A 491 -59.45 -26.19 30.35
CA VAL A 491 -59.35 -25.42 29.11
C VAL A 491 -60.48 -24.41 29.02
N LEU A 492 -61.68 -24.75 29.50
CA LEU A 492 -62.80 -23.83 29.45
C LEU A 492 -62.51 -22.55 30.24
N ALA A 493 -61.96 -22.71 31.45
CA ALA A 493 -61.70 -21.55 32.30
C ALA A 493 -60.48 -20.77 31.82
N TYR A 494 -59.39 -21.47 31.49
CA TYR A 494 -58.13 -20.80 31.26
C TYR A 494 -58.16 -19.95 29.98
N ASP A 495 -58.86 -20.42 28.94
CA ASP A 495 -59.01 -19.60 27.75
C ASP A 495 -59.73 -18.31 28.04
N ILE A 496 -60.63 -18.30 29.03
CA ILE A 496 -61.33 -17.08 29.38
C ILE A 496 -60.48 -16.18 30.27
N LEU A 497 -59.66 -16.75 31.15
CA LEU A 497 -58.68 -15.96 31.88
C LEU A 497 -57.61 -15.39 30.96
N LEU A 498 -57.39 -16.02 29.80
CA LEU A 498 -56.45 -15.49 28.82
C LEU A 498 -56.90 -14.17 28.23
N LYS A 499 -58.15 -13.77 28.49
CA LYS A 499 -58.65 -12.50 27.98
C LYS A 499 -57.97 -11.31 28.64
N VAL A 500 -57.46 -11.48 29.87
CA VAL A 500 -56.79 -10.38 30.54
C VAL A 500 -55.51 -10.00 29.81
N ASP A 501 -54.93 -10.95 29.07
CA ASP A 501 -53.67 -10.70 28.39
C ASP A 501 -53.80 -9.56 27.40
N HIS A 502 -54.95 -9.46 26.74
CA HIS A 502 -55.18 -8.34 25.84
C HIS A 502 -55.49 -7.06 26.61
N ILE A 503 -56.10 -7.18 27.79
CA ILE A 503 -56.38 -6.01 28.62
C ILE A 503 -55.10 -5.47 29.23
N TYR A 504 -54.27 -6.35 29.80
CA TYR A 504 -52.96 -5.95 30.28
C TYR A 504 -52.17 -5.22 29.20
N ASP A 505 -52.32 -5.65 27.95
CA ASP A 505 -51.61 -5.01 26.85
C ASP A 505 -52.17 -3.62 26.57
N ALA A 506 -53.47 -3.53 26.33
CA ALA A 506 -54.05 -2.27 25.87
C ALA A 506 -54.10 -1.22 26.97
N ILE A 507 -54.29 -1.63 28.22
CA ILE A 507 -54.29 -0.66 29.32
C ILE A 507 -52.90 -0.06 29.50
N ARG A 508 -51.87 -0.91 29.52
CA ARG A 508 -50.50 -0.40 29.58
C ARG A 508 -50.25 0.61 28.49
N ASN A 509 -50.79 0.37 27.29
CA ASN A 509 -50.51 1.26 26.18
C ASN A 509 -51.28 2.57 26.29
N TYR A 510 -52.35 2.59 27.08
CA TYR A 510 -53.05 3.85 27.32
C TYR A 510 -52.39 4.63 28.46
N VAL A 511 -52.36 4.02 29.65
CA VAL A 511 -51.93 4.71 30.87
C VAL A 511 -50.53 5.29 30.71
N THR A 512 -49.64 4.58 30.04
CA THR A 512 -48.24 4.97 29.97
C THR A 512 -47.94 6.00 28.88
N GLN A 513 -48.96 6.54 28.22
CA GLN A 513 -48.72 7.51 27.17
C GLN A 513 -48.68 8.91 27.74
N LYS A 514 -47.77 9.73 27.23
CA LYS A 514 -47.56 11.06 27.77
C LYS A 514 -48.87 11.84 27.73
N PRO A 515 -49.20 12.59 28.79
CA PRO A 515 -50.50 13.25 28.84
C PRO A 515 -50.54 14.43 27.88
N TYR A 516 -51.75 14.95 27.70
CA TYR A 516 -51.97 16.05 26.77
C TYR A 516 -51.30 17.32 27.28
N SER A 517 -50.58 18.01 26.39
CA SER A 517 -49.99 19.30 26.68
C SER A 517 -50.15 20.20 25.45
N LYS A 518 -50.41 21.48 25.71
CA LYS A 518 -50.66 22.45 24.64
C LYS A 518 -49.33 23.04 24.17
N ASP A 519 -48.92 22.69 22.95
CA ASP A 519 -47.69 23.25 22.41
C ASP A 519 -47.85 24.75 22.18
N LYS A 520 -46.74 25.45 22.19
CA LYS A 520 -46.77 26.86 21.80
C LYS A 520 -47.17 26.96 20.33
N PHE A 521 -47.81 28.07 19.99
CA PHE A 521 -48.31 28.28 18.63
C PHE A 521 -47.76 29.57 18.04
N LYS A 522 -47.42 29.52 16.76
CA LYS A 522 -46.84 30.68 16.08
C LYS A 522 -47.86 31.80 15.97
N LEU A 523 -47.41 33.03 16.19
CA LEU A 523 -48.25 34.20 16.01
C LEU A 523 -48.07 34.74 14.60
N TYR A 524 -49.18 34.94 13.90
CA TYR A 524 -49.18 35.51 12.57
C TYR A 524 -49.72 36.94 12.49
N PHE A 525 -50.56 37.35 13.44
CA PHE A 525 -51.16 38.69 13.42
C PHE A 525 -51.82 38.98 12.08
N GLN A 526 -52.54 37.98 11.56
CA GLN A 526 -53.36 38.10 10.35
C GLN A 526 -52.52 38.32 9.10
N ASN A 527 -51.25 37.93 9.12
CA ASN A 527 -50.39 38.01 7.95
C ASN A 527 -49.71 36.67 7.75
N PRO A 528 -49.82 36.07 6.55
CA PRO A 528 -49.17 34.76 6.34
C PRO A 528 -47.65 34.81 6.42
N GLN A 529 -47.03 35.88 5.95
CA GLN A 529 -45.58 36.06 6.00
C GLN A 529 -45.13 36.95 7.15
N PHE A 530 -45.88 36.99 8.25
CA PHE A 530 -45.65 37.96 9.32
C PHE A 530 -44.21 37.95 9.82
N MET A 531 -43.58 39.14 9.80
CA MET A 531 -42.23 39.35 10.34
C MET A 531 -41.17 38.51 9.63
N GLY A 532 -41.36 38.26 8.33
CA GLY A 532 -40.43 37.43 7.60
C GLY A 532 -39.05 38.04 7.45
N GLY A 533 -38.98 39.36 7.31
CA GLY A 533 -37.72 40.05 7.12
C GLY A 533 -37.79 41.43 7.72
N TRP A 534 -36.63 42.08 7.80
CA TRP A 534 -36.52 43.35 8.49
C TRP A 534 -36.29 44.55 7.56
N ASP A 535 -36.26 44.34 6.23
CA ASP A 535 -35.95 45.45 5.34
C ASP A 535 -36.97 46.57 5.53
N LYS A 536 -36.47 47.81 5.58
CA LYS A 536 -37.37 48.94 5.80
C LYS A 536 -38.36 49.08 4.66
N ASP A 537 -37.98 48.70 3.44
CA ASP A 537 -38.90 48.74 2.32
C ASP A 537 -40.03 47.73 2.48
N LYS A 538 -39.88 46.76 3.39
CA LYS A 538 -40.91 45.77 3.63
C LYS A 538 -41.61 45.96 4.97
N GLU A 539 -41.29 47.03 5.72
CA GLU A 539 -41.88 47.21 7.04
C GLU A 539 -43.40 47.25 6.99
N THR A 540 -43.95 47.78 5.90
CA THR A 540 -45.39 47.75 5.71
C THR A 540 -45.86 46.35 5.33
N ASP A 541 -45.04 45.63 4.57
CA ASP A 541 -45.46 44.32 4.06
C ASP A 541 -45.51 43.27 5.16
N TYR A 542 -44.43 43.15 5.94
CA TYR A 542 -44.39 42.18 7.04
C TYR A 542 -45.13 42.70 8.28
N ARG A 543 -45.07 44.00 8.53
CA ARG A 543 -45.78 44.69 9.61
C ARG A 543 -45.17 44.46 10.99
N ALA A 544 -43.84 44.28 11.07
CA ALA A 544 -43.18 44.25 12.37
C ALA A 544 -41.74 44.75 12.22
N THR A 545 -41.27 45.52 13.21
CA THR A 545 -39.93 46.06 13.18
C THR A 545 -39.47 46.29 14.62
N ILE A 546 -38.17 46.59 14.79
CA ILE A 546 -37.53 46.67 16.09
C ILE A 546 -37.37 48.12 16.52
N LEU A 547 -37.44 48.34 17.84
CA LEU A 547 -37.27 49.66 18.43
C LEU A 547 -36.33 49.59 19.63
N ARG A 548 -35.60 50.68 19.86
CA ARG A 548 -34.58 50.75 20.90
C ARG A 548 -34.79 52.00 21.73
N TYR A 549 -34.73 51.85 23.06
CA TYR A 549 -34.82 52.99 23.99
C TYR A 549 -33.68 52.88 24.99
N GLY A 550 -32.47 53.14 24.52
CA GLY A 550 -31.29 53.00 25.35
C GLY A 550 -30.79 51.58 25.42
N SER A 551 -30.79 51.00 26.61
CA SER A 551 -30.30 49.63 26.81
C SER A 551 -31.39 48.58 26.59
N LYS A 552 -32.58 48.98 26.16
CA LYS A 552 -33.70 48.08 26.02
C LYS A 552 -34.20 48.07 24.58
N TYR A 553 -34.34 46.88 24.02
CA TYR A 553 -34.86 46.68 22.67
C TYR A 553 -36.28 46.14 22.74
N TYR A 554 -37.14 46.67 21.89
CA TYR A 554 -38.55 46.32 21.83
C TYR A 554 -38.88 45.78 20.45
N LEU A 555 -39.95 44.99 20.38
CA LEU A 555 -40.48 44.52 19.10
C LEU A 555 -41.85 45.16 18.88
N ALA A 556 -41.97 45.96 17.83
CA ALA A 556 -43.20 46.66 17.51
C ALA A 556 -43.90 45.94 16.36
N ILE A 557 -45.20 45.76 16.49
CA ILE A 557 -46.03 45.09 15.48
C ILE A 557 -47.20 46.00 15.16
N MET A 558 -47.47 46.20 13.87
CA MET A 558 -48.51 47.11 13.43
C MET A 558 -49.74 46.30 13.02
N ASP A 559 -50.90 46.70 13.52
CA ASP A 559 -52.13 45.97 13.23
C ASP A 559 -52.46 46.07 11.75
N LYS A 560 -53.16 45.04 11.25
CA LYS A 560 -53.51 44.98 9.84
C LYS A 560 -54.26 46.23 9.38
N LYS A 561 -55.05 46.84 10.27
CA LYS A 561 -55.82 48.03 9.92
C LYS A 561 -54.94 49.27 9.76
N TYR A 562 -53.77 49.30 10.41
CA TYR A 562 -52.91 50.48 10.40
C TYR A 562 -51.49 50.03 10.03
N ALA A 563 -51.30 49.71 8.74
CA ALA A 563 -50.03 49.14 8.32
C ALA A 563 -48.92 50.18 8.30
N LYS A 564 -49.25 51.42 7.93
CA LYS A 564 -48.27 52.49 7.77
C LYS A 564 -48.28 53.47 8.93
N CYS A 565 -48.56 53.00 10.15
CA CYS A 565 -48.65 53.92 11.28
C CYS A 565 -47.27 54.35 11.79
N LEU A 566 -46.25 53.53 11.61
CA LEU A 566 -44.92 53.87 12.08
C LEU A 566 -44.05 54.52 11.01
N GLN A 567 -44.64 54.90 9.88
CA GLN A 567 -43.92 55.58 8.81
C GLN A 567 -44.20 57.07 8.75
N LYS A 568 -45.37 57.50 9.24
CA LYS A 568 -45.71 58.91 9.31
C LYS A 568 -45.09 59.62 10.50
N ILE A 569 -44.37 58.88 11.36
CA ILE A 569 -43.80 59.45 12.58
C ILE A 569 -42.53 60.21 12.23
N ASP A 570 -42.25 61.27 12.98
CA ASP A 570 -41.05 62.07 12.79
C ASP A 570 -40.36 62.27 14.13
N LYS A 571 -39.22 62.97 14.08
CA LYS A 571 -38.45 63.27 15.27
C LYS A 571 -39.17 64.30 16.14
N ASP A 572 -39.05 64.15 17.45
CA ASP A 572 -39.48 65.16 18.41
C ASP A 572 -38.21 65.77 19.00
N ASP A 573 -38.00 67.06 18.75
CA ASP A 573 -36.75 67.70 19.14
C ASP A 573 -36.59 67.77 20.66
N VAL A 574 -37.64 68.09 21.39
CA VAL A 574 -37.56 68.33 22.82
C VAL A 574 -37.90 67.08 23.63
N ASN A 575 -38.94 66.35 23.26
CA ASN A 575 -39.47 65.29 24.10
C ASN A 575 -38.87 63.94 23.69
N GLY A 576 -39.11 62.93 24.51
CA GLY A 576 -38.45 61.65 24.32
C GLY A 576 -38.76 61.02 22.97
N ASN A 577 -37.78 60.26 22.47
CA ASN A 577 -37.85 59.65 21.15
C ASN A 577 -37.33 58.22 21.24
N TYR A 578 -37.81 57.36 20.35
CA TYR A 578 -37.25 56.03 20.17
C TYR A 578 -36.18 56.04 19.08
N GLU A 579 -35.32 55.02 19.13
CA GLU A 579 -34.39 54.74 18.04
C GLU A 579 -35.06 53.66 17.19
N LYS A 580 -35.41 54.02 15.96
CA LYS A 580 -36.12 53.10 15.09
C LYS A 580 -35.14 52.54 14.06
N ILE A 581 -35.26 51.24 13.78
CA ILE A 581 -34.30 50.58 12.91
C ILE A 581 -34.50 50.99 11.45
N ASN A 582 -33.41 50.93 10.68
CA ASN A 582 -33.41 51.18 9.24
C ASN A 582 -32.61 50.04 8.59
N TYR A 583 -33.21 48.86 8.62
CA TYR A 583 -32.53 47.65 8.15
C TYR A 583 -32.56 47.58 6.64
N LYS A 584 -31.44 47.16 6.05
CA LYS A 584 -31.31 47.08 4.59
C LYS A 584 -30.45 45.88 4.25
N LEU A 585 -30.98 44.97 3.43
CA LEU A 585 -30.30 43.71 3.13
C LEU A 585 -30.54 43.33 1.68
N LEU A 586 -29.51 42.79 1.04
CA LEU A 586 -29.55 42.35 -0.37
C LEU A 586 -29.30 40.85 -0.39
N PRO A 587 -30.33 40.03 -0.28
CA PRO A 587 -30.10 38.58 -0.20
C PRO A 587 -29.95 37.95 -1.57
N GLY A 588 -29.02 37.00 -1.65
CA GLY A 588 -28.83 36.21 -2.85
C GLY A 588 -28.42 37.01 -4.07
N PRO A 589 -27.19 37.54 -4.08
CA PRO A 589 -26.74 38.30 -5.26
C PRO A 589 -26.83 37.50 -6.54
N ASN A 590 -26.56 36.18 -6.49
CA ASN A 590 -26.69 35.35 -7.69
C ASN A 590 -28.15 35.19 -8.12
N LYS A 591 -29.10 35.47 -7.23
CA LYS A 591 -30.51 35.29 -7.56
C LYS A 591 -31.31 36.58 -7.49
N MET A 592 -30.70 37.71 -7.10
CA MET A 592 -31.42 38.97 -7.04
C MET A 592 -30.96 40.00 -8.05
N LEU A 593 -29.71 39.91 -8.53
CA LEU A 593 -29.22 40.78 -9.61
C LEU A 593 -29.76 40.37 -10.98
N PRO A 594 -29.85 39.07 -11.32
CA PRO A 594 -30.48 38.71 -12.59
C PRO A 594 -31.99 38.76 -12.49
N LYS A 595 -32.53 38.40 -11.32
CA LYS A 595 -33.98 38.42 -11.15
C LYS A 595 -34.54 39.81 -11.39
N VAL A 596 -33.80 40.84 -11.03
CA VAL A 596 -34.28 42.21 -11.19
C VAL A 596 -33.98 42.76 -12.58
N PHE A 597 -32.78 42.54 -13.09
CA PHE A 597 -32.37 43.19 -14.33
C PHE A 597 -32.81 42.44 -15.57
N PHE A 598 -33.33 41.22 -15.40
CA PHE A 598 -34.00 40.52 -16.48
C PHE A 598 -35.49 40.34 -16.17
N SER A 599 -36.02 41.08 -15.20
CA SER A 599 -37.44 40.99 -14.88
C SER A 599 -38.25 41.81 -15.90
N LYS A 600 -39.51 41.41 -16.07
CA LYS A 600 -40.38 42.09 -17.01
C LYS A 600 -40.50 43.59 -16.71
N LYS A 601 -40.56 43.97 -15.42
CA LYS A 601 -40.75 45.37 -15.08
C LYS A 601 -39.57 46.23 -15.52
N TRP A 602 -38.35 45.78 -15.24
CA TRP A 602 -37.14 46.56 -15.49
C TRP A 602 -36.34 46.08 -16.71
N MET A 603 -36.78 45.03 -17.40
CA MET A 603 -36.01 44.55 -18.55
C MET A 603 -35.97 45.59 -19.67
N ALA A 604 -37.05 46.36 -19.82
CA ALA A 604 -37.06 47.46 -20.77
C ALA A 604 -36.18 48.62 -20.30
N TYR A 605 -36.28 48.98 -19.01
CA TYR A 605 -35.61 50.16 -18.49
C TYR A 605 -34.09 50.05 -18.65
N TYR A 606 -33.52 48.91 -18.27
CA TYR A 606 -32.12 48.65 -18.53
C TYR A 606 -32.15 47.76 -19.74
N ASN A 607 -31.71 48.28 -20.87
CA ASN A 607 -31.76 47.49 -22.10
C ASN A 607 -30.47 46.70 -22.22
N PRO A 608 -30.42 45.46 -21.74
CA PRO A 608 -29.18 44.71 -21.84
C PRO A 608 -28.92 44.36 -23.30
N SER A 609 -27.67 44.56 -23.72
CA SER A 609 -27.31 44.19 -25.08
C SER A 609 -27.72 42.75 -25.35
N GLU A 610 -28.18 42.49 -26.57
CA GLU A 610 -28.56 41.13 -26.93
C GLU A 610 -27.41 40.16 -26.65
N ASP A 611 -26.18 40.68 -26.71
CA ASP A 611 -25.02 39.90 -26.30
C ASP A 611 -25.16 39.43 -24.86
N ILE A 612 -25.56 40.32 -23.95
CA ILE A 612 -25.75 39.96 -22.54
C ILE A 612 -26.71 38.79 -22.41
N GLN A 613 -27.96 38.98 -22.83
CA GLN A 613 -29.00 37.98 -22.61
C GLN A 613 -28.72 36.66 -23.30
N LYS A 614 -27.73 36.60 -24.19
CA LYS A 614 -27.26 35.33 -24.70
C LYS A 614 -26.06 34.79 -23.93
N ILE A 615 -25.46 35.62 -23.07
CA ILE A 615 -24.43 35.13 -22.16
C ILE A 615 -25.07 34.44 -20.96
N TYR A 616 -26.04 35.10 -20.33
CA TYR A 616 -26.77 34.50 -19.22
C TYR A 616 -27.50 33.23 -19.66
N LYS A 617 -28.03 33.22 -20.89
CA LYS A 617 -28.75 32.05 -21.38
C LYS A 617 -27.82 30.85 -21.55
N ASN A 618 -26.68 31.06 -22.21
CA ASN A 618 -25.71 29.99 -22.40
C ASN A 618 -24.91 29.70 -21.14
N GLY A 619 -24.96 30.57 -20.13
CA GLY A 619 -24.21 30.33 -18.91
C GLY A 619 -22.71 30.45 -19.07
N THR A 620 -22.24 31.30 -19.98
CA THR A 620 -20.81 31.43 -20.19
C THR A 620 -20.12 32.20 -19.07
N PHE A 621 -20.88 32.92 -18.25
CA PHE A 621 -20.31 33.57 -17.08
C PHE A 621 -19.93 32.57 -15.99
N LYS A 622 -20.52 31.39 -16.00
CA LYS A 622 -20.19 30.36 -15.02
C LYS A 622 -18.89 29.67 -15.40
N LYS A 623 -18.10 29.30 -14.39
CA LYS A 623 -16.89 28.55 -14.64
C LYS A 623 -17.23 27.14 -15.13
N GLY A 624 -16.35 26.58 -15.96
CA GLY A 624 -16.52 25.26 -16.51
C GLY A 624 -16.21 25.25 -17.99
N ASP A 625 -16.80 24.29 -18.70
CA ASP A 625 -16.59 24.17 -20.14
C ASP A 625 -17.35 25.23 -20.93
N MET A 626 -18.31 25.91 -20.33
CA MET A 626 -19.03 26.99 -21.01
C MET A 626 -18.39 28.35 -20.72
N PHE A 627 -17.36 28.36 -19.90
CA PHE A 627 -16.85 29.60 -19.30
C PHE A 627 -16.13 30.48 -20.31
N ASN A 628 -16.49 31.77 -20.30
CA ASN A 628 -15.80 32.82 -21.05
C ASN A 628 -15.47 33.96 -20.10
N LEU A 629 -14.26 34.50 -20.23
CA LEU A 629 -13.79 35.52 -19.30
C LEU A 629 -14.37 36.90 -19.63
N ASN A 630 -14.27 37.30 -20.90
CA ASN A 630 -14.77 38.62 -21.29
C ASN A 630 -16.28 38.71 -21.17
N ASP A 631 -17.00 37.62 -21.47
CA ASP A 631 -18.44 37.60 -21.25
C ASP A 631 -18.74 37.83 -19.77
N CYS A 632 -18.03 37.13 -18.89
CA CYS A 632 -18.18 37.37 -17.46
C CYS A 632 -17.88 38.83 -17.13
N HIS A 633 -16.76 39.36 -17.64
CA HIS A 633 -16.47 40.78 -17.48
C HIS A 633 -17.64 41.65 -17.94
N LYS A 634 -18.21 41.32 -19.10
CA LYS A 634 -19.30 42.15 -19.61
C LYS A 634 -20.56 41.98 -18.78
N LEU A 635 -20.86 40.76 -18.33
CA LEU A 635 -22.01 40.57 -17.45
C LEU A 635 -21.86 41.40 -16.18
N ILE A 636 -20.62 41.50 -15.68
CA ILE A 636 -20.36 42.29 -14.47
C ILE A 636 -20.66 43.76 -14.73
N ASP A 637 -20.18 44.29 -15.87
CA ASP A 637 -20.32 45.71 -16.14
C ASP A 637 -21.78 46.11 -16.37
N PHE A 638 -22.62 45.18 -16.85
CA PHE A 638 -24.05 45.49 -16.95
C PHE A 638 -24.70 45.54 -15.57
N PHE A 639 -24.36 44.59 -14.70
CA PHE A 639 -24.89 44.62 -13.34
C PHE A 639 -24.39 45.85 -12.58
N LYS A 640 -23.10 46.16 -12.72
CA LYS A 640 -22.55 47.34 -12.05
C LYS A 640 -23.28 48.60 -12.45
N ASP A 641 -23.36 48.86 -13.76
CA ASP A 641 -24.07 50.04 -14.27
C ASP A 641 -25.52 50.06 -13.83
N SER A 642 -26.19 48.90 -13.88
CA SER A 642 -27.61 48.86 -13.60
C SER A 642 -27.91 49.17 -12.14
N ILE A 643 -27.06 48.70 -11.22
CA ILE A 643 -27.26 49.02 -9.82
C ILE A 643 -27.15 50.52 -9.57
N SER A 644 -26.11 51.14 -10.15
CA SER A 644 -25.97 52.59 -10.04
C SER A 644 -27.20 53.32 -10.57
N ARG A 645 -27.91 52.70 -11.51
CA ARG A 645 -29.14 53.25 -12.06
C ARG A 645 -30.37 52.71 -11.34
N TYR A 646 -30.18 51.81 -10.36
CA TYR A 646 -31.26 51.33 -9.52
C TYR A 646 -31.30 52.12 -8.23
N PRO A 647 -32.38 52.84 -7.94
CA PRO A 647 -32.35 53.81 -6.83
C PRO A 647 -32.35 53.16 -5.46
N LYS A 648 -33.21 52.17 -5.24
CA LYS A 648 -33.37 51.63 -3.89
C LYS A 648 -32.21 50.76 -3.45
N TRP A 649 -31.28 50.45 -4.36
CA TRP A 649 -30.03 49.78 -4.02
C TRP A 649 -28.84 50.73 -3.95
N SER A 650 -28.75 51.64 -4.91
CA SER A 650 -27.59 52.54 -4.99
C SER A 650 -27.54 53.48 -3.81
N ASN A 651 -28.67 54.10 -3.46
CA ASN A 651 -28.69 55.01 -2.32
C ASN A 651 -28.52 54.25 -1.01
N ALA A 652 -29.17 53.10 -0.88
CA ALA A 652 -29.18 52.38 0.39
C ALA A 652 -27.79 51.88 0.77
N TYR A 653 -27.01 51.42 -0.19
CA TYR A 653 -25.70 50.86 0.07
C TYR A 653 -24.61 51.70 -0.58
N ASP A 654 -23.45 51.75 0.08
CA ASP A 654 -22.28 52.43 -0.45
C ASP A 654 -21.42 51.37 -1.13
N PHE A 655 -21.31 51.44 -2.45
CA PHE A 655 -20.78 50.35 -3.25
C PHE A 655 -19.38 50.69 -3.74
N ASN A 656 -18.42 49.82 -3.42
CA ASN A 656 -17.09 49.87 -3.99
C ASN A 656 -16.81 48.52 -4.63
N PHE A 657 -16.61 48.52 -5.95
CA PHE A 657 -16.29 47.31 -6.69
C PHE A 657 -14.89 47.48 -7.26
N SER A 658 -14.06 46.46 -7.08
CA SER A 658 -12.75 46.49 -7.70
C SER A 658 -12.90 46.43 -9.21
N GLU A 659 -11.86 46.86 -9.92
CA GLU A 659 -11.89 46.91 -11.37
C GLU A 659 -12.34 45.58 -11.96
N THR A 660 -13.36 45.64 -12.82
CA THR A 660 -13.93 44.42 -13.40
C THR A 660 -12.85 43.54 -14.01
N GLU A 661 -11.80 44.16 -14.57
CA GLU A 661 -10.67 43.42 -15.12
C GLU A 661 -9.87 42.66 -14.07
N LYS A 662 -10.25 42.74 -12.80
CA LYS A 662 -9.56 42.03 -11.73
C LYS A 662 -10.34 40.84 -11.20
N TYR A 663 -11.62 40.72 -11.55
CA TYR A 663 -12.42 39.55 -11.18
C TYR A 663 -11.96 38.33 -11.97
N LYS A 664 -11.77 37.21 -11.27
CA LYS A 664 -11.41 35.96 -11.93
C LYS A 664 -12.64 35.11 -12.28
N ASP A 665 -13.74 35.29 -11.55
CA ASP A 665 -14.99 34.62 -11.87
C ASP A 665 -16.14 35.54 -11.49
N ILE A 666 -17.35 35.13 -11.89
CA ILE A 666 -18.53 35.89 -11.51
C ILE A 666 -18.78 35.78 -10.00
N ALA A 667 -18.23 34.75 -9.35
CA ALA A 667 -18.43 34.59 -7.92
C ALA A 667 -17.74 35.70 -7.14
N GLY A 668 -16.55 36.12 -7.59
CA GLY A 668 -15.87 37.21 -6.92
C GLY A 668 -16.65 38.51 -6.93
N PHE A 669 -17.46 38.72 -7.98
CA PHE A 669 -18.29 39.93 -8.02
C PHE A 669 -19.47 39.82 -7.06
N TYR A 670 -20.27 38.75 -7.19
CA TYR A 670 -21.43 38.57 -6.32
C TYR A 670 -21.06 38.68 -4.85
N ARG A 671 -19.85 38.26 -4.49
CA ARG A 671 -19.39 38.36 -3.12
C ARG A 671 -19.28 39.80 -2.66
N GLU A 672 -18.74 40.68 -3.52
CA GLU A 672 -18.62 42.08 -3.12
C GLU A 672 -19.98 42.75 -2.97
N VAL A 673 -20.97 42.36 -3.77
CA VAL A 673 -22.32 42.85 -3.55
C VAL A 673 -22.84 42.36 -2.21
N GLU A 674 -22.67 41.07 -1.94
CA GLU A 674 -23.18 40.48 -0.70
C GLU A 674 -22.57 41.13 0.54
N GLU A 675 -21.26 41.38 0.51
CA GLU A 675 -20.59 41.95 1.69
C GLU A 675 -21.01 43.38 1.94
N GLN A 676 -21.28 44.15 0.88
CA GLN A 676 -21.68 45.54 1.01
C GLN A 676 -23.19 45.73 0.95
N GLY A 677 -23.94 44.72 0.52
CA GLY A 677 -25.38 44.80 0.53
C GLY A 677 -25.99 44.44 1.87
N TYR A 678 -25.51 45.07 2.93
CA TYR A 678 -26.11 44.93 4.25
C TYR A 678 -25.72 46.17 5.03
N LYS A 679 -26.72 46.92 5.51
CA LYS A 679 -26.47 48.14 6.25
C LYS A 679 -27.58 48.31 7.29
N VAL A 680 -27.19 48.47 8.55
CA VAL A 680 -28.13 48.66 9.64
C VAL A 680 -27.88 50.04 10.23
N SER A 681 -28.92 50.86 10.27
CA SER A 681 -28.83 52.20 10.87
C SER A 681 -30.09 52.45 11.67
N PHE A 682 -30.11 53.57 12.37
CA PHE A 682 -31.22 53.90 13.25
C PHE A 682 -31.69 55.34 13.03
N GLU A 683 -32.99 55.55 13.22
CA GLU A 683 -33.63 56.85 13.08
C GLU A 683 -34.33 57.21 14.38
N SER A 684 -34.72 58.48 14.49
CA SER A 684 -35.39 59.00 15.67
C SER A 684 -36.88 59.06 15.40
N ALA A 685 -37.68 58.49 16.31
CA ALA A 685 -39.13 58.51 16.21
C ALA A 685 -39.72 58.82 17.57
N SER A 686 -40.69 59.74 17.59
CA SER A 686 -41.18 60.29 18.85
C SER A 686 -41.74 59.20 19.76
N LYS A 687 -41.45 59.32 21.06
CA LYS A 687 -41.99 58.36 22.02
C LYS A 687 -43.46 58.62 22.33
N LYS A 688 -43.81 59.89 22.55
CA LYS A 688 -45.19 60.23 22.92
C LYS A 688 -46.18 59.86 21.82
N GLU A 689 -45.72 59.79 20.57
CA GLU A 689 -46.61 59.38 19.48
C GLU A 689 -46.66 57.86 19.38
N VAL A 690 -45.50 57.21 19.39
CA VAL A 690 -45.47 55.75 19.36
C VAL A 690 -46.24 55.18 20.54
N ASP A 691 -46.05 55.73 21.74
CA ASP A 691 -46.80 55.26 22.90
C ASP A 691 -48.29 55.49 22.72
N LYS A 692 -48.66 56.62 22.10
CA LYS A 692 -50.06 56.85 21.76
C LYS A 692 -50.55 55.81 20.76
N LEU A 693 -49.65 55.32 19.89
CA LEU A 693 -50.00 54.26 18.95
C LEU A 693 -50.21 52.92 19.64
N VAL A 694 -49.64 52.72 20.82
CA VAL A 694 -49.80 51.49 21.57
C VAL A 694 -51.08 51.50 22.42
N GLU A 695 -51.35 52.59 23.11
CA GLU A 695 -52.60 52.70 23.87
C GLU A 695 -53.81 52.66 22.95
N GLU A 696 -53.71 53.21 21.74
CA GLU A 696 -54.81 53.20 20.79
C GLU A 696 -55.01 51.83 20.14
N GLY A 697 -54.09 50.90 20.35
CA GLY A 697 -54.22 49.57 19.77
C GLY A 697 -53.91 49.47 18.30
N LYS A 698 -53.38 50.53 17.67
CA LYS A 698 -52.95 50.44 16.29
C LYS A 698 -51.57 49.82 16.14
N LEU A 699 -50.82 49.69 17.24
CA LEU A 699 -49.48 49.12 17.23
C LEU A 699 -49.31 48.27 18.47
N TYR A 700 -48.80 47.05 18.30
CA TYR A 700 -48.48 46.17 19.41
C TYR A 700 -46.96 46.18 19.62
N MET A 701 -46.54 46.09 20.88
CA MET A 701 -45.14 46.35 21.22
C MET A 701 -44.74 45.51 22.43
N PHE A 702 -43.71 44.68 22.26
CA PHE A 702 -43.15 43.87 23.34
C PHE A 702 -41.70 44.24 23.56
N GLN A 703 -41.23 44.09 24.81
CA GLN A 703 -39.82 44.23 25.11
C GLN A 703 -39.08 42.92 24.85
N ILE A 704 -37.95 43.01 24.18
CA ILE A 704 -37.04 41.87 24.02
C ILE A 704 -36.19 41.75 25.27
N TYR A 705 -36.16 40.55 25.87
CA TYR A 705 -35.69 40.41 27.25
C TYR A 705 -35.15 39.02 27.52
N ASN A 706 -34.08 38.97 28.33
CA ASN A 706 -33.69 37.81 29.12
C ASN A 706 -33.07 38.33 30.41
N LYS A 707 -32.71 37.42 31.33
CA LYS A 707 -32.34 37.87 32.68
C LYS A 707 -31.08 38.72 32.72
N ASP A 708 -30.31 38.78 31.63
CA ASP A 708 -29.18 39.70 31.60
C ASP A 708 -29.66 41.13 31.44
N PHE A 709 -30.83 41.33 30.81
CA PHE A 709 -31.37 42.67 30.59
C PHE A 709 -31.99 43.26 31.84
N SER A 710 -32.00 42.55 32.96
CA SER A 710 -32.58 43.07 34.18
C SER A 710 -31.67 44.13 34.79
N ASP A 711 -32.29 45.13 35.43
CA ASP A 711 -31.54 46.16 36.14
C ASP A 711 -30.96 45.68 37.45
N LYS A 712 -31.21 44.42 37.82
CA LYS A 712 -30.68 43.85 39.04
C LYS A 712 -29.50 42.93 38.78
N SER A 713 -29.19 42.68 37.51
CA SER A 713 -28.10 41.79 37.10
C SER A 713 -26.81 42.58 36.98
N HIS A 714 -25.78 42.15 37.70
CA HIS A 714 -24.47 42.78 37.64
C HIS A 714 -23.39 41.79 37.21
N GLY A 715 -23.79 40.60 36.74
CA GLY A 715 -22.87 39.54 36.43
C GLY A 715 -22.66 39.37 34.93
N THR A 716 -21.73 38.48 34.59
CA THR A 716 -21.32 38.30 33.21
C THR A 716 -22.47 37.81 32.35
N PRO A 717 -22.72 38.43 31.20
CA PRO A 717 -23.90 38.07 30.40
C PRO A 717 -23.77 36.69 29.78
N ASN A 718 -24.93 36.15 29.41
CA ASN A 718 -24.94 34.93 28.61
C ASN A 718 -24.32 35.20 27.26
N LEU A 719 -23.72 34.14 26.67
CA LEU A 719 -23.00 34.31 25.42
C LEU A 719 -23.90 34.89 24.32
N HIS A 720 -25.14 34.39 24.21
CA HIS A 720 -26.04 34.91 23.19
C HIS A 720 -26.47 36.35 23.48
N THR A 721 -26.54 36.73 24.76
CA THR A 721 -26.83 38.13 25.07
C THR A 721 -25.76 39.04 24.52
N MET A 722 -24.51 38.57 24.49
CA MET A 722 -23.45 39.36 23.87
C MET A 722 -23.68 39.50 22.38
N TYR A 723 -24.05 38.41 21.71
CA TYR A 723 -24.33 38.48 20.27
C TYR A 723 -25.35 39.56 19.97
N PHE A 724 -26.47 39.56 20.69
CA PHE A 724 -27.54 40.52 20.45
C PHE A 724 -27.01 41.95 20.48
N LYS A 725 -26.17 42.26 21.47
CA LYS A 725 -25.67 43.63 21.60
C LYS A 725 -24.76 44.02 20.45
N LEU A 726 -23.95 43.07 19.96
CA LEU A 726 -23.05 43.39 18.87
C LEU A 726 -23.78 43.62 17.55
N LEU A 727 -24.99 43.06 17.39
CA LEU A 727 -25.72 43.21 16.14
C LEU A 727 -25.89 44.67 15.77
N PHE A 728 -26.13 45.52 16.76
CA PHE A 728 -26.40 46.94 16.56
C PHE A 728 -25.27 47.84 17.05
N ASP A 729 -24.24 47.27 17.66
CA ASP A 729 -23.07 48.05 18.06
C ASP A 729 -22.32 48.46 16.80
N GLU A 730 -21.87 49.71 16.77
CA GLU A 730 -21.23 50.27 15.58
C GLU A 730 -19.79 49.78 15.38
N ASN A 731 -19.28 48.91 16.24
CA ASN A 731 -18.00 48.24 16.00
C ASN A 731 -18.15 46.90 15.30
N ASN A 732 -19.38 46.48 15.00
CA ASN A 732 -19.64 45.24 14.26
C ASN A 732 -19.65 45.58 12.78
N HIS A 733 -18.49 45.41 12.12
CA HIS A 733 -18.38 45.65 10.70
C HIS A 733 -18.81 44.40 9.92
N GLY A 734 -20.03 43.94 10.19
CA GLY A 734 -20.59 42.82 9.48
C GLY A 734 -20.25 41.44 9.99
N GLN A 735 -19.57 41.32 11.14
CA GLN A 735 -19.25 39.99 11.66
C GLN A 735 -20.51 39.19 11.96
N ILE A 736 -21.47 39.79 12.67
CA ILE A 736 -22.71 39.13 13.02
C ILE A 736 -23.85 39.93 12.41
N ARG A 737 -24.62 39.30 11.54
CA ARG A 737 -25.70 39.93 10.81
C ARG A 737 -27.03 39.60 11.44
N LEU A 738 -28.00 40.51 11.30
CA LEU A 738 -29.36 40.24 11.71
C LEU A 738 -30.10 39.64 10.52
N SER A 739 -30.35 38.34 10.57
CA SER A 739 -31.01 37.66 9.46
C SER A 739 -32.52 37.69 9.64
N GLY A 740 -33.21 37.44 8.53
CA GLY A 740 -34.65 37.38 8.54
C GLY A 740 -35.16 36.06 9.09
N GLY A 741 -36.46 35.86 8.95
CA GLY A 741 -37.08 34.61 9.34
C GLY A 741 -37.36 34.49 10.81
N ALA A 742 -37.50 35.61 11.52
CA ALA A 742 -37.84 35.53 12.93
C ALA A 742 -39.26 35.03 13.10
N GLU A 743 -39.52 34.42 14.26
CA GLU A 743 -40.85 33.91 14.58
C GLU A 743 -41.22 34.32 16.00
N LEU A 744 -42.51 34.36 16.27
CA LEU A 744 -43.04 34.79 17.57
C LEU A 744 -44.10 33.80 18.00
N PHE A 745 -43.83 33.06 19.08
CA PHE A 745 -44.71 32.01 19.56
C PHE A 745 -45.39 32.46 20.84
N MET A 746 -46.45 31.72 21.21
CA MET A 746 -47.13 31.94 22.47
C MET A 746 -47.26 30.60 23.17
N ARG A 747 -46.69 30.50 24.37
CA ARG A 747 -46.66 29.27 25.15
C ARG A 747 -47.50 29.51 26.40
N ARG A 748 -48.73 28.97 26.39
CA ARG A 748 -49.60 29.12 27.54
C ARG A 748 -49.00 28.43 28.75
N ALA A 749 -49.38 28.92 29.93
CA ALA A 749 -48.90 28.31 31.16
C ALA A 749 -49.28 26.85 31.20
N SER A 750 -48.39 26.03 31.76
CA SER A 750 -48.61 24.61 31.90
C SER A 750 -48.72 24.18 33.35
N LEU A 751 -48.43 25.07 34.30
CA LEU A 751 -48.53 24.78 35.72
C LEU A 751 -49.33 25.88 36.39
N LYS A 752 -49.88 25.54 37.56
CA LYS A 752 -50.67 26.47 38.35
C LYS A 752 -49.82 27.07 39.47
N LYS A 753 -50.00 28.37 39.70
CA LYS A 753 -49.22 29.07 40.71
C LYS A 753 -49.38 28.43 42.08
N GLU A 754 -50.61 28.02 42.42
CA GLU A 754 -50.89 27.43 43.72
C GLU A 754 -50.19 26.09 43.92
N GLU A 755 -49.83 25.41 42.83
CA GLU A 755 -49.25 24.07 42.86
C GLU A 755 -47.74 24.07 43.03
N LEU A 756 -47.07 25.22 42.91
CA LEU A 756 -45.63 25.25 42.78
C LEU A 756 -44.94 24.97 44.11
N VAL A 757 -43.71 24.47 44.02
CA VAL A 757 -42.81 24.36 45.17
C VAL A 757 -42.25 25.74 45.48
N VAL A 758 -42.54 26.26 46.67
CA VAL A 758 -42.19 27.62 47.04
C VAL A 758 -41.29 27.58 48.27
N HIS A 759 -40.26 28.41 48.28
CA HIS A 759 -39.46 28.59 49.48
C HIS A 759 -39.87 29.91 50.10
N PRO A 760 -40.61 29.91 51.21
CA PRO A 760 -41.19 31.16 51.71
C PRO A 760 -40.16 32.17 52.17
N ALA A 761 -40.49 33.44 51.98
CA ALA A 761 -39.58 34.54 52.28
C ALA A 761 -39.31 34.62 53.77
N ASN A 762 -38.11 35.09 54.10
CA ASN A 762 -37.63 35.25 55.47
C ASN A 762 -37.57 33.94 56.24
N SER A 763 -37.83 32.83 55.56
CA SER A 763 -37.61 31.55 56.20
C SER A 763 -36.35 30.94 55.62
N PRO A 764 -35.44 30.41 56.42
CA PRO A 764 -34.14 30.01 55.89
C PRO A 764 -34.23 28.84 54.92
N ILE A 765 -33.49 28.95 53.82
CA ILE A 765 -33.36 27.90 52.81
C ILE A 765 -31.97 27.31 52.95
N ALA A 766 -31.85 26.00 52.77
CA ALA A 766 -30.58 25.31 52.97
C ALA A 766 -29.82 25.18 51.65
N ASN A 767 -28.51 25.44 51.72
CA ASN A 767 -27.65 25.41 50.55
C ASN A 767 -27.03 24.01 50.39
N LYS A 768 -27.09 23.49 49.17
CA LYS A 768 -26.75 22.09 48.90
C LYS A 768 -25.26 21.83 48.79
N ASN A 769 -24.47 22.82 48.39
CA ASN A 769 -23.03 22.61 48.23
C ASN A 769 -22.38 22.42 49.59
N PRO A 770 -21.72 21.29 49.84
CA PRO A 770 -21.00 21.13 51.12
C PRO A 770 -19.73 21.95 51.19
N ASP A 771 -19.22 22.42 50.06
CA ASP A 771 -18.05 23.28 50.09
C ASP A 771 -18.40 24.73 50.37
N ASN A 772 -19.61 25.17 49.97
CA ASN A 772 -20.09 26.52 50.25
C ASN A 772 -20.15 26.75 51.76
N PRO A 773 -19.33 27.67 52.29
CA PRO A 773 -19.32 27.90 53.73
C PRO A 773 -20.49 28.71 54.26
N LYS A 774 -21.48 29.01 53.42
CA LYS A 774 -22.71 29.69 53.84
C LYS A 774 -23.86 28.73 53.56
N LYS A 775 -24.26 27.98 54.57
CA LYS A 775 -25.22 26.89 54.41
C LYS A 775 -26.66 27.33 54.46
N THR A 776 -26.93 28.65 54.45
CA THR A 776 -28.29 29.14 54.54
C THR A 776 -28.40 30.46 53.78
N THR A 777 -29.52 30.62 53.08
CA THR A 777 -29.90 31.89 52.47
C THR A 777 -31.25 32.28 53.01
N THR A 778 -31.40 33.54 53.42
CA THR A 778 -32.65 34.05 53.96
C THR A 778 -33.06 35.22 53.05
N LEU A 779 -33.93 34.93 52.10
CA LEU A 779 -34.34 35.92 51.12
C LEU A 779 -35.65 36.58 51.57
N SER A 780 -35.82 37.84 51.15
CA SER A 780 -37.02 38.59 51.47
C SER A 780 -38.08 38.49 50.39
N TYR A 781 -38.06 37.42 49.60
CA TYR A 781 -39.00 37.25 48.51
C TYR A 781 -39.09 35.78 48.15
N ASP A 782 -40.22 35.41 47.54
CA ASP A 782 -40.53 34.00 47.32
C ASP A 782 -39.77 33.44 46.12
N VAL A 783 -39.38 32.18 46.25
CA VAL A 783 -38.71 31.44 45.19
C VAL A 783 -39.68 30.34 44.74
N TYR A 784 -40.34 30.56 43.62
CA TYR A 784 -41.20 29.54 43.04
C TYR A 784 -40.38 28.72 42.05
N LYS A 785 -40.59 27.41 42.07
CA LYS A 785 -39.88 26.55 41.13
C LYS A 785 -40.64 26.47 39.82
N ASP A 786 -39.92 26.56 38.71
CA ASP A 786 -40.50 26.51 37.38
C ASP A 786 -41.54 27.60 37.16
N LYS A 787 -41.29 28.77 37.76
CA LYS A 787 -42.20 29.91 37.63
C LYS A 787 -42.36 30.34 36.18
N ARG A 788 -41.36 30.10 35.34
CA ARG A 788 -41.46 30.47 33.93
C ARG A 788 -42.58 29.72 33.21
N PHE A 789 -43.03 28.59 33.76
CA PHE A 789 -44.17 27.87 33.19
C PHE A 789 -45.45 28.11 33.97
N SER A 790 -45.42 29.00 34.95
CA SER A 790 -46.60 29.31 35.76
C SER A 790 -47.40 30.48 35.19
N GLU A 791 -46.86 31.18 34.21
CA GLU A 791 -47.54 32.29 33.56
C GLU A 791 -47.38 32.14 32.05
N ASP A 792 -48.23 32.83 31.30
CA ASP A 792 -48.11 32.80 29.84
C ASP A 792 -46.90 33.60 29.41
N GLN A 793 -46.27 33.16 28.32
CA GLN A 793 -45.00 33.74 27.90
C GLN A 793 -44.94 33.85 26.38
N TYR A 794 -44.57 35.04 25.90
CA TYR A 794 -44.26 35.23 24.50
C TYR A 794 -42.83 34.81 24.21
N GLU A 795 -42.62 34.28 23.00
CA GLU A 795 -41.31 33.78 22.59
C GLU A 795 -40.91 34.45 21.27
N LEU A 796 -39.65 34.83 21.17
CA LEU A 796 -39.12 35.45 19.95
C LEU A 796 -37.84 34.73 19.56
N HIS A 797 -37.85 34.13 18.37
CA HIS A 797 -36.67 33.41 17.85
C HIS A 797 -36.11 34.22 16.69
N ILE A 798 -34.92 34.77 16.88
CA ILE A 798 -34.27 35.66 15.91
C ILE A 798 -33.05 34.94 15.35
N PRO A 799 -33.07 34.51 14.09
CA PRO A 799 -31.86 33.94 13.50
C PRO A 799 -30.81 35.02 13.23
N ILE A 800 -29.56 34.65 13.44
CA ILE A 800 -28.42 35.51 13.12
C ILE A 800 -27.47 34.73 12.24
N ALA A 801 -26.67 35.46 11.46
CA ALA A 801 -25.68 34.88 10.57
C ALA A 801 -24.30 35.41 10.93
N ILE A 802 -23.39 34.49 11.26
CA ILE A 802 -22.03 34.83 11.67
C ILE A 802 -21.09 34.60 10.49
N ASN A 803 -20.32 35.64 10.15
CA ASN A 803 -19.31 35.58 9.08
C ASN A 803 -19.95 35.27 7.72
N LYS A 804 -21.06 35.95 7.42
CA LYS A 804 -21.69 35.79 6.12
C LYS A 804 -20.73 36.08 4.97
N CYS A 805 -19.68 36.87 5.21
CA CYS A 805 -18.67 37.20 4.20
C CYS A 805 -17.32 36.76 4.75
N PRO A 806 -16.91 35.52 4.49
CA PRO A 806 -15.65 35.00 5.05
C PRO A 806 -14.44 35.57 4.32
N LYS A 807 -13.58 36.28 5.06
CA LYS A 807 -12.31 36.76 4.48
C LYS A 807 -11.32 35.62 4.33
N ASN A 808 -10.94 34.99 5.44
CA ASN A 808 -9.91 33.95 5.44
C ASN A 808 -10.45 32.69 4.78
N ILE A 809 -9.99 32.42 3.57
CA ILE A 809 -10.39 31.23 2.84
C ILE A 809 -9.16 30.36 2.65
N PHE A 810 -9.13 29.22 3.34
CA PHE A 810 -8.15 28.17 3.10
C PHE A 810 -8.68 26.88 3.70
N LYS A 811 -7.99 25.79 3.40
CA LYS A 811 -8.32 24.51 4.02
C LYS A 811 -7.87 24.50 5.48
N ILE A 812 -8.74 24.00 6.35
CA ILE A 812 -8.48 24.10 7.78
C ILE A 812 -7.63 22.93 8.27
N ASN A 813 -7.98 21.71 7.85
CA ASN A 813 -7.12 20.58 8.17
C ASN A 813 -5.72 20.77 7.60
N THR A 814 -5.61 21.47 6.47
CA THR A 814 -4.29 21.76 5.92
C THR A 814 -3.56 22.81 6.76
N GLU A 815 -4.26 23.89 7.11
CA GLU A 815 -3.64 24.95 7.92
C GLU A 815 -3.26 24.45 9.30
N VAL A 816 -4.03 23.52 9.87
CA VAL A 816 -3.64 22.92 11.15
C VAL A 816 -2.34 22.15 11.00
N ARG A 817 -2.20 21.40 9.90
CA ARG A 817 -0.97 20.66 9.65
C ARG A 817 0.20 21.60 9.43
N VAL A 818 -0.04 22.74 8.77
CA VAL A 818 1.06 23.68 8.51
C VAL A 818 1.66 24.19 9.81
N LEU A 819 0.80 24.59 10.76
CA LEU A 819 1.29 25.12 12.02
C LEU A 819 1.78 24.05 12.99
N LEU A 820 1.40 22.79 12.78
CA LEU A 820 2.02 21.72 13.56
C LEU A 820 3.43 21.41 13.06
N LYS A 821 3.67 21.54 11.75
CA LYS A 821 5.00 21.28 11.23
C LYS A 821 6.02 22.29 11.76
N HIS A 822 5.55 23.44 12.24
CA HIS A 822 6.44 24.51 12.67
C HIS A 822 6.37 24.84 14.16
N ASP A 823 5.46 24.23 14.91
CA ASP A 823 5.42 24.45 16.35
C ASP A 823 6.54 23.69 17.03
N ASP A 824 7.29 24.39 17.89
CA ASP A 824 8.45 23.77 18.53
C ASP A 824 8.04 22.85 19.68
N ASN A 825 7.10 23.28 20.52
CA ASN A 825 6.57 22.45 21.60
C ASN A 825 5.05 22.41 21.44
N PRO A 826 4.54 21.59 20.51
CA PRO A 826 3.09 21.45 20.37
C PRO A 826 2.53 20.57 21.47
N TYR A 827 1.24 20.77 21.73
CA TYR A 827 0.54 20.06 22.79
C TYR A 827 -0.60 19.25 22.19
N VAL A 828 -0.92 18.14 22.83
CA VAL A 828 -2.01 17.27 22.39
C VAL A 828 -2.87 16.94 23.59
N ILE A 829 -4.18 17.05 23.43
CA ILE A 829 -5.16 16.64 24.45
C ILE A 829 -5.65 15.24 24.09
N GLY A 830 -5.65 14.34 25.06
CA GLY A 830 -6.16 13.00 24.87
C GLY A 830 -7.42 12.79 25.73
N ILE A 831 -8.48 12.36 25.06
CA ILE A 831 -9.81 12.19 25.67
C ILE A 831 -10.27 10.77 25.38
N ASP A 832 -10.49 9.99 26.43
CA ASP A 832 -10.77 8.56 26.33
C ASP A 832 -12.08 8.21 27.02
N ARG A 833 -12.88 7.38 26.35
CA ARG A 833 -14.19 6.97 26.84
C ARG A 833 -14.07 5.74 27.73
N GLY A 834 -15.09 5.54 28.57
CA GLY A 834 -15.11 4.38 29.43
C GLY A 834 -16.48 4.21 30.05
N GLU A 835 -16.65 3.05 30.69
CA GLU A 835 -17.85 2.78 31.48
C GLU A 835 -17.61 2.87 32.97
N ARG A 836 -16.36 3.02 33.39
CA ARG A 836 -16.03 3.30 34.78
C ARG A 836 -15.67 4.75 35.01
N ASN A 837 -15.12 5.42 34.00
CA ASN A 837 -14.99 6.87 33.94
C ASN A 837 -15.58 7.31 32.60
N LEU A 838 -16.55 8.23 32.66
CA LEU A 838 -17.22 8.67 31.44
C LEU A 838 -16.24 9.27 30.44
N LEU A 839 -15.30 10.08 30.93
CA LEU A 839 -14.33 10.73 30.07
C LEU A 839 -13.06 10.99 30.87
N TYR A 840 -11.91 10.69 30.28
CA TYR A 840 -10.62 10.91 30.92
C TYR A 840 -9.72 11.76 30.02
N ILE A 841 -9.21 12.86 30.57
CA ILE A 841 -8.37 13.82 29.85
C ILE A 841 -6.92 13.54 30.14
N VAL A 842 -6.08 13.61 29.11
CA VAL A 842 -4.62 13.55 29.24
C VAL A 842 -4.02 14.58 28.29
N VAL A 843 -3.21 15.49 28.84
CA VAL A 843 -2.55 16.52 28.06
C VAL A 843 -1.06 16.22 28.05
N VAL A 844 -0.45 16.31 26.86
CA VAL A 844 0.96 15.99 26.67
C VAL A 844 1.61 17.08 25.84
N ASP A 845 2.91 17.26 26.03
CA ASP A 845 3.68 18.21 25.25
C ASP A 845 4.31 17.51 24.06
N GLY A 846 5.12 18.25 23.30
CA GLY A 846 5.71 17.74 22.07
C GLY A 846 6.62 16.54 22.28
N LYS A 847 7.15 16.36 23.49
CA LYS A 847 7.99 15.22 23.80
C LYS A 847 7.24 14.10 24.50
N GLY A 848 5.91 14.15 24.51
CA GLY A 848 5.15 13.12 25.18
C GLY A 848 5.12 13.23 26.70
N ASN A 849 5.54 14.37 27.24
CA ASN A 849 5.52 14.56 28.68
C ASN A 849 4.11 14.89 29.15
N ILE A 850 3.70 14.26 30.25
CA ILE A 850 2.40 14.53 30.83
C ILE A 850 2.46 15.85 31.59
N VAL A 851 1.54 16.76 31.26
CA VAL A 851 1.38 17.99 32.02
C VAL A 851 0.14 17.86 32.89
N GLU A 852 -0.86 17.13 32.42
CA GLU A 852 -2.14 17.04 33.12
C GLU A 852 -2.82 15.73 32.78
N GLN A 853 -3.55 15.20 33.75
CA GLN A 853 -4.42 14.04 33.57
C GLN A 853 -5.41 14.03 34.72
N TYR A 854 -6.70 13.92 34.40
CA TYR A 854 -7.70 13.78 35.44
C TYR A 854 -8.97 13.17 34.84
N SER A 855 -9.73 12.51 35.69
CA SER A 855 -11.01 11.96 35.26
C SER A 855 -12.06 13.05 35.24
N LEU A 856 -12.99 12.93 34.29
CA LEU A 856 -14.12 13.85 34.19
C LEU A 856 -15.41 13.24 34.73
N ASN A 857 -15.32 12.21 35.56
CA ASN A 857 -16.50 11.72 36.26
C ASN A 857 -17.18 12.82 37.06
N GLU A 858 -16.41 13.77 37.56
CA GLU A 858 -16.92 14.88 38.35
C GLU A 858 -16.42 16.20 37.77
N ILE A 859 -17.29 17.20 37.76
CA ILE A 859 -16.97 18.53 37.27
C ILE A 859 -16.62 19.41 38.46
N ILE A 860 -15.40 19.94 38.47
CA ILE A 860 -14.93 20.81 39.54
C ILE A 860 -14.81 22.23 39.01
N ASN A 861 -15.42 23.17 39.74
CA ASN A 861 -15.40 24.59 39.40
C ASN A 861 -15.19 25.42 40.65
N ASN A 862 -14.41 26.49 40.53
CA ASN A 862 -14.24 27.49 41.57
C ASN A 862 -14.65 28.85 41.05
N PHE A 863 -15.51 29.54 41.80
CA PHE A 863 -15.81 30.95 41.56
C PHE A 863 -15.68 31.68 42.87
N ASN A 864 -14.81 32.69 42.91
CA ASN A 864 -14.61 33.53 44.10
C ASN A 864 -14.34 32.68 45.34
N GLY A 865 -13.52 31.65 45.16
CA GLY A 865 -13.12 30.83 46.27
C GLY A 865 -14.16 29.82 46.72
N ILE A 866 -15.30 29.74 46.04
CA ILE A 866 -16.36 28.82 46.41
C ILE A 866 -16.24 27.64 45.45
N ARG A 867 -15.58 26.58 45.91
CA ARG A 867 -15.47 25.37 45.10
C ARG A 867 -16.83 24.66 45.05
N ILE A 868 -17.07 23.97 43.94
CA ILE A 868 -18.26 23.12 43.83
C ILE A 868 -17.96 21.98 42.86
N LYS A 869 -18.04 20.76 43.36
CA LYS A 869 -17.66 19.55 42.63
C LYS A 869 -18.93 18.73 42.42
N THR A 870 -19.47 18.77 41.21
CA THR A 870 -20.70 18.06 40.88
C THR A 870 -20.38 16.69 40.32
N ASP A 871 -21.02 15.65 40.86
CA ASP A 871 -20.71 14.28 40.51
C ASP A 871 -21.65 13.81 39.40
N TYR A 872 -21.42 14.37 38.21
CA TYR A 872 -22.34 14.15 37.09
C TYR A 872 -22.42 12.68 36.70
N HIS A 873 -21.36 11.91 36.91
CA HIS A 873 -21.43 10.47 36.62
C HIS A 873 -22.41 9.78 37.55
N SER A 874 -22.51 10.26 38.78
CA SER A 874 -23.52 9.73 39.71
C SER A 874 -24.90 10.23 39.32
N LEU A 875 -25.00 11.48 38.87
CA LEU A 875 -26.28 12.03 38.43
C LEU A 875 -26.84 11.25 37.25
N LEU A 876 -25.97 10.86 36.32
CA LEU A 876 -26.43 10.06 35.19
C LEU A 876 -26.85 8.66 35.63
N ASP A 877 -26.15 8.08 36.60
CA ASP A 877 -26.48 6.73 37.05
C ASP A 877 -27.81 6.71 37.81
N LYS A 878 -28.11 7.77 38.56
CA LYS A 878 -29.36 7.80 39.32
C LYS A 878 -30.55 8.10 38.42
N LYS A 879 -30.39 9.00 37.44
CA LYS A 879 -31.49 9.28 36.53
C LYS A 879 -31.76 8.11 35.59
N GLU A 880 -30.72 7.34 35.25
CA GLU A 880 -30.94 6.16 34.43
C GLU A 880 -31.81 5.14 35.16
N LYS A 881 -31.54 4.91 36.45
CA LYS A 881 -32.35 3.97 37.21
C LYS A 881 -33.69 4.58 37.61
N GLU A 882 -33.85 5.89 37.47
CA GLU A 882 -35.15 6.53 37.69
C GLU A 882 -36.03 6.46 36.45
N ARG A 883 -35.48 6.02 35.32
CA ARG A 883 -36.26 5.72 34.12
C ARG A 883 -36.47 4.23 33.94
N PHE A 884 -35.50 3.40 34.34
CA PHE A 884 -35.66 1.96 34.29
C PHE A 884 -36.79 1.51 35.21
N GLU A 885 -36.72 1.90 36.49
CA GLU A 885 -37.78 1.55 37.42
C GLU A 885 -39.06 2.31 37.12
N ALA A 886 -38.97 3.40 36.36
CA ALA A 886 -40.17 4.09 35.91
C ALA A 886 -40.88 3.29 34.80
N ARG A 887 -40.10 2.74 33.86
CA ARG A 887 -40.70 1.98 32.77
C ARG A 887 -41.33 0.68 33.27
N GLN A 888 -40.72 0.05 34.27
CA GLN A 888 -41.30 -1.17 34.83
C GLN A 888 -42.65 -0.89 35.49
N ASN A 889 -42.75 0.20 36.24
CA ASN A 889 -43.88 0.46 37.11
C ASN A 889 -44.93 1.38 36.49
N TRP A 890 -44.86 1.63 35.18
CA TRP A 890 -45.83 2.41 34.43
C TRP A 890 -45.85 3.87 34.88
N THR A 891 -44.89 4.31 35.68
CA THR A 891 -44.88 5.68 36.17
C THR A 891 -44.36 6.64 35.11
N SER A 892 -43.96 7.84 35.54
CA SER A 892 -43.45 8.84 34.61
C SER A 892 -41.97 8.60 34.33
N ILE A 893 -41.61 8.56 33.05
CA ILE A 893 -40.22 8.40 32.65
C ILE A 893 -39.55 9.77 32.60
N GLU A 894 -38.56 9.96 33.46
CA GLU A 894 -37.88 11.24 33.52
C GLU A 894 -37.03 11.43 32.27
N ASN A 895 -36.78 12.70 31.92
CA ASN A 895 -35.94 13.02 30.77
C ASN A 895 -34.46 13.03 31.16
N ILE A 896 -33.63 12.45 30.30
CA ILE A 896 -32.21 12.34 30.58
C ILE A 896 -31.35 13.06 29.55
N LYS A 897 -31.88 13.46 28.39
CA LYS A 897 -31.03 14.07 27.38
C LYS A 897 -30.46 15.41 27.87
N GLU A 898 -31.26 16.18 28.61
CA GLU A 898 -30.77 17.44 29.14
C GLU A 898 -29.65 17.23 30.14
N LEU A 899 -29.77 16.20 31.00
CA LEU A 899 -28.72 15.94 31.97
C LEU A 899 -27.41 15.60 31.27
N LYS A 900 -27.45 14.78 30.21
CA LYS A 900 -26.26 14.53 29.42
C LYS A 900 -25.76 15.81 28.78
N ALA A 901 -26.68 16.62 28.26
CA ALA A 901 -26.30 17.87 27.58
C ALA A 901 -25.66 18.85 28.56
N GLY A 902 -26.27 19.03 29.72
CA GLY A 902 -25.68 19.88 30.75
C GLY A 902 -24.30 19.42 31.18
N TYR A 903 -24.07 18.11 31.16
CA TYR A 903 -22.73 17.58 31.46
C TYR A 903 -21.72 17.99 30.40
N ILE A 904 -22.08 17.86 29.12
CA ILE A 904 -21.13 18.09 28.05
C ILE A 904 -20.69 19.55 28.01
N SER A 905 -21.63 20.47 28.23
CA SER A 905 -21.28 21.90 28.26
C SER A 905 -20.24 22.19 29.32
N GLN A 906 -20.35 21.56 30.50
CA GLN A 906 -19.31 21.69 31.49
C GLN A 906 -18.02 21.04 31.02
N VAL A 907 -18.14 19.94 30.28
CA VAL A 907 -16.98 19.28 29.71
C VAL A 907 -16.41 20.11 28.56
N VAL A 908 -17.28 20.51 27.62
CA VAL A 908 -16.85 21.28 26.47
C VAL A 908 -16.09 22.52 26.90
N HIS A 909 -16.61 23.23 27.90
CA HIS A 909 -15.89 24.39 28.43
C HIS A 909 -14.47 24.01 28.83
N LYS A 910 -14.31 22.89 29.53
CA LYS A 910 -12.99 22.53 30.05
C LYS A 910 -12.00 22.24 28.91
N ILE A 911 -12.43 21.54 27.85
CA ILE A 911 -11.53 21.29 26.73
C ILE A 911 -11.15 22.59 26.03
N CYS A 912 -12.13 23.47 25.80
CA CYS A 912 -11.81 24.73 25.14
C CYS A 912 -10.85 25.57 25.98
N GLU A 913 -10.97 25.47 27.31
CA GLU A 913 -10.01 26.16 28.17
C GLU A 913 -8.62 25.56 28.02
N LEU A 914 -8.52 24.23 27.98
CA LEU A 914 -7.25 23.58 27.72
C LEU A 914 -6.71 23.91 26.33
N VAL A 915 -7.58 23.94 25.33
CA VAL A 915 -7.15 24.27 23.97
C VAL A 915 -6.64 25.71 23.90
N GLU A 916 -7.27 26.62 24.63
CA GLU A 916 -6.79 28.00 24.66
C GLU A 916 -5.48 28.11 25.42
N LYS A 917 -5.36 27.40 26.55
CA LYS A 917 -4.17 27.54 27.38
C LYS A 917 -2.95 26.92 26.70
N TYR A 918 -3.02 25.65 26.35
CA TYR A 918 -1.87 24.93 25.79
C TYR A 918 -1.81 25.00 24.27
N ASP A 919 -2.79 25.63 23.63
CA ASP A 919 -2.85 25.71 22.18
C ASP A 919 -2.77 24.31 21.58
N ALA A 920 -3.57 23.41 22.14
CA ALA A 920 -3.44 21.98 21.91
C ALA A 920 -4.50 21.49 20.93
N VAL A 921 -4.10 20.57 20.06
CA VAL A 921 -5.03 19.83 19.22
C VAL A 921 -5.74 18.82 20.11
N ILE A 922 -6.82 18.24 19.60
CA ILE A 922 -7.66 17.30 20.35
C ILE A 922 -7.62 15.93 19.68
N ALA A 923 -7.53 14.88 20.51
CA ALA A 923 -7.41 13.50 20.04
C ALA A 923 -8.58 12.67 20.55
N LEU A 924 -9.33 12.06 19.63
CA LEU A 924 -10.46 11.19 19.93
C LEU A 924 -10.25 9.82 19.30
N GLU A 925 -11.10 8.87 19.72
CA GLU A 925 -11.02 7.49 19.25
C GLU A 925 -11.75 7.33 17.93
N ASP A 926 -11.15 6.55 17.02
CA ASP A 926 -11.74 6.23 15.72
C ASP A 926 -12.81 5.17 15.91
N LEU A 927 -14.06 5.61 16.04
CA LEU A 927 -15.20 4.72 16.27
C LEU A 927 -16.13 4.74 15.07
N ASN A 928 -16.35 3.56 14.47
CA ASN A 928 -17.28 3.42 13.36
C ASN A 928 -18.69 3.17 13.90
N SER A 929 -19.62 2.76 13.03
CA SER A 929 -21.00 2.57 13.45
C SER A 929 -21.15 1.47 14.50
N GLY A 930 -20.29 0.45 14.46
CA GLY A 930 -20.52 -0.73 15.29
C GLY A 930 -20.36 -0.50 16.78
N PHE A 931 -19.37 0.30 17.19
CA PHE A 931 -18.96 0.34 18.59
C PHE A 931 -20.06 0.87 19.51
N LYS A 932 -21.04 1.61 18.97
CA LYS A 932 -22.07 2.19 19.82
C LYS A 932 -22.77 1.12 20.65
N ASN A 933 -22.96 -0.07 20.09
CA ASN A 933 -23.58 -1.16 20.81
C ASN A 933 -22.70 -1.60 21.97
N SER A 934 -23.33 -2.01 23.07
CA SER A 934 -22.59 -2.49 24.24
C SER A 934 -23.32 -3.65 24.88
N ARG A 935 -22.63 -4.29 25.84
CA ARG A 935 -23.16 -5.46 26.52
C ARG A 935 -23.85 -5.10 27.83
N VAL A 936 -23.50 -3.96 28.43
CA VAL A 936 -24.08 -3.47 29.68
C VAL A 936 -24.69 -2.10 29.39
N LYS A 937 -25.52 -1.61 30.30
CA LYS A 937 -26.20 -0.32 30.09
C LYS A 937 -25.21 0.83 29.97
N VAL A 938 -25.23 1.47 28.80
CA VAL A 938 -24.27 2.51 28.45
C VAL A 938 -24.83 3.88 28.77
N GLU A 939 -23.92 4.74 29.20
CA GLU A 939 -24.03 6.16 28.95
C GLU A 939 -23.11 6.57 27.81
N LYS A 940 -22.55 5.60 27.08
CA LYS A 940 -21.70 5.93 25.93
C LYS A 940 -22.45 6.71 24.87
N GLN A 941 -23.77 6.83 24.99
CA GLN A 941 -24.49 7.87 24.26
C GLN A 941 -23.97 9.25 24.60
N VAL A 942 -23.41 9.44 25.81
CA VAL A 942 -22.81 10.73 26.15
C VAL A 942 -21.65 11.03 25.21
N TYR A 943 -20.90 10.00 24.81
CA TYR A 943 -19.74 10.23 23.95
C TYR A 943 -20.16 10.78 22.59
N GLN A 944 -21.21 10.23 22.00
CA GLN A 944 -21.68 10.74 20.73
C GLN A 944 -22.18 12.17 20.87
N LYS A 945 -22.89 12.46 21.97
CA LYS A 945 -23.25 13.85 22.26
C LYS A 945 -22.03 14.68 22.61
N PHE A 946 -20.96 14.05 23.10
CA PHE A 946 -19.77 14.83 23.46
C PHE A 946 -19.09 15.39 22.22
N GLU A 947 -19.02 14.59 21.15
CA GLU A 947 -18.46 15.09 19.89
C GLU A 947 -19.32 16.20 19.30
N LYS A 948 -20.63 15.97 19.20
CA LYS A 948 -21.50 16.93 18.52
C LYS A 948 -21.41 18.31 19.14
N MET A 949 -21.59 18.39 20.46
CA MET A 949 -21.57 19.70 21.10
C MET A 949 -20.16 20.26 21.21
N LEU A 950 -19.13 19.40 21.17
CA LEU A 950 -17.77 19.91 21.15
C LEU A 950 -17.41 20.45 19.77
N ILE A 951 -17.74 19.69 18.72
CA ILE A 951 -17.51 20.17 17.35
C ILE A 951 -18.31 21.44 17.11
N ASP A 952 -19.56 21.47 17.57
CA ASP A 952 -20.39 22.65 17.41
C ASP A 952 -19.76 23.86 18.10
N LYS A 953 -19.11 23.63 19.24
CA LYS A 953 -18.44 24.72 19.93
C LYS A 953 -17.23 25.21 19.14
N LEU A 954 -16.41 24.27 18.66
CA LEU A 954 -15.20 24.63 17.93
C LEU A 954 -15.47 25.20 16.55
N ASN A 955 -16.67 25.03 16.01
CA ASN A 955 -17.03 25.76 14.79
C ASN A 955 -16.90 27.26 15.00
N TYR A 956 -17.31 27.75 16.16
CA TYR A 956 -17.14 29.17 16.48
C TYR A 956 -16.89 29.25 17.99
N MET A 957 -15.62 29.11 18.38
CA MET A 957 -15.21 29.16 19.77
C MET A 957 -15.00 30.60 20.21
N VAL A 958 -15.58 30.96 21.35
CA VAL A 958 -15.53 32.31 21.89
C VAL A 958 -15.21 32.24 23.38
N ASP A 959 -14.46 33.22 23.86
CA ASP A 959 -14.26 33.45 25.27
C ASP A 959 -15.02 34.71 25.67
N LYS A 960 -15.89 34.58 26.66
CA LYS A 960 -16.76 35.69 27.05
C LYS A 960 -16.04 36.76 27.84
N LYS A 961 -14.80 36.51 28.25
CA LYS A 961 -14.02 37.49 29.01
C LYS A 961 -13.18 38.40 28.13
N SER A 962 -12.66 37.89 27.01
CA SER A 962 -11.93 38.74 26.10
C SER A 962 -12.83 39.84 25.56
N ASN A 963 -12.22 40.89 25.04
CA ASN A 963 -13.00 41.94 24.40
C ASN A 963 -13.62 41.42 23.11
N PRO A 964 -14.92 41.62 22.90
CA PRO A 964 -15.59 41.11 21.69
C PRO A 964 -14.96 41.60 20.39
N CYS A 965 -14.40 42.80 20.38
CA CYS A 965 -13.75 43.33 19.19
C CYS A 965 -12.30 42.88 19.08
N ALA A 966 -11.85 41.98 19.96
CA ALA A 966 -10.51 41.40 19.89
C ALA A 966 -10.59 39.96 19.39
N THR A 967 -9.44 39.45 18.94
CA THR A 967 -9.38 38.08 18.44
C THR A 967 -9.74 37.09 19.54
N GLY A 968 -10.70 36.22 19.27
CA GLY A 968 -11.19 35.28 20.25
C GLY A 968 -12.46 35.72 20.96
N GLY A 969 -12.78 37.01 20.91
CA GLY A 969 -13.97 37.53 21.56
C GLY A 969 -15.23 37.20 20.80
N ALA A 970 -16.29 37.97 21.09
CA ALA A 970 -17.60 37.65 20.52
C ALA A 970 -17.63 37.87 19.02
N LEU A 971 -17.00 38.93 18.53
CA LEU A 971 -17.04 39.23 17.10
C LEU A 971 -15.94 38.56 16.28
N LYS A 972 -14.90 38.03 16.93
CA LYS A 972 -13.82 37.35 16.21
C LYS A 972 -13.49 36.04 16.92
N GLY A 973 -14.44 35.10 16.89
CA GLY A 973 -14.27 33.83 17.56
C GLY A 973 -13.52 32.83 16.69
N TYR A 974 -12.87 31.88 17.36
CA TYR A 974 -12.02 30.92 16.67
C TYR A 974 -12.85 29.85 15.99
N GLN A 975 -12.45 29.49 14.76
CA GLN A 975 -13.10 28.44 13.98
C GLN A 975 -12.04 27.38 13.66
N ILE A 976 -11.96 26.33 14.49
CA ILE A 976 -10.90 25.34 14.36
C ILE A 976 -11.45 23.96 14.04
N THR A 977 -12.67 23.87 13.50
CA THR A 977 -13.18 22.61 12.97
C THR A 977 -13.95 22.90 11.69
N ASN A 978 -13.97 21.91 10.79
CA ASN A 978 -14.72 22.06 9.55
C ASN A 978 -16.21 22.13 9.86
N LYS A 979 -16.92 22.90 9.05
CA LYS A 979 -18.34 23.15 9.27
C LYS A 979 -19.13 21.86 9.38
N PHE A 980 -19.99 21.79 10.40
CA PHE A 980 -20.75 20.59 10.71
C PHE A 980 -21.92 20.46 9.74
N GLU A 981 -21.74 19.64 8.70
CA GLU A 981 -22.84 19.33 7.79
C GLU A 981 -23.55 18.05 8.20
N SER A 982 -22.79 16.99 8.47
CA SER A 982 -23.34 15.71 8.92
C SER A 982 -22.22 14.88 9.53
N PHE A 983 -22.61 13.88 10.32
CA PHE A 983 -21.65 12.93 10.91
C PHE A 983 -21.01 12.02 9.88
N LYS A 984 -21.61 11.85 8.70
CA LYS A 984 -21.13 10.88 7.73
C LYS A 984 -20.12 11.46 6.74
N SER A 985 -20.08 12.78 6.59
CA SER A 985 -19.15 13.43 5.68
C SER A 985 -17.76 13.61 6.28
N MET A 986 -17.44 12.87 7.34
CA MET A 986 -16.22 13.10 8.10
C MET A 986 -15.08 12.19 7.65
N SER A 987 -13.85 12.69 7.78
CA SER A 987 -12.64 11.95 7.50
C SER A 987 -11.89 11.65 8.80
N THR A 988 -10.61 11.27 8.68
CA THR A 988 -9.81 10.93 9.85
C THR A 988 -9.42 12.15 10.69
N GLN A 989 -9.51 13.36 10.13
CA GLN A 989 -9.20 14.57 10.87
C GLN A 989 -10.25 15.63 10.57
N ASN A 990 -10.51 16.50 11.56
CA ASN A 990 -11.48 17.60 11.44
C ASN A 990 -10.87 18.79 12.20
N GLY A 991 -9.95 19.49 11.53
CA GLY A 991 -9.30 20.64 12.15
C GLY A 991 -8.38 20.18 13.27
N PHE A 992 -8.56 20.76 14.45
CA PHE A 992 -7.80 20.33 15.61
C PHE A 992 -8.16 18.92 16.07
N ILE A 993 -9.34 18.43 15.71
CA ILE A 993 -9.78 17.12 16.17
C ILE A 993 -9.20 16.04 15.29
N PHE A 994 -8.57 15.03 15.90
CA PHE A 994 -8.07 13.86 15.21
C PHE A 994 -8.80 12.64 15.75
N TYR A 995 -9.41 11.87 14.86
CA TYR A 995 -9.94 10.57 15.20
C TYR A 995 -8.89 9.51 14.84
N ILE A 996 -8.45 8.76 15.83
CA ILE A 996 -7.35 7.82 15.61
C ILE A 996 -7.74 6.43 16.09
N PRO A 997 -7.26 5.37 15.44
CA PRO A 997 -7.62 4.02 15.87
C PRO A 997 -7.14 3.75 17.30
N ALA A 998 -7.83 2.83 17.97
CA ALA A 998 -7.58 2.52 19.37
C ALA A 998 -6.75 1.26 19.58
N TRP A 999 -6.24 0.65 18.51
CA TRP A 999 -5.50 -0.59 18.65
C TRP A 999 -4.23 -0.36 19.47
N LEU A 1000 -4.04 -1.19 20.50
CA LEU A 1000 -2.87 -1.11 21.38
C LEU A 1000 -2.73 0.25 22.04
N THR A 1001 -3.87 0.90 22.32
CA THR A 1001 -3.85 2.13 23.10
C THR A 1001 -3.86 1.86 24.60
N SER A 1002 -4.57 0.82 25.03
CA SER A 1002 -4.75 0.54 26.45
C SER A 1002 -3.88 -0.60 26.96
N LYS A 1003 -3.86 -1.73 26.26
CA LYS A 1003 -3.05 -2.88 26.67
C LYS A 1003 -1.63 -2.77 26.10
N ILE A 1004 -0.96 -1.68 26.49
CA ILE A 1004 0.43 -1.42 26.13
C ILE A 1004 1.15 -0.81 27.32
N ASP A 1005 2.41 -1.19 27.49
CA ASP A 1005 3.21 -0.73 28.62
C ASP A 1005 3.69 0.68 28.33
N PRO A 1006 3.31 1.69 29.12
CA PRO A 1006 3.85 3.03 28.90
C PRO A 1006 5.34 3.12 29.19
N SER A 1007 5.83 2.38 30.20
CA SER A 1007 7.22 2.50 30.60
C SER A 1007 8.17 1.95 29.55
N THR A 1008 7.75 0.95 28.77
CA THR A 1008 8.62 0.31 27.78
C THR A 1008 8.02 0.18 26.38
N GLY A 1009 6.71 0.29 26.22
CA GLY A 1009 6.11 -0.01 24.94
C GLY A 1009 5.80 -1.47 24.69
N PHE A 1010 5.96 -2.33 25.69
CA PHE A 1010 5.75 -3.75 25.49
C PHE A 1010 4.27 -4.06 25.27
N VAL A 1011 4.00 -5.05 24.41
CA VAL A 1011 2.63 -5.43 24.05
C VAL A 1011 2.51 -6.94 23.99
N ASN A 1012 1.28 -7.42 24.21
CA ASN A 1012 0.96 -8.85 24.21
C ASN A 1012 0.54 -9.24 22.80
N LEU A 1013 1.49 -9.74 22.02
CA LEU A 1013 1.20 -10.25 20.69
C LEU A 1013 1.21 -11.77 20.64
N LEU A 1014 1.20 -12.45 21.78
CA LEU A 1014 1.19 -13.91 21.81
C LEU A 1014 -0.23 -14.41 22.02
N LYS A 1015 -0.59 -15.47 21.30
CA LYS A 1015 -1.84 -16.18 21.54
C LYS A 1015 -1.56 -17.32 22.50
N THR A 1016 -2.31 -17.36 23.59
CA THR A 1016 -2.04 -18.27 24.69
C THR A 1016 -3.13 -19.31 24.91
N LYS A 1017 -4.27 -19.19 24.25
CA LYS A 1017 -5.34 -20.16 24.44
C LYS A 1017 -4.86 -21.55 24.05
N TYR A 1018 -5.35 -22.56 24.78
CA TYR A 1018 -4.83 -23.92 24.64
C TYR A 1018 -5.59 -24.63 23.52
N THR A 1019 -4.84 -25.14 22.54
CA THR A 1019 -5.41 -25.93 21.45
C THR A 1019 -5.02 -27.40 21.48
N SER A 1020 -3.76 -27.71 21.77
CA SER A 1020 -3.29 -29.08 21.79
C SER A 1020 -2.02 -29.15 22.63
N ILE A 1021 -1.61 -30.38 22.97
CA ILE A 1021 -0.35 -30.57 23.66
C ILE A 1021 0.82 -30.13 22.78
N ALA A 1022 0.81 -30.57 21.51
CA ALA A 1022 1.91 -30.25 20.61
C ALA A 1022 2.02 -28.74 20.39
N ASP A 1023 0.88 -28.07 20.26
CA ASP A 1023 0.90 -26.61 20.17
C ASP A 1023 1.54 -26.01 21.41
N SER A 1024 1.23 -26.56 22.58
CA SER A 1024 1.89 -26.15 23.82
C SER A 1024 3.36 -26.53 23.80
N LYS A 1025 3.68 -27.72 23.28
CA LYS A 1025 5.08 -28.16 23.22
C LYS A 1025 5.91 -27.23 22.35
N LYS A 1026 5.41 -26.89 21.16
CA LYS A 1026 6.13 -25.95 20.30
C LYS A 1026 6.20 -24.57 20.93
N PHE A 1027 5.18 -24.21 21.72
CA PHE A 1027 5.16 -22.92 22.43
C PHE A 1027 6.35 -22.81 23.39
N ILE A 1028 6.48 -23.78 24.30
CA ILE A 1028 7.52 -23.71 25.33
C ILE A 1028 8.90 -23.70 24.69
N SER A 1029 9.09 -24.48 23.63
CA SER A 1029 10.40 -24.57 22.98
C SER A 1029 10.80 -23.25 22.34
N SER A 1030 9.82 -22.47 21.84
CA SER A 1030 10.12 -21.23 21.14
C SER A 1030 10.80 -20.20 22.04
N PHE A 1031 10.39 -20.14 23.31
CA PHE A 1031 11.05 -19.22 24.24
C PHE A 1031 12.54 -19.49 24.30
N ASP A 1032 13.32 -18.42 24.40
CA ASP A 1032 14.77 -18.57 24.45
C ASP A 1032 15.18 -19.31 25.72
N ARG A 1033 14.53 -19.00 26.84
CA ARG A 1033 14.76 -19.70 28.09
C ARG A 1033 13.53 -19.57 28.97
N ILE A 1034 13.33 -20.58 29.82
CA ILE A 1034 12.37 -20.54 30.91
C ILE A 1034 13.12 -21.01 32.14
N MET A 1035 13.42 -20.09 33.06
CA MET A 1035 14.22 -20.39 34.24
C MET A 1035 13.54 -19.79 35.46
N TYR A 1036 14.04 -20.19 36.62
CA TYR A 1036 13.69 -19.58 37.89
C TYR A 1036 14.88 -18.75 38.32
N VAL A 1037 14.63 -17.48 38.67
CA VAL A 1037 15.66 -16.58 39.19
C VAL A 1037 15.44 -16.51 40.73
N PRO A 1038 16.29 -17.17 41.51
CA PRO A 1038 15.98 -17.30 42.95
C PRO A 1038 16.26 -16.05 43.75
N GLU A 1039 17.27 -15.27 43.36
CA GLU A 1039 17.59 -14.05 44.09
C GLU A 1039 16.45 -13.03 44.05
N GLU A 1040 15.52 -13.15 43.11
CA GLU A 1040 14.39 -12.22 43.02
C GLU A 1040 13.02 -12.85 43.25
N ASP A 1041 12.96 -14.17 43.44
CA ASP A 1041 11.70 -14.91 43.55
C ASP A 1041 10.78 -14.60 42.37
N LEU A 1042 11.31 -14.75 41.15
CA LEU A 1042 10.55 -14.54 39.93
C LEU A 1042 10.93 -15.61 38.91
N PHE A 1043 9.98 -15.92 38.03
CA PHE A 1043 10.25 -16.74 36.85
C PHE A 1043 10.50 -15.82 35.67
N GLU A 1044 11.50 -16.16 34.86
CA GLU A 1044 11.90 -15.33 33.73
C GLU A 1044 11.63 -16.08 32.43
N PHE A 1045 10.99 -15.39 31.48
CA PHE A 1045 10.63 -15.95 30.18
C PHE A 1045 11.19 -15.02 29.09
N ALA A 1046 12.47 -15.19 28.76
CA ALA A 1046 13.08 -14.43 27.68
C ALA A 1046 12.60 -14.98 26.33
N LEU A 1047 12.21 -14.08 25.44
CA LEU A 1047 11.75 -14.47 24.11
C LEU A 1047 12.23 -13.50 23.06
N ASP A 1048 12.47 -14.03 21.86
CA ASP A 1048 12.61 -13.24 20.65
C ASP A 1048 11.33 -13.43 19.86
N TYR A 1049 10.62 -12.33 19.61
CA TYR A 1049 9.32 -12.42 18.95
C TYR A 1049 9.39 -13.11 17.58
N LYS A 1050 10.53 -13.03 16.89
CA LYS A 1050 10.63 -13.64 15.57
C LYS A 1050 10.44 -15.14 15.58
N ASN A 1051 10.43 -15.78 16.76
CA ASN A 1051 10.19 -17.21 16.87
C ASN A 1051 8.71 -17.55 17.03
N PHE A 1052 7.84 -16.55 17.11
CA PHE A 1052 6.41 -16.75 17.19
C PHE A 1052 5.74 -16.15 15.95
N SER A 1053 4.52 -16.57 15.68
CA SER A 1053 3.80 -16.10 14.50
C SER A 1053 3.14 -14.76 14.76
N ARG A 1054 2.99 -13.97 13.69
CA ARG A 1054 2.28 -12.69 13.73
C ARG A 1054 2.92 -11.69 14.69
N THR A 1055 4.23 -11.82 14.93
CA THR A 1055 4.98 -10.86 15.72
C THR A 1055 5.79 -9.92 14.83
N ASP A 1056 5.31 -9.67 13.62
CA ASP A 1056 6.01 -8.80 12.68
C ASP A 1056 5.97 -7.34 13.13
N ALA A 1057 4.95 -6.96 13.89
CA ALA A 1057 4.74 -5.56 14.25
C ALA A 1057 5.85 -5.04 15.16
N ASP A 1058 6.31 -5.85 16.11
CA ASP A 1058 7.15 -5.35 17.18
C ASP A 1058 8.52 -4.86 16.68
N TYR A 1059 9.03 -3.81 17.34
CA TYR A 1059 10.33 -3.25 17.05
C TYR A 1059 11.47 -4.00 17.74
N ILE A 1060 11.42 -4.08 19.08
CA ILE A 1060 12.55 -4.61 19.84
C ILE A 1060 12.72 -6.12 19.65
N LYS A 1061 11.62 -6.83 19.44
CA LYS A 1061 11.61 -8.29 19.26
C LYS A 1061 12.05 -9.05 20.52
N LYS A 1062 13.12 -8.61 21.18
CA LYS A 1062 13.69 -9.36 22.29
C LYS A 1062 13.22 -8.74 23.60
N TRP A 1063 12.52 -9.53 24.41
CA TRP A 1063 12.00 -9.09 25.69
C TRP A 1063 12.27 -10.17 26.73
N LYS A 1064 12.32 -9.76 27.99
CA LYS A 1064 12.38 -10.71 29.10
C LYS A 1064 11.18 -10.48 30.02
N LEU A 1065 10.28 -11.45 30.03
CA LEU A 1065 9.04 -11.40 30.80
C LEU A 1065 9.24 -12.00 32.17
N TYR A 1066 8.64 -11.38 33.18
CA TYR A 1066 8.79 -11.82 34.56
C TYR A 1066 7.40 -12.01 35.17
N SER A 1067 7.31 -12.93 36.12
CA SER A 1067 6.04 -13.17 36.80
C SER A 1067 5.89 -12.26 38.01
N TYR A 1068 6.04 -10.96 37.80
CA TYR A 1068 6.03 -10.00 38.89
C TYR A 1068 4.62 -9.48 39.09
N GLY A 1069 4.19 -9.46 40.35
CA GLY A 1069 2.92 -8.84 40.70
C GLY A 1069 1.80 -9.84 40.70
N ASN A 1070 0.63 -9.34 41.07
CA ASN A 1070 -0.58 -10.14 41.10
C ASN A 1070 -1.47 -9.80 39.92
N ARG A 1071 -2.30 -10.76 39.53
CA ARG A 1071 -3.26 -10.58 38.46
C ARG A 1071 -4.66 -10.84 39.00
N ILE A 1072 -5.67 -10.51 38.21
CA ILE A 1072 -7.06 -10.71 38.58
C ILE A 1072 -7.69 -11.65 37.57
N ARG A 1073 -8.32 -12.70 38.07
CA ARG A 1073 -9.06 -13.66 37.26
C ARG A 1073 -10.51 -13.69 37.70
N ILE A 1074 -11.41 -13.91 36.75
CA ILE A 1074 -12.84 -13.92 37.00
C ILE A 1074 -13.31 -15.37 37.12
N PHE A 1075 -14.17 -15.62 38.11
CA PHE A 1075 -14.69 -16.97 38.31
C PHE A 1075 -15.54 -17.39 37.12
N ARG A 1076 -16.02 -18.62 37.19
CA ARG A 1076 -16.86 -19.20 36.14
C ARG A 1076 -18.14 -19.79 36.71
N ASN A 1077 -18.48 -19.41 37.95
CA ASN A 1077 -19.66 -19.90 38.65
C ASN A 1077 -20.02 -19.01 39.84
N ASN A 1081 -23.32 -16.70 48.40
CA ASN A 1081 -22.46 -17.87 48.56
C ASN A 1081 -21.01 -17.48 48.84
N ASN A 1082 -20.25 -17.28 47.76
CA ASN A 1082 -18.86 -16.88 47.86
C ASN A 1082 -18.76 -15.37 47.98
N VAL A 1083 -17.73 -14.92 48.71
CA VAL A 1083 -17.58 -13.48 48.97
C VAL A 1083 -17.35 -12.72 47.67
N PHE A 1084 -16.40 -13.17 46.85
CA PHE A 1084 -16.03 -12.47 45.63
C PHE A 1084 -16.24 -13.36 44.41
N ASP A 1085 -16.58 -12.72 43.29
CA ASP A 1085 -16.65 -13.39 42.01
C ASP A 1085 -15.32 -13.34 41.25
N TRP A 1086 -14.23 -12.99 41.93
CA TRP A 1086 -12.92 -12.89 41.30
C TRP A 1086 -11.87 -13.18 42.36
N GLU A 1087 -10.67 -13.57 41.91
CA GLU A 1087 -9.56 -13.80 42.81
C GLU A 1087 -8.30 -13.17 42.23
N GLU A 1088 -7.33 -12.94 43.11
CA GLU A 1088 -6.06 -12.32 42.74
C GLU A 1088 -4.97 -13.38 42.80
N VAL A 1089 -4.56 -13.89 41.64
CA VAL A 1089 -3.55 -14.93 41.54
C VAL A 1089 -2.16 -14.32 41.72
N CYS A 1090 -1.32 -14.98 42.50
CA CYS A 1090 0.10 -14.62 42.62
C CYS A 1090 0.89 -15.51 41.67
N LEU A 1091 1.53 -14.90 40.67
CA LEU A 1091 2.09 -15.66 39.55
C LEU A 1091 3.22 -16.59 39.99
N THR A 1092 4.27 -16.03 40.60
CA THR A 1092 5.39 -16.85 41.05
C THR A 1092 4.93 -17.88 42.06
N SER A 1093 4.00 -17.51 42.95
CA SER A 1093 3.44 -18.46 43.88
C SER A 1093 2.45 -19.43 43.23
N ALA A 1094 2.15 -19.24 41.94
CA ALA A 1094 1.35 -20.18 41.18
C ALA A 1094 2.16 -21.01 40.19
N TYR A 1095 3.26 -20.47 39.66
CA TYR A 1095 4.16 -21.29 38.86
C TYR A 1095 4.86 -22.33 39.73
N LYS A 1096 5.23 -21.93 40.95
CA LYS A 1096 5.75 -22.90 41.91
C LYS A 1096 4.70 -23.94 42.25
N GLU A 1097 3.43 -23.53 42.27
CA GLU A 1097 2.33 -24.44 42.53
C GLU A 1097 2.17 -25.46 41.39
N LEU A 1098 2.05 -24.96 40.16
CA LEU A 1098 1.86 -25.85 39.02
C LEU A 1098 3.04 -26.80 38.87
N PHE A 1099 4.25 -26.31 39.06
CA PHE A 1099 5.43 -27.12 38.80
C PHE A 1099 5.61 -28.21 39.85
N ASN A 1100 5.02 -28.06 41.04
CA ASN A 1100 5.08 -29.11 42.04
C ASN A 1100 4.04 -30.19 41.82
N LYS A 1101 2.88 -29.83 41.25
CA LYS A 1101 1.83 -30.82 41.03
C LYS A 1101 2.25 -31.90 40.04
N TYR A 1102 3.13 -31.56 39.10
CA TYR A 1102 3.60 -32.52 38.11
C TYR A 1102 5.07 -32.91 38.32
N GLY A 1103 5.63 -32.61 39.49
CA GLY A 1103 6.95 -33.10 39.86
C GLY A 1103 8.13 -32.50 39.13
N ILE A 1104 8.00 -31.25 38.68
CA ILE A 1104 9.04 -30.57 37.94
C ILE A 1104 10.00 -29.90 38.91
N ASN A 1105 11.30 -30.07 38.66
CA ASN A 1105 12.35 -29.41 39.44
C ASN A 1105 12.65 -28.09 38.74
N TYR A 1106 11.91 -27.05 39.10
CA TYR A 1106 11.99 -25.78 38.38
C TYR A 1106 13.29 -25.02 38.66
N GLN A 1107 14.03 -25.37 39.71
CA GLN A 1107 15.29 -24.70 40.00
C GLN A 1107 16.40 -25.10 39.03
N GLN A 1108 16.10 -26.00 38.10
CA GLN A 1108 17.07 -26.71 37.27
C GLN A 1108 17.68 -25.86 36.17
N GLY A 1109 17.89 -24.56 36.38
CA GLY A 1109 18.39 -23.76 35.28
C GLY A 1109 17.29 -23.59 34.26
N ASP A 1110 17.61 -23.85 32.99
CA ASP A 1110 16.59 -23.82 31.95
C ASP A 1110 15.58 -24.93 32.18
N ILE A 1111 14.30 -24.61 31.97
CA ILE A 1111 13.19 -25.50 32.29
C ILE A 1111 12.36 -25.84 31.06
N ARG A 1112 12.75 -25.33 29.88
CA ARG A 1112 11.95 -25.52 28.68
C ARG A 1112 11.77 -27.00 28.35
N ALA A 1113 12.89 -27.74 28.28
CA ALA A 1113 12.80 -29.17 28.02
C ALA A 1113 12.14 -29.92 29.17
N LEU A 1114 12.19 -29.36 30.37
CA LEU A 1114 11.62 -30.03 31.54
C LEU A 1114 10.09 -29.97 31.51
N LEU A 1115 9.52 -28.83 31.13
CA LEU A 1115 8.08 -28.71 31.06
C LEU A 1115 7.51 -29.49 29.88
N CYS A 1116 8.27 -29.59 28.78
CA CYS A 1116 7.79 -30.33 27.61
C CYS A 1116 7.83 -31.84 27.81
N GLU A 1117 8.58 -32.32 28.80
CA GLU A 1117 8.63 -33.74 29.08
C GLU A 1117 7.28 -34.29 29.51
N GLN A 1118 6.42 -33.46 30.09
CA GLN A 1118 5.13 -33.91 30.55
C GLN A 1118 4.28 -34.46 29.41
N SER A 1119 3.36 -35.37 29.76
CA SER A 1119 2.45 -35.99 28.81
C SER A 1119 1.00 -35.74 29.17
N ASP A 1120 0.74 -34.93 30.18
CA ASP A 1120 -0.60 -34.73 30.71
C ASP A 1120 -1.19 -33.44 30.13
N LYS A 1121 -2.37 -33.55 29.52
CA LYS A 1121 -3.01 -32.38 28.94
C LYS A 1121 -3.37 -31.35 30.00
N ALA A 1122 -3.71 -31.80 31.21
CA ALA A 1122 -4.07 -30.87 32.28
C ALA A 1122 -2.92 -29.95 32.63
N PHE A 1123 -1.68 -30.43 32.50
CA PHE A 1123 -0.51 -29.59 32.78
C PHE A 1123 -0.46 -28.41 31.82
N TYR A 1124 -0.64 -28.68 30.53
CA TYR A 1124 -0.51 -27.62 29.52
C TYR A 1124 -1.72 -26.70 29.52
N SER A 1125 -2.92 -27.25 29.72
CA SER A 1125 -4.11 -26.42 29.74
C SER A 1125 -4.10 -25.40 30.88
N SER A 1126 -3.28 -25.63 31.91
CA SER A 1126 -3.11 -24.69 32.99
C SER A 1126 -1.84 -23.86 32.86
N PHE A 1127 -0.77 -24.44 32.32
CA PHE A 1127 0.45 -23.67 32.06
C PHE A 1127 0.16 -22.50 31.13
N MET A 1128 -0.50 -22.77 30.00
CA MET A 1128 -0.85 -21.69 29.08
C MET A 1128 -1.84 -20.72 29.71
N ALA A 1129 -2.56 -21.14 30.75
CA ALA A 1129 -3.41 -20.21 31.48
C ALA A 1129 -2.58 -19.28 32.35
N LEU A 1130 -1.56 -19.82 33.03
CA LEU A 1130 -0.65 -18.96 33.78
C LEU A 1130 0.08 -18.01 32.83
N MET A 1131 0.45 -18.51 31.65
CA MET A 1131 1.01 -17.65 30.63
C MET A 1131 0.01 -16.60 30.18
N SER A 1132 -1.29 -16.94 30.20
CA SER A 1132 -2.31 -15.98 29.80
C SER A 1132 -2.37 -14.80 30.77
N LEU A 1133 -2.26 -15.08 32.08
CA LEU A 1133 -2.37 -14.02 33.07
C LEU A 1133 -1.13 -13.12 33.08
N MET A 1134 0.06 -13.71 32.90
CA MET A 1134 1.27 -12.89 32.92
C MET A 1134 1.22 -11.81 31.85
N LEU A 1135 0.61 -12.09 30.71
CA LEU A 1135 0.50 -11.12 29.64
C LEU A 1135 -0.81 -10.36 29.68
N GLN A 1136 -1.59 -10.55 30.75
CA GLN A 1136 -2.85 -9.84 30.94
C GLN A 1136 -2.53 -8.54 31.67
N MET A 1137 -2.27 -7.49 30.89
CA MET A 1137 -1.80 -6.24 31.48
C MET A 1137 -2.94 -5.50 32.17
N ARG A 1138 -4.08 -5.37 31.52
CA ARG A 1138 -5.20 -4.60 32.03
C ARG A 1138 -6.09 -5.48 32.90
N ASN A 1139 -6.09 -5.22 34.20
CA ASN A 1139 -6.88 -5.99 35.16
C ASN A 1139 -8.04 -5.13 35.63
N SER A 1140 -9.27 -5.58 35.36
CA SER A 1140 -10.46 -4.80 35.72
C SER A 1140 -11.54 -5.73 36.25
N ILE A 1141 -12.42 -5.16 37.09
CA ILE A 1141 -13.58 -5.86 37.63
C ILE A 1141 -14.82 -4.99 37.48
N THR A 1142 -15.91 -5.59 37.03
CA THR A 1142 -17.16 -4.86 36.78
C THR A 1142 -17.69 -4.18 38.05
N GLY A 1143 -18.00 -2.90 37.94
CA GLY A 1143 -18.71 -2.15 38.97
C GLY A 1143 -17.99 -1.96 40.28
N ARG A 1144 -16.69 -2.21 40.32
CA ARG A 1144 -15.90 -2.09 41.55
C ARG A 1144 -14.99 -0.87 41.42
N THR A 1145 -15.22 0.12 42.29
CA THR A 1145 -14.44 1.36 42.24
C THR A 1145 -12.94 1.08 42.39
N ASP A 1146 -12.60 0.08 43.19
CA ASP A 1146 -11.22 -0.16 43.61
C ASP A 1146 -10.32 -0.61 42.46
N VAL A 1147 -10.82 -1.45 41.56
CA VAL A 1147 -9.97 -2.21 40.67
C VAL A 1147 -10.18 -1.75 39.23
N ASP A 1148 -9.07 -1.32 38.62
CA ASP A 1148 -8.93 -1.08 37.18
C ASP A 1148 -7.47 -0.67 36.94
N PHE A 1149 -6.56 -1.63 37.02
CA PHE A 1149 -5.14 -1.31 37.07
C PHE A 1149 -4.38 -2.01 35.94
N LEU A 1150 -3.26 -1.40 35.57
CA LEU A 1150 -2.38 -1.86 34.51
C LEU A 1150 -1.03 -2.21 35.11
N ILE A 1151 -0.57 -3.43 34.85
CA ILE A 1151 0.72 -3.89 35.36
C ILE A 1151 1.43 -4.65 34.25
N SER A 1152 2.73 -4.44 34.14
CA SER A 1152 3.53 -4.94 33.04
C SER A 1152 4.52 -6.00 33.50
N PRO A 1153 4.80 -6.99 32.67
CA PRO A 1153 5.75 -8.04 33.06
C PRO A 1153 7.15 -7.83 32.49
N VAL A 1154 7.50 -6.60 32.17
CA VAL A 1154 8.80 -6.28 31.59
C VAL A 1154 9.48 -5.21 32.45
N LYS A 1155 10.76 -5.40 32.69
CA LYS A 1155 11.56 -4.41 33.38
C LYS A 1155 12.04 -3.36 32.38
N ASN A 1156 11.98 -2.09 32.79
CA ASN A 1156 12.37 -1.01 31.89
C ASN A 1156 13.86 -0.79 31.95
N SER A 1157 14.32 0.38 31.46
CA SER A 1157 15.75 0.65 31.38
C SER A 1157 16.40 0.61 32.76
N ASP A 1158 15.65 0.97 33.80
CA ASP A 1158 16.15 0.90 35.17
C ASP A 1158 15.72 -0.38 35.87
N GLY A 1159 15.14 -1.33 35.14
CA GLY A 1159 14.75 -2.61 35.70
C GLY A 1159 13.66 -2.58 36.75
N ILE A 1160 12.62 -1.76 36.55
CA ILE A 1160 11.46 -1.71 37.43
C ILE A 1160 10.18 -1.81 36.61
N PHE A 1161 9.24 -2.61 37.11
CA PHE A 1161 7.99 -2.88 36.39
C PHE A 1161 7.04 -1.69 36.49
N TYR A 1162 6.21 -1.53 35.48
CA TYR A 1162 5.18 -0.50 35.50
C TYR A 1162 3.95 -1.07 36.20
N ASP A 1163 3.62 -0.52 37.36
CA ASP A 1163 2.36 -0.80 38.04
C ASP A 1163 1.65 0.52 38.20
N SER A 1164 0.53 0.69 37.47
CA SER A 1164 -0.20 1.96 37.51
C SER A 1164 -0.60 2.34 38.93
N ARG A 1165 -0.76 1.35 39.81
CA ARG A 1165 -1.08 1.62 41.20
C ARG A 1165 0.02 2.46 41.86
N ASN A 1166 1.27 2.28 41.46
CA ASN A 1166 2.34 3.13 41.97
C ASN A 1166 2.23 4.56 41.46
N TYR A 1167 1.21 4.89 40.68
CA TYR A 1167 0.99 6.22 40.15
C TYR A 1167 -0.34 6.84 40.57
N GLU A 1168 -1.41 6.03 40.67
CA GLU A 1168 -2.72 6.57 41.02
C GLU A 1168 -2.70 7.32 42.35
N ALA A 1169 -1.79 6.95 43.24
CA ALA A 1169 -1.66 7.66 44.51
C ALA A 1169 -1.01 9.03 44.33
N GLN A 1170 -0.17 9.20 43.31
CA GLN A 1170 0.54 10.46 43.12
C GLN A 1170 -0.39 11.56 42.63
N GLU A 1171 -0.21 12.77 43.17
CA GLU A 1171 -0.92 13.92 42.63
C GLU A 1171 -0.41 14.26 41.24
N ASN A 1172 0.88 14.55 41.12
CA ASN A 1172 1.51 14.86 39.85
C ASN A 1172 2.38 13.67 39.45
N ALA A 1173 1.75 12.69 38.80
CA ALA A 1173 2.45 11.53 38.27
C ALA A 1173 2.94 11.81 36.86
N ILE A 1174 4.12 11.26 36.53
CA ILE A 1174 4.69 11.44 35.20
C ILE A 1174 4.25 10.35 34.22
N LEU A 1175 3.47 9.38 34.67
CA LEU A 1175 2.98 8.29 33.85
C LEU A 1175 1.54 8.04 34.14
N PRO A 1176 0.81 7.31 33.29
CA PRO A 1176 -0.60 7.02 33.53
C PRO A 1176 -0.85 6.45 34.92
N LYS A 1177 -2.00 6.82 35.50
CA LYS A 1177 -2.40 6.33 36.82
C LYS A 1177 -3.24 5.07 36.75
N ASN A 1178 -3.82 4.77 35.59
CA ASN A 1178 -4.78 3.67 35.48
C ASN A 1178 -4.88 3.27 34.01
N ALA A 1179 -5.60 2.17 33.77
CA ALA A 1179 -5.79 1.71 32.40
C ALA A 1179 -6.58 2.72 31.57
N ASP A 1180 -7.36 3.59 32.21
CA ASP A 1180 -8.14 4.57 31.48
C ASP A 1180 -7.26 5.74 31.03
N ALA A 1181 -6.50 6.31 31.96
CA ALA A 1181 -5.54 7.35 31.59
C ALA A 1181 -4.50 6.81 30.62
N ASN A 1182 -4.11 5.54 30.78
CA ASN A 1182 -3.20 4.91 29.82
C ASN A 1182 -3.75 4.97 28.41
N GLY A 1183 -5.07 4.82 28.26
CA GLY A 1183 -5.72 4.95 26.98
C GLY A 1183 -5.56 6.34 26.37
N ALA A 1184 -6.03 7.36 27.09
CA ALA A 1184 -5.95 8.72 26.58
C ALA A 1184 -4.51 9.16 26.34
N TYR A 1185 -3.58 8.71 27.18
CA TYR A 1185 -2.17 9.02 26.97
C TYR A 1185 -1.70 8.58 25.59
N ASN A 1186 -2.01 7.35 25.22
CA ASN A 1186 -1.52 6.80 23.97
C ASN A 1186 -2.31 7.34 22.78
N ILE A 1187 -3.61 7.52 22.94
CA ILE A 1187 -4.41 8.21 21.92
C ILE A 1187 -3.74 9.54 21.55
N ALA A 1188 -3.20 10.23 22.54
CA ALA A 1188 -2.53 11.50 22.29
C ALA A 1188 -1.17 11.29 21.66
N ARG A 1189 -0.46 10.22 22.03
CA ARG A 1189 0.87 9.99 21.47
C ARG A 1189 0.79 9.57 20.01
N LYS A 1190 -0.25 8.80 19.66
CA LYS A 1190 -0.48 8.44 18.27
C LYS A 1190 -0.61 9.67 17.38
N VAL A 1191 -1.08 10.79 17.96
CA VAL A 1191 -1.16 12.03 17.20
C VAL A 1191 0.19 12.73 17.18
N LEU A 1192 0.96 12.63 18.28
CA LEU A 1192 2.33 13.14 18.26
C LEU A 1192 3.16 12.47 17.19
N TRP A 1193 2.91 11.18 16.92
CA TRP A 1193 3.53 10.55 15.76
C TRP A 1193 3.16 11.28 14.48
N ALA A 1194 1.87 11.61 14.31
CA ALA A 1194 1.43 12.29 13.11
C ALA A 1194 2.10 13.66 12.98
N ILE A 1195 2.23 14.38 14.10
CA ILE A 1195 2.96 15.65 14.07
C ILE A 1195 4.41 15.41 13.66
N GLY A 1196 4.96 14.25 14.01
CA GLY A 1196 6.30 13.92 13.56
C GLY A 1196 6.37 13.77 12.05
N GLN A 1197 5.32 13.23 11.44
CA GLN A 1197 5.28 13.11 9.98
C GLN A 1197 5.07 14.47 9.32
N PHE A 1198 4.50 15.44 10.03
CA PHE A 1198 4.35 16.77 9.46
C PHE A 1198 5.66 17.53 9.47
N LYS A 1199 6.52 17.27 10.46
CA LYS A 1199 7.78 17.97 10.58
C LYS A 1199 8.77 17.58 9.49
N LYS A 1200 8.51 16.50 8.77
CA LYS A 1200 9.36 16.07 7.67
C LYS A 1200 8.87 16.57 6.33
N ALA A 1201 7.59 16.40 6.04
CA ALA A 1201 7.06 16.69 4.72
C ALA A 1201 6.99 18.20 4.47
N GLU A 1202 6.76 18.55 3.21
CA GLU A 1202 6.73 19.93 2.76
C GLU A 1202 5.29 20.39 2.54
N ASP A 1203 5.08 21.71 2.69
CA ASP A 1203 3.72 22.25 2.82
C ASP A 1203 2.85 21.95 1.60
N GLU A 1204 3.44 21.75 0.43
CA GLU A 1204 2.64 21.35 -0.72
C GLU A 1204 2.14 19.92 -0.57
N LYS A 1205 2.88 19.08 0.15
CA LYS A 1205 2.54 17.67 0.33
C LYS A 1205 2.03 17.36 1.73
N LEU A 1206 1.82 18.38 2.58
CA LEU A 1206 1.33 18.13 3.94
C LEU A 1206 -0.09 17.57 3.93
N ASP A 1207 -0.89 17.95 2.92
CA ASP A 1207 -2.25 17.45 2.79
C ASP A 1207 -2.29 15.94 2.56
N LYS A 1208 -1.27 15.39 1.89
CA LYS A 1208 -1.27 13.99 1.47
C LYS A 1208 -0.62 13.05 2.47
N VAL A 1209 -0.15 13.56 3.62
CA VAL A 1209 0.38 12.69 4.66
C VAL A 1209 -0.75 11.87 5.26
N LYS A 1210 -0.51 10.57 5.43
CA LYS A 1210 -1.48 9.69 6.07
C LYS A 1210 -1.24 9.75 7.58
N ILE A 1211 -2.20 10.32 8.31
CA ILE A 1211 -2.10 10.38 9.76
C ILE A 1211 -2.68 9.14 10.42
N ALA A 1212 -3.39 8.31 9.66
CA ALA A 1212 -3.86 7.02 10.18
C ALA A 1212 -2.64 6.15 10.46
N ILE A 1213 -2.37 5.91 11.74
CA ILE A 1213 -1.24 5.09 12.15
C ILE A 1213 -1.32 3.69 11.57
N SER A 1214 -0.16 3.17 11.17
CA SER A 1214 0.00 1.74 10.94
C SER A 1214 0.31 1.07 12.27
N ASN A 1215 -0.37 -0.06 12.52
CA ASN A 1215 -0.15 -0.78 13.77
C ASN A 1215 1.31 -1.16 13.95
N LYS A 1216 2.05 -1.33 12.86
CA LYS A 1216 3.48 -1.58 12.96
C LYS A 1216 4.28 -0.32 13.27
N GLU A 1217 3.85 0.84 12.77
CA GLU A 1217 4.60 2.08 13.00
C GLU A 1217 4.50 2.53 14.45
N TRP A 1218 3.36 2.28 15.10
CA TRP A 1218 3.11 2.77 16.45
C TRP A 1218 3.91 2.00 17.50
N LEU A 1219 4.23 0.73 17.23
CA LEU A 1219 4.99 -0.04 18.20
C LEU A 1219 6.46 0.40 18.23
N GLU A 1220 7.04 0.65 17.05
CA GLU A 1220 8.42 1.12 17.03
C GLU A 1220 8.55 2.49 17.67
N TYR A 1221 7.46 3.25 17.67
CA TYR A 1221 7.44 4.57 18.30
C TYR A 1221 7.29 4.48 19.82
N ALA A 1222 6.36 3.63 20.29
CA ALA A 1222 6.14 3.50 21.72
C ALA A 1222 7.34 2.90 22.43
N GLN A 1223 8.14 2.07 21.73
CA GLN A 1223 9.30 1.42 22.32
C GLN A 1223 10.57 2.25 22.22
N THR A 1224 10.62 3.22 21.31
CA THR A 1224 11.77 4.10 21.19
C THR A 1224 11.63 5.36 22.03
N SER A 1225 10.41 5.79 22.34
CA SER A 1225 10.21 7.01 23.12
C SER A 1225 10.75 6.92 24.54
N VAL A 1226 11.22 5.74 24.97
CA VAL A 1226 11.78 5.56 26.31
C VAL A 1226 12.97 4.62 26.26
N MET E 1 55.11 13.02 -16.96
CA MET E 1 55.74 14.18 -17.58
C MET E 1 55.96 14.00 -19.08
N SER E 2 57.09 13.39 -19.45
CA SER E 2 57.57 13.50 -20.82
C SER E 2 56.59 12.89 -21.82
N LYS E 3 56.12 11.68 -21.53
CA LYS E 3 55.32 10.96 -22.53
C LYS E 3 53.93 11.58 -22.70
N LEU E 4 53.25 11.90 -21.59
CA LEU E 4 51.82 12.25 -21.66
C LEU E 4 51.56 13.56 -22.41
N GLU E 5 52.43 14.57 -22.29
CA GLU E 5 52.10 15.87 -22.87
C GLU E 5 51.82 15.78 -24.36
N LYS E 6 52.43 14.81 -25.03
CA LYS E 6 52.22 14.67 -26.48
C LYS E 6 50.78 14.29 -26.81
N PHE E 7 50.11 13.53 -25.94
CA PHE E 7 48.75 13.04 -26.22
C PHE E 7 47.71 13.99 -25.67
N THR E 8 47.42 15.04 -26.44
CA THR E 8 46.25 15.89 -26.23
C THR E 8 45.65 16.24 -27.58
N ASN E 9 44.33 16.46 -27.59
CA ASN E 9 43.60 16.89 -28.79
C ASN E 9 43.77 15.88 -29.93
N CYS E 10 43.68 14.59 -29.58
CA CYS E 10 43.96 13.52 -30.55
C CYS E 10 42.75 13.11 -31.38
N TYR E 11 41.59 12.92 -30.76
CA TYR E 11 40.41 12.55 -31.52
C TYR E 11 39.15 13.12 -30.87
N SER E 12 38.02 12.93 -31.55
CA SER E 12 36.75 13.52 -31.18
C SER E 12 35.84 12.49 -30.53
N LEU E 13 35.23 12.85 -29.41
CA LEU E 13 34.24 12.00 -28.77
C LEU E 13 33.20 12.87 -28.09
N SER E 14 32.03 12.29 -27.86
CA SER E 14 30.90 12.96 -27.23
C SER E 14 30.59 12.32 -25.88
N LYS E 15 30.11 13.14 -24.95
CA LYS E 15 29.60 12.68 -23.67
C LYS E 15 28.29 13.41 -23.37
N THR E 16 27.68 13.06 -22.25
CA THR E 16 26.42 13.68 -21.84
C THR E 16 26.53 14.11 -20.39
N LEU E 17 26.22 15.37 -20.14
CA LEU E 17 26.13 15.91 -18.79
C LEU E 17 24.68 15.90 -18.33
N ARG E 18 24.46 15.48 -17.09
CA ARG E 18 23.11 15.35 -16.55
C ARG E 18 22.88 16.39 -15.47
N PHE E 19 21.64 16.88 -15.38
CA PHE E 19 21.31 17.95 -14.46
C PHE E 19 19.84 17.91 -14.06
N LYS E 20 19.57 18.25 -12.81
CA LYS E 20 18.24 18.48 -12.29
C LYS E 20 17.76 19.88 -12.63
N ALA E 21 16.53 20.00 -13.12
CA ALA E 21 15.92 21.30 -13.41
C ALA E 21 15.01 21.68 -12.27
N ILE E 22 15.19 22.89 -11.75
CA ILE E 22 14.39 23.36 -10.62
C ILE E 22 13.51 24.50 -11.13
N PRO E 23 12.19 24.40 -10.99
CA PRO E 23 11.32 25.41 -11.60
C PRO E 23 11.45 26.76 -10.91
N VAL E 24 11.44 27.82 -11.71
CA VAL E 24 11.64 29.17 -11.23
C VAL E 24 10.29 29.87 -11.17
N GLY E 25 9.98 30.41 -10.00
CA GLY E 25 8.78 31.22 -9.87
C GLY E 25 7.51 30.43 -10.12
N LYS E 26 6.60 31.02 -10.92
CA LYS E 26 5.30 30.44 -11.22
C LYS E 26 5.36 29.32 -12.26
N THR E 27 6.56 28.86 -12.62
CA THR E 27 6.71 27.88 -13.70
C THR E 27 5.90 26.62 -13.42
N GLN E 28 6.11 26.01 -12.25
CA GLN E 28 5.38 24.79 -11.91
C GLN E 28 3.90 25.07 -11.70
N GLU E 29 3.54 26.29 -11.31
CA GLU E 29 2.13 26.64 -11.20
C GLU E 29 1.46 26.63 -12.56
N ASN E 30 2.11 27.22 -13.57
CA ASN E 30 1.52 27.28 -14.89
C ASN E 30 1.59 25.93 -15.61
N ILE E 31 2.61 25.13 -15.33
CA ILE E 31 2.73 23.84 -16.01
C ILE E 31 1.64 22.88 -15.55
N ASP E 32 1.29 22.91 -14.26
CA ASP E 32 0.24 22.03 -13.77
C ASP E 32 -1.14 22.51 -14.24
N ASN E 33 -1.42 23.81 -14.12
CA ASN E 33 -2.73 24.31 -14.54
C ASN E 33 -2.98 24.07 -16.01
N LYS E 34 -1.92 24.11 -16.84
CA LYS E 34 -2.06 23.86 -18.26
C LYS E 34 -2.00 22.38 -18.61
N ARG E 35 -1.86 21.50 -17.61
CA ARG E 35 -1.89 20.05 -17.79
C ARG E 35 -0.85 19.59 -18.81
N LEU E 36 0.32 20.20 -18.80
CA LEU E 36 1.33 19.88 -19.80
C LEU E 36 1.97 18.51 -19.53
N LEU E 37 2.20 18.19 -18.26
CA LEU E 37 2.84 16.92 -17.93
C LEU E 37 1.93 15.74 -18.27
N VAL E 38 0.64 15.84 -17.91
CA VAL E 38 -0.28 14.73 -18.13
C VAL E 38 -0.40 14.40 -19.61
N GLU E 39 -0.25 15.40 -20.48
CA GLU E 39 -0.25 15.13 -21.91
C GLU E 39 0.99 14.33 -22.31
N ASP E 40 2.14 14.68 -21.76
CA ASP E 40 3.36 13.94 -22.09
C ASP E 40 3.39 12.55 -21.46
N GLU E 41 2.76 12.38 -20.30
CA GLU E 41 2.60 11.04 -19.74
C GLU E 41 1.77 10.16 -20.67
N LYS E 42 0.59 10.63 -21.07
CA LYS E 42 -0.23 9.89 -22.03
C LYS E 42 0.49 9.72 -23.35
N ARG E 43 1.39 10.65 -23.70
CA ARG E 43 2.11 10.54 -24.96
C ARG E 43 3.19 9.46 -24.90
N ALA E 44 4.04 9.50 -23.86
CA ALA E 44 5.09 8.51 -23.74
C ALA E 44 4.51 7.12 -23.59
N GLU E 45 3.29 7.01 -23.09
CA GLU E 45 2.60 5.73 -23.06
C GLU E 45 2.12 5.36 -24.46
N ASP E 46 1.50 6.31 -25.17
CA ASP E 46 1.06 6.08 -26.54
C ASP E 46 2.23 5.94 -27.49
N TYR E 47 3.39 6.52 -27.16
CA TYR E 47 4.54 6.43 -28.04
C TYR E 47 5.03 4.98 -28.18
N LYS E 48 4.98 4.21 -27.08
CA LYS E 48 5.32 2.79 -27.16
C LYS E 48 4.21 2.02 -27.88
N GLY E 49 2.96 2.48 -27.73
CA GLY E 49 1.86 1.76 -28.34
C GLY E 49 1.93 1.80 -29.86
N VAL E 50 2.13 2.99 -30.43
CA VAL E 50 2.31 3.10 -31.87
C VAL E 50 3.53 2.30 -32.33
N LYS E 51 4.61 2.33 -31.55
CA LYS E 51 5.81 1.60 -31.91
C LYS E 51 5.57 0.10 -31.95
N LYS E 52 4.79 -0.42 -30.99
CA LYS E 52 4.44 -1.83 -31.02
C LYS E 52 3.74 -2.18 -32.32
N LEU E 53 2.80 -1.34 -32.74
CA LEU E 53 2.12 -1.54 -34.02
C LEU E 53 3.05 -1.29 -35.19
N LEU E 54 3.91 -0.27 -35.10
CA LEU E 54 4.85 0.00 -36.18
C LEU E 54 5.76 -1.20 -36.43
N ASP E 55 6.15 -1.91 -35.37
CA ASP E 55 6.93 -3.13 -35.55
C ASP E 55 6.13 -4.20 -36.27
N ARG E 56 4.82 -4.26 -36.01
CA ARG E 56 3.98 -5.25 -36.67
C ARG E 56 4.04 -5.12 -38.18
N TYR E 57 3.93 -3.89 -38.70
CA TYR E 57 4.02 -3.72 -40.15
C TYR E 57 5.42 -4.03 -40.66
N TYR E 58 6.46 -3.56 -39.95
CA TYR E 58 7.81 -3.90 -40.35
C TYR E 58 8.01 -5.41 -40.39
N LEU E 59 7.62 -6.11 -39.32
CA LEU E 59 7.77 -7.56 -39.28
C LEU E 59 7.04 -8.23 -40.45
N SER E 60 5.87 -7.69 -40.82
CA SER E 60 5.17 -8.20 -42.00
C SER E 60 5.96 -7.90 -43.27
N PHE E 61 6.48 -6.67 -43.39
CA PHE E 61 7.33 -6.34 -44.54
C PHE E 61 8.62 -7.15 -44.51
N ILE E 62 9.15 -7.42 -43.31
CA ILE E 62 10.39 -8.18 -43.20
C ILE E 62 10.21 -9.62 -43.67
N ASN E 63 9.11 -10.27 -43.27
CA ASN E 63 8.95 -11.69 -43.55
C ASN E 63 8.55 -11.97 -44.99
N ASP E 64 7.88 -11.03 -45.66
CA ASP E 64 7.44 -11.27 -47.03
C ASP E 64 8.61 -11.52 -47.97
N VAL E 65 9.69 -10.76 -47.80
CA VAL E 65 10.86 -10.98 -48.64
C VAL E 65 11.64 -12.21 -48.19
N LEU E 66 11.79 -12.39 -46.88
CA LEU E 66 12.60 -13.50 -46.37
C LEU E 66 11.98 -14.84 -46.73
N HIS E 67 10.65 -14.90 -46.88
CA HIS E 67 10.03 -16.10 -47.42
C HIS E 67 10.43 -16.33 -48.87
N SER E 68 10.43 -15.26 -49.68
CA SER E 68 10.55 -15.39 -51.11
C SER E 68 11.99 -15.28 -51.60
N ILE E 69 12.93 -15.10 -50.69
CA ILE E 69 14.32 -14.95 -51.10
C ILE E 69 14.93 -16.32 -51.37
N LYS E 70 15.74 -16.38 -52.42
CA LYS E 70 16.65 -17.50 -52.65
C LYS E 70 18.03 -16.90 -52.79
N LEU E 71 18.99 -17.44 -52.06
CA LEU E 71 20.34 -16.88 -52.02
C LEU E 71 21.14 -17.50 -53.15
N LYS E 72 21.61 -16.67 -54.07
CA LYS E 72 22.37 -17.17 -55.22
C LYS E 72 23.69 -17.74 -54.74
N ASN E 73 24.08 -18.85 -55.37
CA ASN E 73 25.38 -19.50 -55.18
C ASN E 73 25.64 -19.78 -53.70
N LEU E 74 24.64 -20.32 -53.01
CA LEU E 74 24.85 -20.71 -51.62
C LEU E 74 25.80 -21.89 -51.53
N ASN E 75 25.63 -22.89 -52.40
CA ASN E 75 26.56 -24.00 -52.41
C ASN E 75 27.96 -23.51 -52.73
N ASN E 76 28.05 -22.51 -53.61
CA ASN E 76 29.33 -21.89 -53.95
C ASN E 76 29.99 -21.26 -52.73
N TYR E 77 29.20 -20.56 -51.91
CA TYR E 77 29.74 -19.86 -50.74
C TYR E 77 30.33 -20.83 -49.71
N ILE E 78 29.64 -21.93 -49.44
CA ILE E 78 30.08 -22.86 -48.39
C ILE E 78 31.43 -23.47 -48.73
N SER E 79 31.67 -23.76 -50.01
CA SER E 79 32.90 -24.42 -50.42
C SER E 79 34.13 -23.68 -49.90
N LEU E 80 34.25 -22.40 -50.22
CA LEU E 80 35.41 -21.64 -49.75
C LEU E 80 35.38 -21.42 -48.25
N PHE E 81 34.21 -21.50 -47.62
CA PHE E 81 34.15 -21.35 -46.17
C PHE E 81 34.71 -22.57 -45.44
N ARG E 82 34.69 -23.75 -46.06
CA ARG E 82 35.22 -24.96 -45.44
C ARG E 82 36.52 -25.40 -46.10
N LYS E 83 37.24 -24.46 -46.71
CA LYS E 83 38.56 -24.73 -47.24
C LYS E 83 39.58 -24.55 -46.12
N LYS E 84 40.25 -25.64 -45.74
CA LYS E 84 41.30 -25.62 -44.73
C LYS E 84 42.61 -25.07 -45.26
N THR E 85 42.62 -24.50 -46.48
CA THR E 85 43.84 -24.06 -47.12
C THR E 85 43.53 -22.94 -48.12
N ARG E 86 43.21 -21.76 -47.59
CA ARG E 86 43.07 -20.54 -48.38
C ARG E 86 44.35 -19.72 -48.29
N THR E 87 44.53 -18.83 -49.27
CA THR E 87 45.65 -17.91 -49.30
C THR E 87 45.18 -16.52 -48.88
N GLU E 88 46.15 -15.60 -48.76
CA GLU E 88 45.81 -14.21 -48.48
C GLU E 88 45.05 -13.55 -49.62
N LYS E 89 44.90 -14.22 -50.76
CA LYS E 89 44.10 -13.73 -51.87
C LYS E 89 42.75 -14.44 -51.99
N GLU E 90 42.66 -15.70 -51.54
CA GLU E 90 41.35 -16.34 -51.47
C GLU E 90 40.59 -15.91 -50.21
N ASN E 91 41.31 -15.53 -49.16
CA ASN E 91 40.65 -14.91 -48.01
C ASN E 91 39.92 -13.65 -48.40
N LYS E 92 40.51 -12.84 -49.28
CA LYS E 92 39.84 -11.67 -49.83
C LYS E 92 38.77 -12.06 -50.85
N GLU E 93 38.71 -13.32 -51.25
CA GLU E 93 37.74 -13.80 -52.21
C GLU E 93 36.43 -14.23 -51.54
N LEU E 94 36.53 -14.90 -50.40
CA LEU E 94 35.35 -15.26 -49.62
C LEU E 94 34.65 -14.03 -49.07
N GLU E 95 35.40 -13.01 -48.69
CA GLU E 95 34.81 -11.77 -48.21
C GLU E 95 33.90 -11.14 -49.27
N ASN E 96 34.39 -11.03 -50.51
CA ASN E 96 33.59 -10.39 -51.56
C ASN E 96 32.31 -11.16 -51.83
N LEU E 97 32.31 -12.48 -51.61
CA LEU E 97 31.06 -13.22 -51.65
C LEU E 97 30.19 -12.89 -50.45
N GLU E 98 30.80 -12.82 -49.27
CA GLU E 98 30.05 -12.46 -48.06
C GLU E 98 29.43 -11.08 -48.17
N ILE E 99 30.10 -10.15 -48.85
CA ILE E 99 29.53 -8.82 -49.03
C ILE E 99 28.35 -8.89 -50.00
N ASN E 100 28.47 -9.71 -51.04
CA ASN E 100 27.42 -9.80 -52.05
C ASN E 100 26.20 -10.54 -51.52
N LEU E 101 26.40 -11.47 -50.58
CA LEU E 101 25.27 -12.14 -49.95
C LEU E 101 24.49 -11.18 -49.06
N ARG E 102 25.19 -10.32 -48.31
CA ARG E 102 24.49 -9.31 -47.53
C ARG E 102 23.78 -8.31 -48.44
N LYS E 103 24.43 -7.91 -49.53
CA LYS E 103 23.78 -7.03 -50.51
C LYS E 103 22.54 -7.70 -51.09
N GLU E 104 22.65 -9.00 -51.40
CA GLU E 104 21.52 -9.72 -51.99
C GLU E 104 20.29 -9.65 -51.11
N ILE E 105 20.46 -9.81 -49.79
CA ILE E 105 19.33 -9.68 -48.88
C ILE E 105 18.90 -8.22 -48.76
N ALA E 106 19.88 -7.30 -48.74
CA ALA E 106 19.57 -5.90 -48.47
C ALA E 106 18.74 -5.28 -49.59
N LYS E 107 19.20 -5.42 -50.84
CA LYS E 107 18.50 -4.81 -51.95
C LYS E 107 17.14 -5.44 -52.20
N ALA E 108 16.93 -6.68 -51.75
CA ALA E 108 15.63 -7.31 -51.88
C ALA E 108 14.58 -6.62 -51.01
N PHE E 109 15.01 -6.02 -49.90
CA PHE E 109 14.11 -5.23 -49.07
C PHE E 109 13.69 -3.92 -49.74
N LYS E 110 14.52 -3.38 -50.61
CA LYS E 110 14.30 -2.06 -51.25
C LYS E 110 13.73 -2.11 -52.68
N GLY E 111 12.68 -2.85 -53.04
CA GLY E 111 11.90 -3.73 -52.20
C GLY E 111 10.54 -4.14 -52.70
N ASN E 112 9.76 -4.80 -51.83
CA ASN E 112 8.42 -5.22 -52.19
C ASN E 112 7.56 -4.01 -52.54
N GLU E 113 7.42 -3.07 -51.61
CA GLU E 113 6.72 -1.82 -51.83
C GLU E 113 7.72 -0.70 -52.13
N GLY E 114 7.32 0.54 -51.86
CA GLY E 114 8.25 1.66 -51.85
C GLY E 114 8.87 1.70 -50.48
N TYR E 115 10.09 1.16 -50.36
CA TYR E 115 10.70 0.96 -49.06
C TYR E 115 10.95 2.27 -48.33
N LYS E 116 11.41 3.30 -49.06
CA LYS E 116 11.83 4.55 -48.43
C LYS E 116 10.70 5.25 -47.69
N SER E 117 9.45 4.95 -48.04
CA SER E 117 8.31 5.57 -47.37
C SER E 117 8.01 4.96 -46.01
N LEU E 118 8.73 3.90 -45.61
CA LEU E 118 8.57 3.32 -44.28
C LEU E 118 9.14 4.22 -43.19
N PHE E 119 9.93 5.22 -43.56
CA PHE E 119 10.65 6.05 -42.59
C PHE E 119 10.37 7.52 -42.80
N LYS E 120 9.26 7.84 -43.45
CA LYS E 120 8.76 9.19 -43.59
C LYS E 120 7.39 9.26 -42.92
N LYS E 121 6.75 10.43 -43.01
CA LYS E 121 5.44 10.62 -42.39
C LYS E 121 4.38 9.72 -43.00
N ASP E 122 4.63 9.13 -44.17
CA ASP E 122 3.61 8.34 -44.85
C ASP E 122 3.19 7.14 -44.04
N ILE E 123 4.15 6.49 -43.36
CA ILE E 123 3.83 5.24 -42.66
C ILE E 123 2.87 5.48 -41.51
N ILE E 124 2.93 6.64 -40.86
CA ILE E 124 2.05 6.92 -39.73
C ILE E 124 0.71 7.49 -40.19
N GLU E 125 0.73 8.31 -41.24
CA GLU E 125 -0.52 8.87 -41.75
C GLU E 125 -1.27 7.88 -42.63
N THR E 126 -0.55 7.04 -43.37
CA THR E 126 -1.15 6.27 -44.45
C THR E 126 -0.97 4.77 -44.27
N ILE E 127 0.26 4.26 -44.36
CA ILE E 127 0.46 2.82 -44.56
C ILE E 127 -0.07 2.03 -43.36
N LEU E 128 0.33 2.40 -42.15
CA LEU E 128 -0.13 1.67 -40.97
C LEU E 128 -1.63 1.76 -40.77
N PRO E 129 -2.30 2.90 -40.96
CA PRO E 129 -3.77 2.89 -40.91
C PRO E 129 -4.43 1.96 -41.92
N GLU E 130 -3.85 1.81 -43.12
CA GLU E 130 -4.43 0.88 -44.09
C GLU E 130 -4.21 -0.56 -43.65
N PHE E 131 -3.00 -0.87 -43.17
CA PHE E 131 -2.69 -2.22 -42.72
C PHE E 131 -3.56 -2.61 -41.53
N LEU E 132 -3.71 -1.72 -40.57
CA LEU E 132 -4.43 -2.05 -39.34
C LEU E 132 -5.90 -2.31 -39.62
N ASP E 133 -6.46 -3.24 -38.86
CA ASP E 133 -7.87 -3.58 -38.95
C ASP E 133 -8.62 -3.25 -37.68
N ASP E 134 -7.90 -2.88 -36.61
CA ASP E 134 -8.53 -2.44 -35.38
C ASP E 134 -8.89 -0.96 -35.49
N LYS E 135 -10.06 -0.60 -34.96
CA LYS E 135 -10.51 0.79 -34.97
C LYS E 135 -9.91 1.62 -33.84
N ASP E 136 -9.46 0.99 -32.76
CA ASP E 136 -8.87 1.73 -31.64
C ASP E 136 -7.40 2.03 -31.86
N GLU E 137 -6.63 1.02 -32.28
CA GLU E 137 -5.24 1.26 -32.67
C GLU E 137 -5.16 2.29 -33.79
N ILE E 138 -6.18 2.35 -34.62
CA ILE E 138 -6.27 3.40 -35.64
C ILE E 138 -6.37 4.77 -34.98
N ALA E 139 -7.09 4.84 -33.86
CA ALA E 139 -7.24 6.12 -33.17
C ALA E 139 -5.97 6.52 -32.42
N LEU E 140 -5.09 5.57 -32.14
CA LEU E 140 -3.82 5.88 -31.50
C LEU E 140 -2.74 6.26 -32.51
N VAL E 141 -2.84 5.80 -33.76
CA VAL E 141 -1.90 6.23 -34.77
C VAL E 141 -2.29 7.58 -35.34
N ASN E 142 -3.58 7.92 -35.34
CA ASN E 142 -4.00 9.21 -35.87
C ASN E 142 -3.64 10.35 -34.94
N SER E 143 -3.69 10.12 -33.62
CA SER E 143 -3.39 11.18 -32.66
C SER E 143 -1.97 11.70 -32.83
N PHE E 144 -1.08 10.92 -33.42
CA PHE E 144 0.29 11.38 -33.64
C PHE E 144 0.45 12.15 -34.95
N ASN E 145 -0.64 12.42 -35.67
CA ASN E 145 -0.53 13.27 -36.86
C ASN E 145 -0.17 14.68 -36.46
N GLY E 146 0.70 15.29 -37.25
CA GLY E 146 1.31 16.55 -36.86
C GLY E 146 2.53 16.39 -36.01
N PHE E 147 2.87 15.15 -35.64
CA PHE E 147 3.92 14.87 -34.68
C PHE E 147 4.91 13.83 -35.21
N THR E 148 4.95 13.62 -36.53
CA THR E 148 5.65 12.47 -37.09
C THR E 148 7.17 12.60 -37.05
N THR E 149 7.72 13.75 -36.66
CA THR E 149 9.17 13.85 -36.54
C THR E 149 9.69 13.31 -35.22
N ALA E 150 8.83 13.15 -34.21
CA ALA E 150 9.20 12.52 -32.95
C ALA E 150 9.61 11.07 -33.11
N PHE E 151 9.48 10.50 -34.31
CA PHE E 151 9.86 9.12 -34.60
C PHE E 151 11.18 9.01 -35.36
N THR E 152 11.80 10.13 -35.74
CA THR E 152 12.97 10.05 -36.61
C THR E 152 14.08 9.21 -35.99
N GLY E 153 14.28 9.32 -34.67
CA GLY E 153 15.24 8.46 -34.00
C GLY E 153 14.80 7.01 -33.96
N PHE E 154 13.48 6.77 -33.92
CA PHE E 154 12.97 5.42 -34.03
C PHE E 154 13.13 4.89 -35.45
N PHE E 155 13.05 5.79 -36.45
CA PHE E 155 13.24 5.37 -37.83
C PHE E 155 14.70 4.99 -38.09
N ASP E 156 15.64 5.68 -37.45
CA ASP E 156 17.04 5.31 -37.56
C ASP E 156 17.27 3.90 -37.00
N ASN E 157 16.64 3.59 -35.87
CA ASN E 157 16.77 2.26 -35.28
C ASN E 157 16.23 1.18 -36.20
N ARG E 158 15.37 1.54 -37.16
CA ARG E 158 14.73 0.57 -38.05
C ARG E 158 15.38 0.51 -39.42
N GLU E 159 15.99 1.60 -39.88
CA GLU E 159 16.77 1.55 -41.11
C GLU E 159 18.03 0.71 -40.96
N ASN E 160 18.57 0.61 -39.74
CA ASN E 160 19.70 -0.29 -39.49
C ASN E 160 19.36 -1.72 -39.86
N MET E 161 18.09 -2.10 -39.71
CA MET E 161 17.69 -3.48 -39.98
C MET E 161 17.92 -3.87 -41.44
N PHE E 162 17.90 -2.91 -42.36
CA PHE E 162 18.05 -3.23 -43.77
C PHE E 162 19.41 -2.84 -44.32
N SER E 163 20.39 -2.57 -43.46
CA SER E 163 21.72 -2.25 -43.95
C SER E 163 22.39 -3.50 -44.52
N GLU E 164 23.32 -3.29 -45.44
CA GLU E 164 24.08 -4.39 -46.02
C GLU E 164 25.40 -4.63 -45.29
N GLU E 165 25.85 -3.69 -44.48
CA GLU E 165 27.16 -3.78 -43.87
C GLU E 165 27.14 -4.79 -42.71
N ALA E 166 28.33 -5.18 -42.27
CA ALA E 166 28.48 -6.08 -41.12
C ALA E 166 28.25 -5.29 -39.83
N LYS E 167 26.99 -4.97 -39.60
CA LYS E 167 26.57 -4.22 -38.42
C LYS E 167 25.64 -5.07 -37.57
N SER E 168 25.73 -4.87 -36.25
CA SER E 168 25.04 -5.76 -35.30
C SER E 168 23.54 -5.68 -35.45
N THR E 169 23.00 -4.57 -35.96
CA THR E 169 21.56 -4.39 -36.08
C THR E 169 21.02 -4.75 -37.46
N SER E 170 21.86 -5.28 -38.35
CA SER E 170 21.42 -5.64 -39.70
C SER E 170 20.76 -7.02 -39.71
N ILE E 171 19.68 -7.15 -40.48
CA ILE E 171 19.09 -8.47 -40.71
C ILE E 171 19.99 -9.32 -41.58
N ALA E 172 20.56 -8.74 -42.65
CA ALA E 172 21.48 -9.49 -43.50
C ALA E 172 22.67 -9.99 -42.70
N PHE E 173 23.14 -9.17 -41.76
CA PHE E 173 24.19 -9.61 -40.85
C PHE E 173 23.74 -10.81 -40.04
N ARG E 174 22.51 -10.78 -39.52
CA ARG E 174 22.02 -11.88 -38.69
C ARG E 174 21.89 -13.16 -39.50
N CYS E 175 21.26 -13.08 -40.67
CA CYS E 175 21.03 -14.28 -41.46
C CYS E 175 22.33 -14.90 -41.95
N ILE E 176 23.28 -14.07 -42.42
CA ILE E 176 24.50 -14.53 -43.08
C ILE E 176 25.70 -14.52 -42.14
N ASN E 177 25.99 -13.39 -41.51
CA ASN E 177 27.20 -13.32 -40.68
C ASN E 177 27.07 -14.18 -39.42
N GLU E 178 25.87 -14.25 -38.83
CA GLU E 178 25.67 -14.99 -37.58
C GLU E 178 25.00 -16.34 -37.81
N ASN E 179 23.82 -16.35 -38.41
CA ASN E 179 23.06 -17.60 -38.56
C ASN E 179 23.83 -18.59 -39.45
N LEU E 180 24.42 -18.14 -40.55
CA LEU E 180 25.10 -19.07 -41.46
C LEU E 180 26.30 -19.72 -40.83
N THR E 181 27.20 -18.94 -40.24
CA THR E 181 28.41 -19.58 -39.76
C THR E 181 28.08 -20.68 -38.76
N ARG E 182 27.09 -20.45 -37.89
CA ARG E 182 26.63 -21.50 -36.99
C ARG E 182 25.97 -22.65 -37.76
N TYR E 183 25.26 -22.33 -38.84
CA TYR E 183 24.66 -23.37 -39.67
C TYR E 183 25.74 -24.20 -40.37
N ILE E 184 26.76 -23.53 -40.91
CA ILE E 184 27.89 -24.24 -41.52
C ILE E 184 28.66 -25.03 -40.48
N SER E 185 28.88 -24.45 -39.29
CA SER E 185 29.61 -25.15 -38.24
C SER E 185 28.90 -26.45 -37.87
N ASN E 186 27.57 -26.42 -37.84
CA ASN E 186 26.80 -27.64 -37.64
C ASN E 186 27.01 -28.63 -38.77
N MET E 187 27.22 -28.13 -40.00
CA MET E 187 27.45 -29.03 -41.13
C MET E 187 28.72 -29.84 -40.97
N ASP E 188 29.75 -29.27 -40.33
CA ASP E 188 30.96 -30.03 -40.03
C ASP E 188 30.76 -30.96 -38.83
N ILE E 189 29.89 -30.58 -37.89
CA ILE E 189 29.69 -31.43 -36.72
C ILE E 189 28.76 -32.59 -37.05
N PHE E 190 27.78 -32.37 -37.94
CA PHE E 190 26.95 -33.47 -38.41
C PHE E 190 27.79 -34.61 -38.97
N GLU E 191 28.76 -34.29 -39.82
CA GLU E 191 29.56 -35.32 -40.47
C GLU E 191 30.38 -36.11 -39.45
N LYS E 192 30.95 -35.44 -38.46
CA LYS E 192 31.80 -36.11 -37.49
C LYS E 192 31.00 -37.01 -36.55
N VAL E 193 29.72 -36.70 -36.31
CA VAL E 193 28.95 -37.37 -35.28
C VAL E 193 27.69 -38.03 -35.83
N ASP E 194 27.56 -38.10 -37.15
CA ASP E 194 26.41 -38.79 -37.73
C ASP E 194 26.49 -40.30 -37.49
N ALA E 195 27.69 -40.82 -37.18
CA ALA E 195 27.86 -42.26 -37.01
C ALA E 195 27.05 -42.81 -35.83
N ILE E 196 26.81 -41.99 -34.80
CA ILE E 196 26.30 -42.50 -33.53
C ILE E 196 24.77 -42.44 -33.44
N PHE E 197 24.10 -42.18 -34.56
CA PHE E 197 22.66 -41.91 -34.53
C PHE E 197 21.85 -43.11 -35.01
N ASP E 198 21.19 -43.77 -34.04
CA ASP E 198 20.21 -44.81 -34.31
C ASP E 198 19.23 -44.34 -35.38
N LYS E 199 18.79 -45.29 -36.23
CA LYS E 199 17.84 -44.94 -37.28
C LYS E 199 16.42 -44.67 -36.74
N HIS E 200 16.07 -45.22 -35.58
CA HIS E 200 14.80 -44.84 -34.97
C HIS E 200 14.86 -43.41 -34.44
N GLU E 201 16.02 -43.00 -33.92
CA GLU E 201 16.19 -41.63 -33.47
C GLU E 201 16.07 -40.65 -34.64
N VAL E 202 16.60 -41.03 -35.81
CA VAL E 202 16.43 -40.22 -37.02
C VAL E 202 14.95 -40.09 -37.37
N GLN E 203 14.24 -41.23 -37.42
CA GLN E 203 12.82 -41.18 -37.76
C GLN E 203 11.99 -40.53 -36.66
N GLU E 204 12.41 -40.64 -35.40
CA GLU E 204 11.67 -39.99 -34.32
C GLU E 204 11.69 -38.48 -34.50
N ILE E 205 12.87 -37.91 -34.72
CA ILE E 205 12.95 -36.48 -34.96
C ILE E 205 12.27 -36.11 -36.27
N LYS E 206 12.25 -37.04 -37.23
CA LYS E 206 11.51 -36.78 -38.46
C LYS E 206 10.01 -36.83 -38.21
N GLU E 207 9.55 -37.83 -37.45
CA GLU E 207 8.14 -37.93 -37.12
C GLU E 207 7.72 -36.87 -36.10
N LYS E 208 8.47 -36.74 -35.01
CA LYS E 208 8.02 -35.89 -33.91
C LYS E 208 8.35 -34.42 -34.13
N ILE E 209 9.41 -34.10 -34.86
CA ILE E 209 9.85 -32.74 -35.05
C ILE E 209 9.67 -32.27 -36.50
N LEU E 210 10.00 -33.11 -37.47
CA LEU E 210 9.97 -32.72 -38.87
C LEU E 210 8.66 -33.02 -39.60
N ASN E 211 7.79 -33.87 -39.04
CA ASN E 211 6.46 -34.17 -39.59
C ASN E 211 6.55 -34.96 -40.90
N SER E 212 7.64 -35.71 -41.09
CA SER E 212 7.85 -36.60 -42.24
C SER E 212 8.00 -35.84 -43.54
N ASP E 213 8.08 -34.52 -43.49
CA ASP E 213 8.23 -33.71 -44.69
C ASP E 213 9.69 -33.54 -45.09
N TYR E 214 10.62 -33.65 -44.14
CA TYR E 214 12.03 -33.50 -44.43
C TYR E 214 12.83 -34.53 -43.66
N ASP E 215 13.91 -35.00 -44.26
CA ASP E 215 14.88 -35.80 -43.52
C ASP E 215 15.74 -34.89 -42.65
N VAL E 216 16.39 -35.50 -41.67
CA VAL E 216 17.26 -34.71 -40.80
C VAL E 216 18.48 -34.23 -41.56
N GLU E 217 18.95 -35.02 -42.52
CA GLU E 217 20.12 -34.61 -43.29
C GLU E 217 19.85 -33.33 -44.09
N ASP E 218 18.59 -33.06 -44.43
CA ASP E 218 18.28 -31.88 -45.24
C ASP E 218 18.71 -30.60 -44.55
N PHE E 219 18.47 -30.49 -43.24
CA PHE E 219 18.82 -29.26 -42.53
C PHE E 219 20.31 -29.11 -42.29
N PHE E 220 21.13 -29.96 -42.89
CA PHE E 220 22.57 -29.78 -42.90
C PHE E 220 23.14 -29.78 -44.32
N GLU E 221 22.29 -29.95 -45.33
CA GLU E 221 22.68 -29.73 -46.71
C GLU E 221 22.65 -28.23 -47.03
N GLY E 222 23.46 -27.83 -48.01
CA GLY E 222 23.56 -26.42 -48.33
C GLY E 222 22.25 -25.80 -48.78
N GLU E 223 21.46 -26.54 -49.57
CA GLU E 223 20.33 -25.93 -50.26
C GLU E 223 19.14 -25.64 -49.36
N PHE E 224 19.15 -26.09 -48.11
CA PHE E 224 18.04 -25.86 -47.20
C PHE E 224 18.22 -24.66 -46.28
N PHE E 225 19.28 -23.86 -46.48
CA PHE E 225 19.48 -22.71 -45.60
C PHE E 225 18.29 -21.78 -45.60
N ASN E 226 17.67 -21.64 -46.78
CA ASN E 226 16.64 -20.64 -46.98
C ASN E 226 15.42 -20.89 -46.10
N PHE E 227 15.28 -22.09 -45.55
CA PHE E 227 14.19 -22.37 -44.63
C PHE E 227 14.38 -21.68 -43.28
N VAL E 228 15.63 -21.51 -42.84
CA VAL E 228 15.90 -21.09 -41.48
C VAL E 228 16.09 -19.57 -41.38
N LEU E 229 15.81 -18.85 -42.47
CA LEU E 229 15.93 -17.40 -42.47
C LEU E 229 14.82 -16.72 -41.66
N THR E 230 13.76 -17.44 -41.34
CA THR E 230 12.67 -16.92 -40.53
C THR E 230 12.67 -17.58 -39.17
N GLN E 231 11.90 -16.98 -38.24
CA GLN E 231 11.76 -17.57 -36.91
C GLN E 231 11.04 -18.91 -36.95
N GLU E 232 10.10 -19.07 -37.89
CA GLU E 232 9.39 -20.35 -38.02
C GLU E 232 10.37 -21.47 -38.35
N GLY E 233 11.32 -21.19 -39.25
CA GLY E 233 12.33 -22.19 -39.57
C GLY E 233 13.37 -22.35 -38.47
N ILE E 234 13.74 -21.27 -37.79
CA ILE E 234 14.72 -21.36 -36.72
C ILE E 234 14.17 -22.16 -35.55
N ASP E 235 12.91 -21.92 -35.19
CA ASP E 235 12.30 -22.69 -34.10
C ASP E 235 12.26 -24.17 -34.42
N VAL E 236 12.05 -24.51 -35.70
CA VAL E 236 12.08 -25.92 -36.10
C VAL E 236 13.52 -26.43 -36.11
N TYR E 237 14.44 -25.64 -36.65
CA TYR E 237 15.86 -26.03 -36.67
C TYR E 237 16.40 -26.20 -35.26
N ASN E 238 16.15 -25.19 -34.39
CA ASN E 238 16.61 -25.27 -33.01
C ASN E 238 16.06 -26.50 -32.31
N ALA E 239 14.87 -26.96 -32.71
CA ALA E 239 14.28 -28.15 -32.11
C ALA E 239 15.03 -29.42 -32.50
N ILE E 240 15.64 -29.44 -33.68
CA ILE E 240 16.42 -30.60 -34.09
C ILE E 240 17.59 -30.81 -33.15
N ILE E 241 18.19 -29.73 -32.66
CA ILE E 241 19.30 -29.83 -31.72
C ILE E 241 18.80 -30.09 -30.31
N GLY E 242 17.82 -29.30 -29.85
CA GLY E 242 17.44 -29.33 -28.46
C GLY E 242 16.20 -30.14 -28.14
N GLY E 243 15.33 -30.32 -29.11
CA GLY E 243 14.05 -30.95 -28.83
C GLY E 243 13.04 -29.94 -28.34
N PHE E 244 11.93 -30.46 -27.83
CA PHE E 244 10.85 -29.62 -27.34
C PHE E 244 9.94 -30.46 -26.45
N VAL E 245 8.88 -29.82 -25.96
CA VAL E 245 7.91 -30.45 -25.07
C VAL E 245 6.53 -30.29 -25.72
N THR E 246 5.79 -31.40 -25.78
CA THR E 246 4.48 -31.41 -26.44
C THR E 246 3.39 -30.93 -25.49
N GLU E 247 2.13 -31.14 -25.88
CA GLU E 247 1.02 -30.87 -24.97
C GLU E 247 0.99 -31.88 -23.82
N SER E 248 1.37 -33.13 -24.09
CA SER E 248 1.31 -34.18 -23.08
C SER E 248 2.47 -34.14 -22.11
N GLY E 249 3.48 -33.31 -22.37
CA GLY E 249 4.63 -33.20 -21.49
C GLY E 249 5.75 -34.17 -21.77
N GLU E 250 5.80 -34.73 -22.98
CA GLU E 250 6.86 -35.66 -23.33
C GLU E 250 8.11 -34.91 -23.75
N LYS E 251 9.24 -35.19 -23.11
CA LYS E 251 10.51 -34.56 -23.44
C LYS E 251 11.12 -35.29 -24.63
N ILE E 252 10.72 -34.89 -25.84
CA ILE E 252 11.36 -35.39 -27.05
C ILE E 252 12.83 -34.97 -27.06
N LYS E 253 13.71 -35.95 -27.27
CA LYS E 253 15.14 -35.68 -27.22
C LYS E 253 15.62 -35.14 -28.57
N GLY E 254 16.63 -34.27 -28.49
CA GLY E 254 17.25 -33.70 -29.66
C GLY E 254 18.65 -34.27 -29.90
N LEU E 255 19.24 -33.85 -31.02
CA LEU E 255 20.56 -34.37 -31.39
C LEU E 255 21.59 -34.08 -30.31
N ASN E 256 21.56 -32.88 -29.73
CA ASN E 256 22.48 -32.56 -28.66
C ASN E 256 22.15 -33.33 -27.39
N GLU E 257 20.89 -33.74 -27.22
CA GLU E 257 20.50 -34.55 -26.09
C GLU E 257 20.95 -36.00 -26.26
N TYR E 258 20.97 -36.49 -27.51
CA TYR E 258 21.44 -37.85 -27.79
C TYR E 258 22.95 -37.93 -27.79
N ILE E 259 23.62 -36.98 -28.45
CA ILE E 259 25.09 -36.96 -28.49
C ILE E 259 25.66 -36.96 -27.08
N ASN E 260 25.03 -36.21 -26.17
CA ASN E 260 25.50 -36.20 -24.79
C ASN E 260 25.39 -37.58 -24.14
N LEU E 261 24.27 -38.27 -24.36
CA LEU E 261 24.09 -39.61 -23.79
C LEU E 261 25.14 -40.58 -24.31
N TYR E 262 25.58 -40.40 -25.55
CA TYR E 262 26.63 -41.26 -26.10
C TYR E 262 27.95 -41.02 -25.37
N ASN E 263 28.24 -39.76 -25.04
CA ASN E 263 29.48 -39.41 -24.36
C ASN E 263 29.48 -39.75 -22.87
N GLN E 264 28.29 -40.01 -22.29
CA GLN E 264 28.22 -40.46 -20.90
C GLN E 264 28.27 -41.98 -20.78
N LYS E 265 27.98 -42.70 -21.86
CA LYS E 265 28.02 -44.16 -21.88
C LYS E 265 29.30 -44.71 -22.46
N THR E 266 29.91 -44.01 -23.41
CA THR E 266 31.18 -44.43 -24.00
C THR E 266 32.35 -43.54 -23.59
N LYS E 267 32.13 -42.56 -22.72
CA LYS E 267 33.21 -41.77 -22.12
C LYS E 267 34.05 -41.05 -23.18
N GLN E 268 33.37 -40.36 -24.09
CA GLN E 268 34.02 -39.60 -25.15
C GLN E 268 33.71 -38.12 -25.00
N LYS E 269 34.35 -37.30 -25.85
CA LYS E 269 34.12 -35.85 -25.90
C LYS E 269 33.81 -35.44 -27.34
N LEU E 270 32.60 -35.76 -27.81
CA LEU E 270 32.21 -35.33 -29.14
C LEU E 270 31.49 -33.99 -29.10
N PRO E 271 31.69 -33.13 -30.08
CA PRO E 271 31.12 -31.78 -30.02
C PRO E 271 29.61 -31.80 -30.15
N LYS E 272 28.98 -30.86 -29.46
CA LYS E 272 27.54 -30.64 -29.58
C LYS E 272 27.26 -29.52 -30.58
N PHE E 273 25.99 -29.37 -30.94
CA PHE E 273 25.61 -28.41 -31.97
C PHE E 273 25.43 -27.01 -31.39
N LYS E 274 25.60 -26.01 -32.24
CA LYS E 274 25.29 -24.64 -31.88
C LYS E 274 23.88 -24.31 -32.35
N PRO E 275 22.97 -23.93 -31.47
CA PRO E 275 21.66 -23.45 -31.92
C PRO E 275 21.80 -22.15 -32.72
N LEU E 276 20.72 -21.79 -33.41
CA LEU E 276 20.72 -20.60 -34.24
C LEU E 276 20.07 -19.41 -33.49
N TYR E 277 20.68 -18.25 -33.65
CA TYR E 277 20.15 -17.03 -33.04
C TYR E 277 18.81 -16.66 -33.65
N LYS E 278 18.02 -15.92 -32.88
CA LYS E 278 16.72 -15.47 -33.35
C LYS E 278 16.88 -14.53 -34.54
N GLN E 279 15.79 -14.34 -35.28
CA GLN E 279 15.81 -13.42 -36.40
C GLN E 279 15.31 -12.06 -35.94
N VAL E 280 15.86 -11.01 -36.54
CA VAL E 280 15.56 -9.65 -36.12
C VAL E 280 14.05 -9.39 -36.16
N LEU E 281 13.57 -8.66 -35.15
CA LEU E 281 12.18 -8.22 -35.03
C LEU E 281 11.20 -9.39 -34.93
N SER E 282 11.65 -10.56 -34.47
CA SER E 282 10.79 -11.73 -34.35
C SER E 282 10.02 -11.74 -33.03
N ASP E 283 8.71 -11.94 -33.13
CA ASP E 283 7.87 -12.33 -31.99
C ASP E 283 7.59 -13.84 -32.13
N ARG E 284 8.23 -14.65 -31.30
CA ARG E 284 8.29 -16.09 -31.49
C ARG E 284 7.33 -16.86 -30.59
N GLU E 285 6.47 -17.67 -31.20
CA GLU E 285 5.84 -18.74 -30.44
C GLU E 285 6.88 -19.84 -30.25
N SER E 286 7.02 -20.30 -29.01
CA SER E 286 7.93 -21.39 -28.73
C SER E 286 7.17 -22.71 -28.85
N LEU E 287 7.82 -23.69 -29.45
CA LEU E 287 7.15 -24.98 -29.65
C LEU E 287 6.95 -25.69 -28.31
N SER E 288 7.94 -25.61 -27.43
CA SER E 288 7.81 -26.24 -26.13
C SER E 288 6.59 -25.68 -25.40
N PHE E 289 5.78 -26.56 -24.83
CA PHE E 289 4.52 -26.17 -24.23
C PHE E 289 4.72 -25.78 -22.77
N TYR E 290 4.22 -24.59 -22.42
CA TYR E 290 4.22 -24.09 -21.06
C TYR E 290 2.89 -23.41 -20.83
N GLY E 291 2.33 -23.58 -19.63
CA GLY E 291 1.01 -23.05 -19.36
C GLY E 291 1.08 -21.55 -19.20
N GLU E 292 0.16 -20.85 -19.86
CA GLU E 292 0.26 -19.40 -19.92
C GLU E 292 0.23 -18.82 -18.51
N GLY E 293 1.07 -17.81 -18.29
CA GLY E 293 1.21 -17.26 -16.95
C GLY E 293 0.01 -16.43 -16.52
N TYR E 294 -0.13 -16.28 -15.21
CA TYR E 294 -1.21 -15.50 -14.65
C TYR E 294 -1.02 -14.01 -14.96
N THR E 295 -2.08 -13.36 -15.40
CA THR E 295 -2.00 -11.95 -15.76
C THR E 295 -1.94 -11.04 -14.52
N SER E 296 -2.71 -11.35 -13.48
CA SER E 296 -3.00 -10.36 -12.46
C SER E 296 -2.89 -10.90 -11.05
N ASP E 297 -2.90 -9.95 -10.10
CA ASP E 297 -2.84 -10.26 -8.67
C ASP E 297 -4.05 -11.07 -8.23
N GLU E 298 -5.24 -10.69 -8.67
CA GLU E 298 -6.46 -11.32 -8.18
C GLU E 298 -6.51 -12.79 -8.57
N GLU E 299 -6.11 -13.09 -9.82
CA GLU E 299 -6.16 -14.47 -10.32
C GLU E 299 -5.29 -15.39 -9.48
N VAL E 300 -4.05 -14.99 -9.19
CA VAL E 300 -3.13 -15.80 -8.40
C VAL E 300 -3.80 -16.26 -7.11
N LEU E 301 -4.50 -15.36 -6.42
CA LEU E 301 -5.21 -15.75 -5.22
C LEU E 301 -6.27 -16.79 -5.54
N GLU E 302 -7.15 -16.50 -6.51
CA GLU E 302 -8.25 -17.42 -6.78
C GLU E 302 -7.74 -18.81 -7.15
N VAL E 303 -6.61 -18.89 -7.84
CA VAL E 303 -5.99 -20.18 -8.06
C VAL E 303 -5.49 -20.76 -6.75
N PHE E 304 -4.80 -19.94 -5.95
CA PHE E 304 -4.19 -20.44 -4.73
C PHE E 304 -5.23 -20.96 -3.74
N ARG E 305 -6.28 -20.18 -3.49
CA ARG E 305 -7.32 -20.64 -2.57
C ARG E 305 -8.07 -21.83 -3.16
N ASN E 306 -8.59 -21.69 -4.38
CA ASN E 306 -9.46 -22.72 -4.93
C ASN E 306 -8.69 -24.02 -5.19
N THR E 307 -7.44 -23.93 -5.64
CA THR E 307 -6.65 -25.15 -5.89
C THR E 307 -6.10 -25.76 -4.61
N LEU E 308 -5.62 -24.96 -3.68
CA LEU E 308 -4.86 -25.47 -2.55
C LEU E 308 -5.68 -25.66 -1.27
N ASN E 309 -6.95 -25.25 -1.24
CA ASN E 309 -7.73 -25.43 -0.03
C ASN E 309 -8.15 -26.89 0.13
N LYS E 310 -8.66 -27.23 1.33
CA LYS E 310 -9.11 -28.60 1.58
C LYS E 310 -10.25 -29.03 0.67
N ASN E 311 -11.15 -28.10 0.31
CA ASN E 311 -12.28 -28.46 -0.56
C ASN E 311 -11.80 -29.01 -1.89
N SER E 312 -10.70 -28.46 -2.42
CA SER E 312 -10.18 -28.87 -3.71
C SER E 312 -9.68 -30.31 -3.66
N GLU E 313 -9.59 -30.91 -4.85
CA GLU E 313 -9.14 -32.30 -4.98
C GLU E 313 -7.73 -32.47 -4.43
N ILE E 314 -6.86 -31.49 -4.68
CA ILE E 314 -5.43 -31.65 -4.41
C ILE E 314 -5.16 -32.02 -2.95
N PHE E 315 -5.85 -31.39 -2.01
CA PHE E 315 -5.66 -31.79 -0.62
C PHE E 315 -6.36 -33.10 -0.32
N SER E 316 -7.56 -33.31 -0.88
CA SER E 316 -8.21 -34.60 -0.75
C SER E 316 -7.37 -35.71 -1.40
N SER E 317 -6.60 -35.36 -2.45
CA SER E 317 -5.70 -36.34 -3.06
C SER E 317 -4.61 -36.77 -2.09
N ILE E 318 -4.06 -35.83 -1.33
CA ILE E 318 -3.12 -36.18 -0.26
C ILE E 318 -3.85 -36.97 0.82
N LYS E 319 -5.11 -36.61 1.10
CA LYS E 319 -5.89 -37.28 2.13
C LYS E 319 -6.09 -38.76 1.80
N LYS E 320 -6.28 -39.08 0.52
CA LYS E 320 -6.42 -40.48 0.12
C LYS E 320 -5.07 -41.19 0.11
N LEU E 321 -4.01 -40.49 -0.31
CA LEU E 321 -2.69 -41.11 -0.34
C LEU E 321 -2.17 -41.46 1.04
N GLU E 322 -2.52 -40.66 2.06
CA GLU E 322 -2.12 -41.00 3.42
C GLU E 322 -2.77 -42.30 3.88
N LYS E 323 -4.02 -42.54 3.46
CA LYS E 323 -4.70 -43.77 3.83
C LYS E 323 -4.00 -44.98 3.23
N LEU E 324 -3.40 -44.81 2.04
CA LEU E 324 -2.74 -45.94 1.39
C LEU E 324 -1.50 -46.37 2.17
N PHE E 325 -0.67 -45.41 2.59
CA PHE E 325 0.50 -45.76 3.37
C PHE E 325 0.12 -46.27 4.75
N LYS E 326 -1.06 -45.87 5.25
CA LYS E 326 -1.60 -46.43 6.47
C LYS E 326 -1.93 -47.91 6.30
N ASN E 327 -2.62 -48.25 5.21
CA ASN E 327 -3.12 -49.58 4.89
C ASN E 327 -2.09 -50.51 4.25
N PHE E 328 -0.79 -50.24 4.39
CA PHE E 328 0.22 -51.03 3.69
C PHE E 328 0.09 -52.53 3.95
N ASP E 329 -0.30 -52.91 5.18
CA ASP E 329 -0.37 -54.34 5.48
C ASP E 329 -1.41 -55.05 4.63
N GLU E 330 -2.39 -54.32 4.09
CA GLU E 330 -3.46 -54.95 3.35
C GLU E 330 -2.98 -55.45 1.99
N TYR E 331 -2.25 -54.60 1.26
CA TYR E 331 -1.73 -54.97 -0.04
C TYR E 331 -0.48 -55.84 0.10
N SER E 332 -0.10 -56.47 -1.01
CA SER E 332 1.04 -57.37 -1.07
C SER E 332 2.35 -56.61 -1.16
N SER E 333 3.28 -56.89 -0.23
CA SER E 333 4.59 -56.25 -0.24
C SER E 333 5.46 -56.68 -1.43
N ALA E 334 5.07 -57.70 -2.18
CA ALA E 334 5.78 -57.98 -3.43
C ALA E 334 5.26 -57.13 -4.59
N GLY E 335 4.07 -56.56 -4.45
CA GLY E 335 3.51 -55.69 -5.48
C GLY E 335 4.01 -54.25 -5.42
N ILE E 336 4.52 -53.82 -4.27
CA ILE E 336 4.95 -52.44 -4.06
C ILE E 336 6.46 -52.37 -4.20
N PHE E 337 6.92 -51.31 -4.88
CA PHE E 337 8.33 -51.16 -5.24
C PHE E 337 8.75 -49.73 -4.96
N VAL E 338 9.99 -49.56 -4.54
CA VAL E 338 10.56 -48.23 -4.34
C VAL E 338 11.56 -48.00 -5.46
N LYS E 339 11.37 -46.93 -6.24
CA LYS E 339 12.22 -46.69 -7.39
C LYS E 339 13.65 -46.51 -6.94
N ASN E 340 14.60 -46.84 -7.81
CA ASN E 340 16.00 -46.62 -7.53
C ASN E 340 16.47 -45.33 -8.18
N GLY E 341 17.07 -44.47 -7.37
CA GLY E 341 17.77 -43.29 -7.83
C GLY E 341 18.77 -42.88 -6.78
N PRO E 342 19.50 -41.80 -7.00
CA PRO E 342 20.37 -41.28 -5.94
C PRO E 342 19.60 -40.84 -4.70
N ALA E 343 18.30 -40.58 -4.83
CA ALA E 343 17.45 -40.15 -3.72
C ALA E 343 17.05 -41.30 -2.80
N ILE E 344 17.66 -42.48 -2.96
CA ILE E 344 17.37 -43.60 -2.07
C ILE E 344 18.22 -43.55 -0.82
N SER E 345 19.35 -42.85 -0.85
CA SER E 345 20.11 -42.65 0.36
C SER E 345 19.26 -42.00 1.44
N THR E 346 18.37 -41.09 1.03
CA THR E 346 17.40 -40.53 1.98
C THR E 346 16.45 -41.61 2.49
N ILE E 347 16.00 -42.50 1.60
CA ILE E 347 14.99 -43.49 1.97
C ILE E 347 15.52 -44.42 3.04
N SER E 348 16.76 -44.89 2.86
CA SER E 348 17.34 -45.81 3.85
C SER E 348 17.44 -45.18 5.22
N LYS E 349 17.74 -43.88 5.30
CA LYS E 349 17.83 -43.25 6.62
C LYS E 349 16.44 -43.04 7.23
N ASP E 350 15.45 -42.68 6.41
CA ASP E 350 14.14 -42.33 6.97
C ASP E 350 13.51 -43.49 7.72
N ILE E 351 13.91 -44.72 7.41
CA ILE E 351 13.31 -45.88 8.06
C ILE E 351 14.01 -46.18 9.38
N PHE E 352 15.34 -46.39 9.33
CA PHE E 352 16.10 -46.78 10.52
C PHE E 352 17.16 -45.77 10.95
N GLY E 353 17.41 -44.73 10.18
CA GLY E 353 18.33 -43.68 10.59
C GLY E 353 19.76 -43.77 10.05
N GLU E 354 19.99 -44.50 8.96
CA GLU E 354 21.30 -44.58 8.34
C GLU E 354 21.17 -44.53 6.82
N TRP E 355 22.10 -43.81 6.19
CA TRP E 355 21.98 -43.53 4.75
C TRP E 355 22.25 -44.77 3.91
N ASN E 356 23.37 -45.45 4.15
CA ASN E 356 23.92 -46.38 3.16
C ASN E 356 23.54 -47.84 3.38
N VAL E 357 22.61 -48.17 4.28
CA VAL E 357 22.38 -49.59 4.54
C VAL E 357 21.83 -50.30 3.31
N ILE E 358 20.91 -49.67 2.60
CA ILE E 358 20.31 -50.30 1.44
C ILE E 358 21.38 -50.58 0.39
N ARG E 359 22.31 -49.65 0.20
CA ARG E 359 23.47 -49.92 -0.63
C ARG E 359 24.43 -50.90 0.05
N ASP E 360 24.62 -50.75 1.38
CA ASP E 360 25.55 -51.60 2.11
C ASP E 360 25.07 -53.05 2.14
N LYS E 361 23.80 -53.26 2.48
CA LYS E 361 23.25 -54.62 2.50
C LYS E 361 23.27 -55.26 1.11
N TRP E 362 22.87 -54.49 0.10
CA TRP E 362 22.78 -55.04 -1.25
C TRP E 362 24.15 -55.45 -1.78
N ASN E 363 25.18 -54.67 -1.48
CA ASN E 363 26.51 -54.97 -2.04
C ASN E 363 27.12 -56.23 -1.45
N ALA E 364 26.89 -56.49 -0.17
CA ALA E 364 27.42 -57.72 0.44
C ALA E 364 26.71 -58.95 -0.09
N GLU E 365 25.41 -58.83 -0.39
CA GLU E 365 24.66 -59.95 -0.94
C GLU E 365 25.15 -60.30 -2.33
N TYR E 366 25.38 -59.28 -3.16
CA TYR E 366 25.85 -59.51 -4.52
C TYR E 366 27.21 -60.21 -4.48
N ASP E 367 28.02 -59.94 -3.46
CA ASP E 367 29.34 -60.56 -3.42
C ASP E 367 29.20 -62.08 -3.32
N ASP E 368 28.46 -62.57 -2.33
CA ASP E 368 28.47 -64.00 -2.03
C ASP E 368 28.14 -64.85 -3.25
N ILE E 369 27.23 -64.38 -4.12
CA ILE E 369 27.01 -65.09 -5.38
C ILE E 369 28.24 -65.00 -6.27
N HIS E 370 28.77 -63.78 -6.44
CA HIS E 370 29.87 -63.51 -7.37
C HIS E 370 31.16 -63.12 -6.65
N LEU E 371 31.43 -63.70 -5.47
CA LEU E 371 32.69 -63.50 -4.75
C LEU E 371 33.35 -64.85 -4.48
N LYS E 372 34.47 -65.09 -5.16
CA LYS E 372 35.33 -66.25 -4.93
C LYS E 372 36.07 -66.12 -3.59
N LYS E 373 36.44 -67.27 -3.03
CA LYS E 373 37.12 -67.27 -1.73
C LYS E 373 38.37 -66.41 -1.76
N LYS E 374 38.96 -66.24 -2.95
CA LYS E 374 40.12 -65.37 -3.09
C LYS E 374 39.79 -63.96 -2.64
N ALA E 375 38.59 -63.48 -2.98
CA ALA E 375 38.12 -62.12 -2.72
C ALA E 375 39.15 -61.08 -3.10
N VAL E 376 39.58 -61.13 -4.37
CA VAL E 376 40.53 -60.16 -4.89
C VAL E 376 39.69 -59.01 -5.45
N VAL E 377 39.09 -58.25 -4.54
CA VAL E 377 38.32 -57.09 -4.96
C VAL E 377 39.23 -56.12 -5.67
N THR E 378 38.71 -55.45 -6.69
CA THR E 378 39.53 -54.54 -7.49
C THR E 378 38.74 -53.28 -7.81
N GLU E 379 39.48 -52.23 -8.19
CA GLU E 379 38.84 -51.01 -8.67
C GLU E 379 38.06 -51.25 -9.96
N LYS E 380 38.54 -52.15 -10.82
CA LYS E 380 37.73 -52.60 -11.94
C LYS E 380 36.51 -53.37 -11.45
N TYR E 381 36.63 -54.03 -10.29
CA TYR E 381 35.49 -54.68 -9.66
C TYR E 381 34.59 -53.68 -8.95
N GLU E 382 35.17 -52.61 -8.39
CA GLU E 382 34.34 -51.57 -7.78
C GLU E 382 33.39 -50.96 -8.80
N ASP E 383 33.83 -50.84 -10.06
CA ASP E 383 32.91 -50.38 -11.10
C ASP E 383 31.85 -51.42 -11.42
N ASP E 384 32.10 -52.69 -11.08
CA ASP E 384 31.10 -53.73 -11.32
C ASP E 384 30.00 -53.68 -10.26
N ARG E 385 30.38 -53.44 -9.00
CA ARG E 385 29.37 -53.28 -7.95
C ARG E 385 28.61 -51.96 -8.09
N ARG E 386 29.29 -50.90 -8.56
CA ARG E 386 28.67 -49.60 -8.73
C ARG E 386 27.68 -49.59 -9.88
N LYS E 387 28.05 -50.22 -11.00
CA LYS E 387 27.18 -50.25 -12.17
C LYS E 387 25.87 -50.99 -11.89
N SER E 388 25.94 -52.09 -11.14
CA SER E 388 24.75 -52.89 -10.90
C SER E 388 23.74 -52.18 -10.02
N PHE E 389 24.20 -51.37 -9.06
CA PHE E 389 23.27 -50.79 -8.10
C PHE E 389 22.43 -49.67 -8.72
N LYS E 390 22.97 -48.96 -9.71
CA LYS E 390 22.19 -47.96 -10.43
C LYS E 390 21.41 -48.57 -11.57
N LYS E 391 21.88 -49.70 -12.12
CA LYS E 391 21.15 -50.44 -13.13
C LYS E 391 19.87 -51.06 -12.57
N ILE E 392 19.85 -51.40 -11.28
CA ILE E 392 18.65 -51.94 -10.65
C ILE E 392 17.56 -50.89 -10.75
N GLY E 393 16.40 -51.28 -11.30
CA GLY E 393 15.36 -50.31 -11.56
C GLY E 393 14.64 -49.85 -10.30
N SER E 394 14.40 -50.77 -9.38
CA SER E 394 13.67 -50.46 -8.16
C SER E 394 13.92 -51.59 -7.16
N PHE E 395 13.37 -51.42 -5.96
CA PHE E 395 13.45 -52.45 -4.93
C PHE E 395 12.03 -52.73 -4.45
N SER E 396 11.68 -54.02 -4.41
CA SER E 396 10.40 -54.41 -3.84
C SER E 396 10.41 -54.22 -2.33
N LEU E 397 9.21 -54.06 -1.77
CA LEU E 397 9.09 -53.89 -0.33
C LEU E 397 9.59 -55.09 0.46
N GLU E 398 9.65 -56.27 -0.16
CA GLU E 398 10.11 -57.43 0.57
C GLU E 398 11.63 -57.48 0.63
N GLN E 399 12.31 -57.04 -0.43
CA GLN E 399 13.77 -56.92 -0.34
C GLN E 399 14.19 -55.89 0.69
N LEU E 400 13.33 -54.93 1.03
CA LEU E 400 13.62 -54.02 2.12
C LEU E 400 13.32 -54.66 3.47
N GLN E 401 12.28 -55.51 3.54
CA GLN E 401 12.05 -56.27 4.76
C GLN E 401 13.14 -57.32 4.98
N GLU E 402 13.68 -57.88 3.90
CA GLU E 402 14.78 -58.84 4.04
C GLU E 402 16.05 -58.16 4.53
N TYR E 403 16.34 -56.95 4.04
CA TYR E 403 17.51 -56.20 4.51
C TYR E 403 17.34 -55.71 5.94
N ALA E 404 16.11 -55.47 6.36
CA ALA E 404 15.83 -54.82 7.65
C ALA E 404 16.27 -55.67 8.83
N ASP E 405 16.88 -55.01 9.82
CA ASP E 405 17.21 -55.65 11.07
C ASP E 405 15.95 -55.78 11.91
N ALA E 406 15.86 -56.88 12.66
CA ALA E 406 14.66 -57.18 13.43
C ALA E 406 14.31 -56.05 14.39
N ASP E 407 13.03 -56.02 14.79
CA ASP E 407 12.36 -55.01 15.59
C ASP E 407 12.07 -53.77 14.77
N LEU E 408 12.42 -53.76 13.49
CA LEU E 408 12.24 -52.59 12.65
C LEU E 408 11.42 -53.07 11.46
N SER E 409 10.10 -52.91 11.57
CA SER E 409 9.21 -53.39 10.53
C SER E 409 9.09 -52.30 9.49
N VAL E 410 9.70 -52.55 8.33
CA VAL E 410 9.81 -51.53 7.29
C VAL E 410 8.44 -50.96 6.96
N VAL E 411 7.44 -51.84 6.88
CA VAL E 411 6.11 -51.42 6.46
C VAL E 411 5.45 -50.51 7.49
N GLU E 412 5.82 -50.62 8.77
CA GLU E 412 5.29 -49.71 9.77
C GLU E 412 6.00 -48.36 9.76
N LYS E 413 7.33 -48.37 9.71
CA LYS E 413 8.07 -47.11 9.69
C LYS E 413 7.78 -46.28 8.45
N LEU E 414 7.32 -46.91 7.36
CA LEU E 414 6.81 -46.13 6.24
C LEU E 414 5.52 -45.42 6.63
N LYS E 415 4.67 -46.08 7.43
CA LYS E 415 3.45 -45.45 7.89
C LYS E 415 3.76 -44.28 8.83
N GLU E 416 4.86 -44.37 9.57
CA GLU E 416 5.25 -43.29 10.47
C GLU E 416 5.62 -42.04 9.70
N ILE E 417 6.44 -42.19 8.66
CA ILE E 417 6.98 -41.03 7.94
C ILE E 417 5.88 -40.25 7.25
N ILE E 418 5.00 -40.94 6.53
CA ILE E 418 3.93 -40.24 5.80
C ILE E 418 3.00 -39.52 6.77
N ILE E 419 2.67 -40.16 7.89
CA ILE E 419 1.86 -39.48 8.91
C ILE E 419 2.62 -38.29 9.47
N GLN E 420 3.95 -38.35 9.47
CA GLN E 420 4.75 -37.21 9.90
C GLN E 420 4.67 -36.06 8.90
N LYS E 421 4.67 -36.37 7.59
CA LYS E 421 4.73 -35.32 6.59
C LYS E 421 3.37 -34.67 6.33
N VAL E 422 2.28 -35.39 6.59
CA VAL E 422 0.96 -34.81 6.42
C VAL E 422 0.52 -34.02 7.64
N ASP E 423 1.12 -34.27 8.81
CA ASP E 423 0.81 -33.47 9.99
C ASP E 423 1.40 -32.08 9.85
N GLU E 424 2.63 -31.99 9.34
CA GLU E 424 3.25 -30.68 9.10
C GLU E 424 2.41 -29.83 8.15
N ILE E 425 1.91 -30.43 7.07
CA ILE E 425 1.17 -29.66 6.07
C ILE E 425 -0.15 -29.18 6.65
N TYR E 426 -0.81 -30.00 7.47
CA TYR E 426 -2.05 -29.56 8.11
C TYR E 426 -1.80 -28.46 9.14
N LYS E 427 -0.54 -28.24 9.53
CA LYS E 427 -0.19 -27.17 10.46
C LYS E 427 0.18 -25.89 9.72
N VAL E 428 0.74 -26.00 8.51
CA VAL E 428 0.99 -24.81 7.70
C VAL E 428 -0.32 -24.13 7.33
N TYR E 429 -1.36 -24.92 7.05
CA TYR E 429 -2.67 -24.34 6.80
C TYR E 429 -3.22 -23.64 8.04
N GLY E 430 -2.91 -24.15 9.23
CA GLY E 430 -3.34 -23.49 10.45
C GLY E 430 -2.89 -22.05 10.51
N SER E 431 -1.65 -21.78 10.10
CA SER E 431 -1.15 -20.41 10.01
C SER E 431 -1.68 -19.69 8.77
N SER E 432 -1.81 -20.41 7.65
CA SER E 432 -2.13 -19.82 6.36
C SER E 432 -3.62 -19.74 6.08
N GLU E 433 -4.47 -20.01 7.08
CA GLU E 433 -5.90 -19.98 6.85
C GLU E 433 -6.39 -18.61 6.43
N LYS E 434 -5.66 -17.55 6.81
CA LYS E 434 -6.07 -16.17 6.54
C LYS E 434 -6.11 -15.85 5.05
N LEU E 435 -5.39 -16.61 4.22
CA LEU E 435 -5.44 -16.44 2.77
C LEU E 435 -6.63 -17.14 2.12
N PHE E 436 -7.19 -18.15 2.78
CA PHE E 436 -8.22 -19.00 2.18
C PHE E 436 -9.64 -18.48 2.36
N ASP E 437 -9.89 -17.57 3.29
CA ASP E 437 -11.25 -17.07 3.50
C ASP E 437 -11.73 -16.32 2.25
N ALA E 438 -13.05 -16.35 2.03
CA ALA E 438 -13.63 -15.73 0.84
C ALA E 438 -13.51 -14.21 0.86
N ASP E 439 -13.51 -13.59 2.03
CA ASP E 439 -13.53 -12.13 2.14
C ASP E 439 -12.14 -11.50 2.07
N PHE E 440 -11.08 -12.27 2.33
CA PHE E 440 -9.72 -11.72 2.35
C PHE E 440 -9.41 -10.94 1.08
N VAL E 441 -8.85 -9.75 1.26
CA VAL E 441 -8.46 -8.88 0.16
C VAL E 441 -7.02 -8.44 0.38
N LEU E 442 -6.20 -8.57 -0.67
CA LEU E 442 -4.79 -8.24 -0.54
C LEU E 442 -4.65 -6.75 -0.25
N GLU E 443 -3.93 -6.43 0.83
CA GLU E 443 -3.76 -5.03 1.21
C GLU E 443 -2.65 -4.37 0.39
N LYS E 444 -1.53 -5.05 0.20
CA LYS E 444 -0.41 -4.51 -0.54
C LYS E 444 -0.13 -5.44 -1.72
N SER E 445 0.36 -4.86 -2.81
CA SER E 445 0.61 -5.62 -4.03
C SER E 445 1.50 -6.83 -3.74
N LEU E 446 1.29 -7.89 -4.53
CA LEU E 446 1.96 -9.16 -4.27
C LEU E 446 3.48 -9.02 -4.27
N LYS E 447 4.01 -8.18 -5.17
CA LYS E 447 5.45 -8.00 -5.23
C LYS E 447 5.97 -7.23 -4.02
N LYS E 448 5.23 -6.23 -3.57
CA LYS E 448 5.61 -5.50 -2.36
C LYS E 448 5.25 -6.24 -1.08
N ASN E 449 4.70 -7.46 -1.18
CA ASN E 449 4.18 -8.21 -0.04
C ASN E 449 5.03 -9.48 0.13
N ASP E 450 6.21 -9.33 0.72
CA ASP E 450 7.04 -10.48 1.03
C ASP E 450 6.44 -11.36 2.11
N ALA E 451 5.49 -10.84 2.89
CA ALA E 451 4.90 -11.63 3.98
C ALA E 451 3.79 -12.53 3.48
N VAL E 452 2.98 -12.06 2.53
CA VAL E 452 1.91 -12.88 1.98
C VAL E 452 2.49 -13.93 1.05
N VAL E 453 3.58 -13.60 0.36
CA VAL E 453 4.20 -14.55 -0.57
C VAL E 453 4.81 -15.71 0.19
N ALA E 454 5.57 -15.41 1.25
CA ALA E 454 6.17 -16.45 2.08
C ALA E 454 5.12 -17.43 2.60
N ILE E 455 3.87 -16.98 2.73
CA ILE E 455 2.79 -17.90 3.09
C ILE E 455 2.56 -18.91 1.97
N MET E 456 2.45 -18.42 0.73
CA MET E 456 2.28 -19.32 -0.40
C MET E 456 3.51 -20.19 -0.58
N LYS E 457 4.70 -19.58 -0.60
CA LYS E 457 5.93 -20.33 -0.81
C LYS E 457 6.16 -21.38 0.28
N ASP E 458 5.72 -21.12 1.51
CA ASP E 458 5.92 -22.08 2.58
C ASP E 458 4.89 -23.20 2.51
N LEU E 459 3.67 -22.88 2.08
CA LEU E 459 2.67 -23.92 1.87
C LEU E 459 3.00 -24.75 0.64
N LEU E 460 3.47 -24.11 -0.43
CA LEU E 460 3.81 -24.83 -1.66
C LEU E 460 5.01 -25.74 -1.46
N ASP E 461 6.02 -25.29 -0.72
CA ASP E 461 7.20 -26.11 -0.52
C ASP E 461 6.88 -27.35 0.31
N SER E 462 5.85 -27.28 1.17
CA SER E 462 5.46 -28.46 1.92
C SER E 462 4.68 -29.44 1.06
N VAL E 463 3.82 -28.94 0.18
CA VAL E 463 3.08 -29.83 -0.71
C VAL E 463 4.02 -30.42 -1.75
N LYS E 464 4.96 -29.63 -2.25
CA LYS E 464 5.89 -30.17 -3.24
C LYS E 464 6.83 -31.20 -2.65
N SER E 465 7.31 -30.96 -1.42
CA SER E 465 8.26 -31.89 -0.83
C SER E 465 7.59 -33.22 -0.51
N PHE E 466 6.33 -33.16 -0.07
CA PHE E 466 5.58 -34.39 0.14
C PHE E 466 5.35 -35.13 -1.17
N GLU E 467 5.01 -34.39 -2.23
CA GLU E 467 4.80 -35.01 -3.53
C GLU E 467 6.08 -35.64 -4.06
N ASN E 468 7.19 -34.90 -3.95
CA ASN E 468 8.47 -35.40 -4.40
C ASN E 468 8.90 -36.64 -3.63
N TYR E 469 8.48 -36.76 -2.38
CA TYR E 469 8.78 -37.95 -1.60
C TYR E 469 8.04 -39.17 -2.16
N ILE E 470 6.75 -39.03 -2.45
CA ILE E 470 5.93 -40.13 -2.95
C ILE E 470 6.39 -40.57 -4.32
N LYS E 471 7.12 -39.70 -5.03
CA LYS E 471 7.61 -39.98 -6.38
C LYS E 471 8.34 -41.32 -6.46
N ALA E 472 9.11 -41.66 -5.42
CA ALA E 472 9.91 -42.87 -5.46
C ALA E 472 9.07 -44.14 -5.49
N PHE E 473 7.86 -44.08 -4.95
CA PHE E 473 7.03 -45.28 -4.83
C PHE E 473 6.41 -45.74 -6.14
N PHE E 474 6.49 -44.95 -7.22
CA PHE E 474 6.00 -45.40 -8.51
C PHE E 474 6.83 -46.60 -9.00
N GLY E 475 8.15 -46.48 -8.99
CA GLY E 475 9.01 -47.57 -9.37
C GLY E 475 9.22 -47.78 -10.86
N GLU E 476 8.70 -46.90 -11.71
CA GLU E 476 8.93 -46.88 -13.17
C GLU E 476 8.64 -48.22 -13.84
N GLY E 477 7.70 -49.00 -13.32
CA GLY E 477 7.43 -50.32 -13.86
C GLY E 477 6.43 -50.34 -14.98
N LYS E 478 6.72 -51.07 -16.07
CA LYS E 478 7.93 -51.90 -16.35
C LYS E 478 8.34 -52.89 -15.24
N GLU E 479 7.35 -53.55 -14.65
CA GLU E 479 7.56 -54.48 -13.55
C GLU E 479 6.68 -55.70 -13.73
N THR E 480 7.21 -56.87 -13.38
CA THR E 480 6.56 -58.13 -13.73
C THR E 480 5.17 -58.24 -13.10
N ASN E 481 5.08 -58.07 -11.77
CA ASN E 481 3.82 -58.14 -11.06
C ASN E 481 3.68 -56.91 -10.18
N ARG E 482 2.49 -56.31 -10.21
CA ARG E 482 2.22 -55.14 -9.41
C ARG E 482 0.90 -55.32 -8.70
N ASP E 483 0.85 -54.97 -7.41
CA ASP E 483 -0.41 -55.02 -6.69
C ASP E 483 -1.33 -53.95 -7.24
N GLU E 484 -1.82 -54.17 -8.47
CA GLU E 484 -2.45 -53.08 -9.22
C GLU E 484 -3.73 -52.60 -8.55
N SER E 485 -4.27 -53.34 -7.58
CA SER E 485 -5.29 -52.77 -6.70
C SER E 485 -4.76 -51.55 -5.96
N PHE E 486 -3.49 -51.62 -5.54
CA PHE E 486 -2.85 -50.46 -4.90
C PHE E 486 -2.60 -49.36 -5.91
N TYR E 487 -1.83 -49.66 -6.96
CA TYR E 487 -1.40 -48.63 -7.90
C TYR E 487 -2.57 -48.01 -8.64
N GLY E 488 -3.69 -48.72 -8.76
CA GLY E 488 -4.89 -48.10 -9.31
C GLY E 488 -5.31 -46.90 -8.49
N ASP E 489 -5.47 -47.09 -7.18
CA ASP E 489 -5.74 -45.97 -6.28
C ASP E 489 -4.60 -44.97 -6.29
N PHE E 490 -3.36 -45.47 -6.25
CA PHE E 490 -2.18 -44.61 -6.23
C PHE E 490 -2.14 -43.70 -7.45
N VAL E 491 -2.19 -44.29 -8.65
CA VAL E 491 -2.13 -43.49 -9.87
C VAL E 491 -3.28 -42.50 -9.94
N LEU E 492 -4.47 -42.90 -9.47
CA LEU E 492 -5.58 -41.97 -9.47
C LEU E 492 -5.29 -40.75 -8.61
N ALA E 493 -4.72 -40.96 -7.42
CA ALA E 493 -4.43 -39.85 -6.54
C ALA E 493 -3.21 -39.05 -7.01
N TYR E 494 -2.15 -39.76 -7.40
CA TYR E 494 -0.88 -39.07 -7.65
C TYR E 494 -0.94 -38.21 -8.92
N ASP E 495 -1.64 -38.66 -9.97
CA ASP E 495 -1.78 -37.80 -11.14
C ASP E 495 -2.53 -36.52 -10.81
N ILE E 496 -3.39 -36.58 -9.80
CA ILE E 496 -4.09 -35.37 -9.37
C ILE E 496 -3.17 -34.53 -8.49
N LEU E 497 -2.32 -35.16 -7.69
CA LEU E 497 -1.30 -34.42 -6.97
C LEU E 497 -0.25 -33.82 -7.91
N LEU E 498 -0.06 -34.43 -9.08
CA LEU E 498 0.88 -33.90 -10.06
C LEU E 498 0.42 -32.58 -10.66
N LYS E 499 -0.84 -32.19 -10.44
CA LYS E 499 -1.35 -30.94 -10.99
C LYS E 499 -0.68 -29.73 -10.34
N VAL E 500 -0.17 -29.88 -9.12
CA VAL E 500 0.46 -28.76 -8.43
C VAL E 500 1.74 -28.30 -9.09
N ASP E 501 2.40 -29.16 -9.88
CA ASP E 501 3.68 -28.80 -10.46
C ASP E 501 3.58 -27.56 -11.35
N HIS E 502 2.48 -27.42 -12.09
CA HIS E 502 2.32 -26.22 -12.90
C HIS E 502 1.95 -25.01 -12.07
N ILE E 503 1.28 -25.23 -10.93
CA ILE E 503 0.93 -24.12 -10.06
C ILE E 503 2.20 -23.54 -9.44
N TYR E 504 3.09 -24.40 -8.94
CA TYR E 504 4.40 -23.96 -8.47
C TYR E 504 5.15 -23.18 -9.54
N ASP E 505 5.01 -23.59 -10.81
CA ASP E 505 5.74 -22.95 -11.88
C ASP E 505 5.22 -21.53 -12.13
N ALA E 506 3.93 -21.40 -12.42
CA ALA E 506 3.40 -20.10 -12.83
C ALA E 506 3.34 -19.13 -11.67
N ILE E 507 3.07 -19.62 -10.46
CA ILE E 507 3.05 -18.77 -9.29
C ILE E 507 4.45 -18.21 -9.01
N ARG E 508 5.46 -19.07 -9.03
CA ARG E 508 6.84 -18.60 -8.95
C ARG E 508 7.11 -17.57 -10.03
N ASN E 509 6.65 -17.83 -11.26
CA ASN E 509 6.94 -16.95 -12.37
C ASN E 509 6.13 -15.67 -12.33
N TYR E 510 5.01 -15.65 -11.62
CA TYR E 510 4.29 -14.40 -11.43
C TYR E 510 4.87 -13.59 -10.29
N VAL E 511 4.87 -14.16 -9.09
CA VAL E 511 5.25 -13.44 -7.88
C VAL E 511 6.64 -12.82 -7.99
N THR E 512 7.55 -13.49 -8.68
CA THR E 512 8.94 -13.04 -8.72
C THR E 512 9.21 -11.98 -9.78
N GLN E 513 8.19 -11.44 -10.44
CA GLN E 513 8.42 -10.43 -11.47
C GLN E 513 8.40 -9.04 -10.85
N LYS E 514 9.30 -8.18 -11.35
CA LYS E 514 9.45 -6.84 -10.81
C LYS E 514 8.14 -6.05 -10.96
N PRO E 515 7.73 -5.32 -9.93
CA PRO E 515 6.46 -4.58 -9.97
C PRO E 515 6.56 -3.30 -10.81
N TYR E 516 5.42 -2.61 -10.88
CA TYR E 516 5.27 -1.39 -11.67
C TYR E 516 6.21 -0.29 -11.18
N SER E 517 6.77 0.45 -12.15
CA SER E 517 7.53 1.67 -11.85
C SER E 517 7.09 2.73 -12.85
N LYS E 518 6.96 3.97 -12.38
CA LYS E 518 6.55 5.06 -13.26
C LYS E 518 7.82 5.59 -13.90
N ASP E 519 8.01 5.25 -15.16
CA ASP E 519 9.22 5.61 -15.87
C ASP E 519 9.32 7.11 -16.06
N LYS E 520 10.54 7.62 -16.13
CA LYS E 520 10.70 9.00 -16.56
C LYS E 520 10.25 9.10 -18.00
N PHE E 521 9.65 10.23 -18.35
CA PHE E 521 9.10 10.40 -19.69
C PHE E 521 9.61 11.70 -20.30
N LYS E 522 9.91 11.64 -21.60
CA LYS E 522 10.45 12.80 -22.30
C LYS E 522 9.41 13.90 -22.36
N LEU E 523 9.86 15.13 -22.11
CA LEU E 523 9.03 16.32 -22.24
C LEU E 523 9.25 16.93 -23.62
N TYR E 524 8.16 17.15 -24.33
CA TYR E 524 8.21 17.78 -25.64
C TYR E 524 7.68 19.20 -25.64
N PHE E 525 6.84 19.55 -24.65
CA PHE E 525 6.22 20.87 -24.58
C PHE E 525 5.53 21.22 -25.89
N GLN E 526 4.79 20.24 -26.43
CA GLN E 526 3.95 20.36 -27.62
C GLN E 526 4.75 20.57 -28.90
N ASN E 527 6.04 20.22 -28.93
CA ASN E 527 6.80 20.34 -30.16
C ASN E 527 7.63 19.07 -30.38
N PRO E 528 7.51 18.44 -31.55
CA PRO E 528 8.32 17.23 -31.83
C PRO E 528 9.81 17.50 -31.94
N GLN E 529 10.21 18.66 -32.44
CA GLN E 529 11.61 19.02 -32.58
C GLN E 529 12.12 19.76 -31.35
N PHE E 530 11.45 19.59 -30.21
CA PHE E 530 11.71 20.40 -29.03
C PHE E 530 13.16 20.29 -28.59
N MET E 531 13.84 21.44 -28.51
CA MET E 531 15.20 21.52 -27.97
C MET E 531 16.21 20.70 -28.79
N GLY E 532 15.99 20.59 -30.10
CA GLY E 532 16.88 19.81 -30.94
C GLY E 532 18.27 20.40 -31.07
N GLY E 533 18.37 21.73 -31.10
CA GLY E 533 19.63 22.42 -31.24
C GLY E 533 19.55 23.76 -30.54
N TRP E 534 20.70 24.42 -30.44
CA TRP E 534 20.77 25.68 -29.70
C TRP E 534 20.94 26.91 -30.58
N ASP E 535 20.97 26.74 -31.91
CA ASP E 535 21.24 27.85 -32.81
C ASP E 535 20.21 28.97 -32.65
N LYS E 536 20.69 30.21 -32.67
CA LYS E 536 19.82 31.37 -32.51
C LYS E 536 18.79 31.47 -33.64
N ASP E 537 19.15 31.04 -34.84
CA ASP E 537 18.22 31.09 -35.98
C ASP E 537 17.07 30.10 -35.85
N LYS E 538 17.18 29.12 -34.96
CA LYS E 538 16.12 28.15 -34.73
C LYS E 538 15.41 28.35 -33.41
N GLU E 539 15.75 29.41 -32.67
CA GLU E 539 15.24 29.61 -31.32
C GLU E 539 13.71 29.62 -31.27
N THR E 540 13.06 30.08 -32.34
CA THR E 540 11.60 30.00 -32.40
C THR E 540 11.13 28.58 -32.67
N ASP E 541 11.86 27.83 -33.49
CA ASP E 541 11.42 26.50 -33.89
C ASP E 541 11.53 25.49 -32.74
N TYR E 542 12.69 25.43 -32.09
CA TYR E 542 12.86 24.49 -30.99
C TYR E 542 12.15 24.96 -29.71
N ARG E 543 12.16 26.27 -29.46
CA ARG E 543 11.44 26.89 -28.34
C ARG E 543 12.13 26.61 -27.00
N ALA E 544 13.44 26.44 -27.01
CA ALA E 544 14.20 26.34 -25.76
C ALA E 544 15.57 26.95 -25.93
N THR E 545 16.04 27.61 -24.88
CA THR E 545 17.34 28.27 -24.89
C THR E 545 17.88 28.32 -23.47
N ILE E 546 19.17 28.66 -23.35
CA ILE E 546 19.86 28.68 -22.07
C ILE E 546 20.03 30.12 -21.64
N LEU E 547 19.97 30.36 -20.33
CA LEU E 547 20.10 31.70 -19.79
C LEU E 547 21.06 31.69 -18.61
N ARG E 548 21.77 32.81 -18.43
CA ARG E 548 22.80 32.94 -17.41
C ARG E 548 22.56 34.20 -16.61
N TYR E 549 22.64 34.07 -15.28
CA TYR E 549 22.50 35.21 -14.36
C TYR E 549 23.67 35.15 -13.38
N GLY E 550 24.87 35.43 -13.88
CA GLY E 550 26.05 35.33 -13.05
C GLY E 550 26.57 33.91 -12.96
N SER E 551 26.59 33.37 -11.74
CA SER E 551 27.10 32.03 -11.50
C SER E 551 26.02 30.96 -11.65
N LYS E 552 24.82 31.33 -12.05
CA LYS E 552 23.71 30.37 -12.15
C LYS E 552 23.18 30.35 -13.58
N TYR E 553 23.05 29.15 -14.12
CA TYR E 553 22.52 28.91 -15.47
C TYR E 553 21.10 28.38 -15.42
N TYR E 554 20.25 28.91 -16.31
CA TYR E 554 18.84 28.56 -16.38
C TYR E 554 18.51 28.00 -17.76
N LEU E 555 17.43 27.21 -17.83
CA LEU E 555 16.90 26.73 -19.10
C LEU E 555 15.52 27.33 -19.34
N ALA E 556 15.38 28.10 -20.42
CA ALA E 556 14.14 28.79 -20.75
C ALA E 556 13.38 28.07 -21.86
N ILE E 557 12.07 27.92 -21.68
CA ILE E 557 11.20 27.27 -22.64
C ILE E 557 9.99 28.17 -22.88
N MET E 558 9.64 28.36 -24.16
CA MET E 558 8.57 29.26 -24.57
C MET E 558 7.34 28.45 -24.95
N ASP E 559 6.18 28.87 -24.43
CA ASP E 559 4.93 28.17 -24.68
C ASP E 559 4.57 28.22 -26.17
N LYS E 560 3.85 27.19 -26.62
CA LYS E 560 3.46 27.09 -28.03
C LYS E 560 2.72 28.32 -28.52
N LYS E 561 1.93 28.95 -27.63
CA LYS E 561 1.19 30.15 -28.03
C LYS E 561 2.07 31.38 -28.15
N TYR E 562 3.24 31.38 -27.48
CA TYR E 562 4.11 32.56 -27.42
C TYR E 562 5.53 32.15 -27.82
N ALA E 563 5.73 31.90 -29.11
CA ALA E 563 7.00 31.38 -29.61
C ALA E 563 8.09 32.45 -29.66
N LYS E 564 7.75 33.69 -30.01
CA LYS E 564 8.74 34.74 -30.20
C LYS E 564 8.79 35.70 -29.02
N CYS E 565 8.60 35.19 -27.80
CA CYS E 565 8.58 36.06 -26.63
C CYS E 565 9.99 36.46 -26.19
N LEU E 566 11.00 35.65 -26.46
CA LEU E 566 12.36 35.95 -26.04
C LEU E 566 13.19 36.64 -27.12
N GLN E 567 12.57 37.09 -28.21
CA GLN E 567 13.31 37.81 -29.24
C GLN E 567 13.04 39.30 -29.25
N LYS E 568 11.90 39.76 -28.74
CA LYS E 568 11.62 41.18 -28.66
C LYS E 568 12.31 41.86 -27.49
N ILE E 569 12.98 41.11 -26.62
CA ILE E 569 13.60 41.67 -25.43
C ILE E 569 14.96 42.27 -25.77
N ASP E 570 15.31 43.34 -25.05
CA ASP E 570 16.58 44.05 -25.23
C ASP E 570 17.21 44.33 -23.87
N LYS E 571 18.32 45.07 -23.91
CA LYS E 571 19.04 45.46 -22.70
C LYS E 571 18.18 46.38 -21.85
N ASP E 572 18.27 46.23 -20.54
CA ASP E 572 17.73 47.21 -19.60
C ASP E 572 18.93 47.88 -18.96
N ASP E 573 19.12 49.17 -19.26
CA ASP E 573 20.28 49.91 -18.76
C ASP E 573 20.21 50.12 -17.25
N VAL E 574 18.99 50.28 -16.72
CA VAL E 574 18.79 50.74 -15.34
C VAL E 574 18.74 49.58 -14.34
N ASN E 575 17.96 48.53 -14.62
CA ASN E 575 17.59 47.57 -13.57
C ASN E 575 18.36 46.25 -13.56
N GLY E 576 19.12 45.92 -14.60
CA GLY E 576 19.74 44.61 -14.59
C GLY E 576 19.06 43.63 -15.55
N ASN E 577 19.86 42.70 -16.07
CA ASN E 577 19.42 41.80 -17.12
C ASN E 577 19.94 40.39 -16.91
N TYR E 578 19.29 39.44 -17.59
CA TYR E 578 19.83 38.11 -17.77
C TYR E 578 20.76 38.11 -18.98
N GLU E 579 21.68 37.14 -19.01
CA GLU E 579 22.53 36.91 -20.16
C GLU E 579 21.94 35.78 -21.01
N LYS E 580 21.59 36.10 -22.25
CA LYS E 580 20.92 35.17 -23.17
C LYS E 580 21.94 34.58 -24.12
N ILE E 581 21.80 33.28 -24.40
CA ILE E 581 22.78 32.61 -25.23
C ILE E 581 22.61 33.05 -26.68
N ASN E 582 23.72 33.03 -27.43
CA ASN E 582 23.72 33.35 -28.84
C ASN E 582 24.52 32.27 -29.57
N TYR E 583 23.96 31.07 -29.59
CA TYR E 583 24.61 29.89 -30.15
C TYR E 583 24.49 29.89 -31.68
N LYS E 584 25.58 29.54 -32.35
CA LYS E 584 25.61 29.50 -33.81
C LYS E 584 26.53 28.37 -34.25
N LEU E 585 26.01 27.43 -35.03
CA LEU E 585 26.73 26.21 -35.37
C LEU E 585 26.43 25.79 -36.79
N LEU E 586 27.45 25.28 -37.48
CA LEU E 586 27.32 24.79 -38.86
C LEU E 586 27.64 23.31 -38.84
N PRO E 587 26.65 22.45 -38.58
CA PRO E 587 26.94 21.03 -38.44
C PRO E 587 27.01 20.31 -39.78
N GLY E 588 27.95 19.39 -39.89
CA GLY E 588 28.11 18.58 -41.07
C GLY E 588 28.39 19.41 -42.30
N PRO E 589 29.55 20.06 -42.35
CA PRO E 589 29.88 20.87 -43.54
C PRO E 589 29.85 20.08 -44.83
N ASN E 590 30.18 18.79 -44.78
CA ASN E 590 30.15 17.94 -45.97
C ASN E 590 28.74 17.73 -46.48
N LYS E 591 27.73 17.96 -45.65
CA LYS E 591 26.35 17.74 -46.03
C LYS E 591 25.52 19.01 -45.97
N MET E 592 26.10 20.13 -45.55
CA MET E 592 25.39 21.39 -45.50
C MET E 592 25.87 22.40 -46.52
N LEU E 593 27.10 22.28 -47.00
CA LEU E 593 27.63 23.09 -48.09
C LEU E 593 27.04 22.65 -49.42
N PRO E 594 26.83 21.34 -49.68
CA PRO E 594 26.15 20.95 -50.92
C PRO E 594 24.64 21.07 -50.83
N LYS E 595 24.05 20.71 -49.69
CA LYS E 595 22.60 20.77 -49.54
C LYS E 595 22.06 22.18 -49.69
N VAL E 596 22.84 23.18 -49.29
CA VAL E 596 22.39 24.56 -49.40
C VAL E 596 22.70 25.15 -50.77
N PHE E 597 23.91 24.93 -51.27
CA PHE E 597 24.36 25.60 -52.49
C PHE E 597 23.95 24.87 -53.77
N PHE E 598 23.42 23.67 -53.66
CA PHE E 598 22.83 22.96 -54.81
C PHE E 598 21.33 22.79 -54.65
N SER E 599 20.72 23.57 -53.76
CA SER E 599 19.28 23.52 -53.57
C SER E 599 18.56 24.27 -54.68
N LYS E 600 17.31 23.88 -54.90
CA LYS E 600 16.47 24.59 -55.87
C LYS E 600 16.40 26.07 -55.52
N LYS E 601 16.34 26.37 -54.22
CA LYS E 601 16.21 27.75 -53.75
C LYS E 601 17.44 28.59 -54.10
N TRP E 602 18.64 28.05 -53.88
CA TRP E 602 19.84 28.88 -54.00
C TRP E 602 20.61 28.69 -55.29
N MET E 603 20.21 27.74 -56.15
CA MET E 603 20.84 27.68 -57.48
C MET E 603 20.47 28.92 -58.30
N ALA E 604 19.34 29.57 -57.99
CA ALA E 604 19.01 30.82 -58.67
C ALA E 604 20.00 31.92 -58.31
N TYR E 605 20.27 32.10 -57.02
CA TYR E 605 21.19 33.16 -56.60
C TYR E 605 22.62 32.87 -57.06
N TYR E 606 23.07 31.63 -56.84
CA TYR E 606 24.41 31.19 -57.24
C TYR E 606 24.29 30.34 -58.49
N ASN E 607 24.82 30.83 -59.60
CA ASN E 607 24.76 30.02 -60.82
C ASN E 607 26.04 29.20 -60.88
N PRO E 608 26.04 27.97 -60.37
CA PRO E 608 27.28 27.18 -60.38
C PRO E 608 27.63 26.76 -61.79
N SER E 609 28.92 26.86 -62.12
CA SER E 609 29.37 26.44 -63.43
C SER E 609 28.89 25.01 -63.73
N GLU E 610 28.51 24.78 -64.99
CA GLU E 610 28.08 23.45 -65.39
C GLU E 610 29.16 22.41 -65.10
N ASP E 611 30.44 22.83 -65.12
CA ASP E 611 31.52 21.97 -64.70
C ASP E 611 31.35 21.53 -63.25
N ILE E 612 31.05 22.49 -62.37
CA ILE E 612 30.86 22.21 -60.94
C ILE E 612 29.82 21.10 -60.74
N GLN E 613 28.57 21.36 -61.14
CA GLN E 613 27.51 20.41 -60.84
C GLN E 613 27.72 19.05 -61.52
N LYS E 614 28.64 18.95 -62.48
CA LYS E 614 29.07 17.65 -63.00
C LYS E 614 30.34 17.14 -62.32
N ILE E 615 31.03 17.98 -61.55
CA ILE E 615 32.12 17.52 -60.71
C ILE E 615 31.56 16.84 -59.46
N TYR E 616 30.60 17.49 -58.80
CA TYR E 616 29.92 16.86 -57.68
C TYR E 616 29.19 15.60 -58.12
N LYS E 617 28.62 15.62 -59.34
CA LYS E 617 27.89 14.46 -59.83
C LYS E 617 28.82 13.29 -60.10
N ASN E 618 29.94 13.53 -60.80
CA ASN E 618 30.88 12.47 -61.11
C ASN E 618 31.71 12.04 -59.90
N GLY E 619 31.70 12.82 -58.82
CA GLY E 619 32.50 12.49 -57.67
C GLY E 619 33.99 12.67 -57.86
N THR E 620 34.41 13.60 -58.71
CA THR E 620 35.84 13.81 -58.95
C THR E 620 36.52 14.57 -57.81
N PHE E 621 35.76 15.25 -56.96
CA PHE E 621 36.33 15.89 -55.78
C PHE E 621 36.68 14.87 -54.71
N LYS E 622 36.08 13.68 -54.75
CA LYS E 622 36.36 12.63 -53.79
C LYS E 622 37.68 11.94 -54.13
N LYS E 623 38.40 11.52 -53.10
CA LYS E 623 39.65 10.79 -53.30
C LYS E 623 39.38 9.41 -53.90
N GLY E 624 40.34 8.94 -54.68
CA GLY E 624 40.22 7.63 -55.31
C GLY E 624 40.58 7.61 -56.77
N ASP E 625 40.00 6.68 -57.52
CA ASP E 625 40.23 6.59 -58.95
C ASP E 625 39.58 7.76 -59.69
N MET E 626 38.67 8.46 -59.04
CA MET E 626 37.97 9.59 -59.62
C MET E 626 38.60 10.94 -59.26
N PHE E 627 39.60 10.96 -58.38
CA PHE E 627 40.03 12.22 -57.79
C PHE E 627 40.81 13.05 -58.80
N ASN E 628 40.41 14.31 -58.93
CA ASN E 628 41.14 15.31 -59.71
C ASN E 628 41.37 16.52 -58.82
N LEU E 629 42.57 17.08 -58.88
CA LEU E 629 42.93 18.14 -57.95
C LEU E 629 42.27 19.46 -58.33
N ASN E 630 42.33 19.82 -59.63
CA ASN E 630 41.73 21.08 -60.08
C ASN E 630 40.22 21.06 -59.89
N ASP E 631 39.59 19.90 -60.09
CA ASP E 631 38.16 19.78 -59.80
C ASP E 631 37.90 20.03 -58.32
N CYS E 632 38.66 19.37 -57.44
CA CYS E 632 38.54 19.61 -56.02
C CYS E 632 38.79 21.06 -55.67
N HIS E 633 39.89 21.63 -56.16
CA HIS E 633 40.19 23.04 -55.95
C HIS E 633 39.03 23.93 -56.37
N LYS E 634 38.45 23.67 -57.54
CA LYS E 634 37.41 24.55 -58.05
C LYS E 634 36.12 24.43 -57.23
N LEU E 635 35.78 23.22 -56.79
CA LEU E 635 34.64 23.04 -55.91
C LEU E 635 34.81 23.82 -54.60
N ILE E 636 36.04 23.86 -54.08
CA ILE E 636 36.28 24.56 -52.82
C ILE E 636 36.00 26.05 -52.98
N ASP E 637 36.60 26.66 -54.00
CA ASP E 637 36.45 28.10 -54.16
C ASP E 637 35.05 28.50 -54.56
N PHE E 638 34.30 27.59 -55.19
CA PHE E 638 32.89 27.87 -55.45
C PHE E 638 32.13 27.95 -54.14
N PHE E 639 32.40 27.04 -53.21
CA PHE E 639 31.81 27.14 -51.88
C PHE E 639 32.29 28.41 -51.17
N LYS E 640 33.59 28.71 -51.28
CA LYS E 640 34.15 29.89 -50.62
C LYS E 640 33.41 31.16 -51.05
N ASP E 641 33.33 31.40 -52.35
CA ASP E 641 32.59 32.55 -52.85
C ASP E 641 31.14 32.48 -52.40
N SER E 642 30.56 31.27 -52.46
CA SER E 642 29.14 31.12 -52.14
C SER E 642 28.87 31.39 -50.67
N ILE E 643 29.74 30.93 -49.78
CA ILE E 643 29.58 31.22 -48.36
C ILE E 643 29.77 32.71 -48.10
N SER E 644 30.82 33.30 -48.70
CA SER E 644 31.04 34.73 -48.57
C SER E 644 29.85 35.53 -49.04
N ARG E 645 29.10 35.02 -50.02
CA ARG E 645 27.89 35.67 -50.49
C ARG E 645 26.63 35.10 -49.83
N TYR E 646 26.80 34.14 -48.92
CA TYR E 646 25.69 33.68 -48.09
C TYR E 646 25.74 34.44 -46.78
N PRO E 647 24.72 35.24 -46.45
CA PRO E 647 24.86 36.15 -45.31
C PRO E 647 24.83 35.45 -43.96
N LYS E 648 23.92 34.51 -43.75
CA LYS E 648 23.71 33.97 -42.40
C LYS E 648 24.86 33.10 -41.92
N TRP E 649 25.83 32.79 -42.78
CA TRP E 649 27.03 32.09 -42.37
C TRP E 649 28.24 33.02 -42.23
N SER E 650 28.41 33.95 -43.18
CA SER E 650 29.60 34.81 -43.19
C SER E 650 29.62 35.74 -41.98
N ASN E 651 28.50 36.39 -41.66
CA ASN E 651 28.47 37.24 -40.49
C ASN E 651 28.53 36.44 -39.20
N ALA E 652 27.79 35.32 -39.14
CA ALA E 652 27.66 34.58 -37.88
C ALA E 652 29.00 34.02 -37.42
N TYR E 653 29.77 33.44 -38.33
CA TYR E 653 31.08 32.92 -38.01
C TYR E 653 32.05 33.72 -38.87
N ASP E 654 33.22 34.04 -38.34
CA ASP E 654 34.22 34.78 -39.09
C ASP E 654 35.22 33.79 -39.68
N PHE E 655 35.28 33.74 -41.00
CA PHE E 655 35.89 32.63 -41.72
C PHE E 655 37.27 33.03 -42.24
N ASN E 656 38.29 32.25 -41.86
CA ASN E 656 39.62 32.37 -42.43
C ASN E 656 40.03 31.01 -43.01
N PHE E 657 40.26 30.97 -44.32
CA PHE E 657 40.69 29.77 -45.04
C PHE E 657 42.10 29.92 -45.56
N SER E 658 42.88 28.86 -45.41
CA SER E 658 44.19 28.82 -46.01
C SER E 658 44.05 28.79 -47.54
N GLU E 659 45.14 29.18 -48.22
CA GLU E 659 45.15 29.24 -49.67
C GLU E 659 44.71 27.91 -50.28
N THR E 660 43.71 27.98 -51.17
CA THR E 660 43.15 26.77 -51.78
C THR E 660 44.20 25.90 -52.46
N GLU E 661 45.22 26.52 -53.04
CA GLU E 661 46.27 25.78 -53.72
C GLU E 661 47.09 24.94 -52.75
N LYS E 662 46.75 25.00 -51.47
CA LYS E 662 47.44 24.21 -50.45
C LYS E 662 46.61 23.07 -49.91
N TYR E 663 45.31 23.01 -50.23
CA TYR E 663 44.49 21.87 -49.83
C TYR E 663 44.93 20.62 -50.59
N LYS E 664 45.10 19.53 -49.86
CA LYS E 664 45.49 18.25 -50.45
C LYS E 664 44.29 17.40 -50.83
N ASP E 665 43.15 17.58 -50.17
CA ASP E 665 41.92 16.89 -50.51
C ASP E 665 40.75 17.81 -50.21
N ILE E 666 39.55 17.36 -50.59
CA ILE E 666 38.35 18.12 -50.26
C ILE E 666 38.08 18.10 -48.76
N ALA E 667 38.61 17.10 -48.04
CA ALA E 667 38.36 17.00 -46.60
C ALA E 667 39.05 18.11 -45.82
N GLY E 668 40.27 18.49 -46.23
CA GLY E 668 40.99 19.54 -45.53
C GLY E 668 40.24 20.86 -45.48
N PHE E 669 39.42 21.13 -46.49
CA PHE E 669 38.62 22.35 -46.50
C PHE E 669 37.48 22.27 -45.50
N TYR E 670 36.65 21.22 -45.59
CA TYR E 670 35.50 21.08 -44.70
C TYR E 670 35.90 21.18 -43.23
N ARG E 671 37.11 20.73 -42.89
CA ARG E 671 37.58 20.82 -41.51
C ARG E 671 37.71 22.27 -41.07
N GLU E 672 38.22 23.13 -41.95
CA GLU E 672 38.32 24.54 -41.60
C GLU E 672 36.95 25.18 -41.44
N VAL E 673 35.96 24.73 -42.22
CA VAL E 673 34.58 25.18 -42.00
C VAL E 673 34.07 24.68 -40.65
N GLU E 674 34.22 23.39 -40.39
CA GLU E 674 33.71 22.78 -39.16
C GLU E 674 34.34 23.42 -37.92
N GLU E 675 35.65 23.68 -37.97
CA GLU E 675 36.34 24.24 -36.81
C GLU E 675 35.90 25.67 -36.52
N GLN E 676 35.57 26.43 -37.57
CA GLN E 676 35.17 27.83 -37.43
C GLN E 676 33.66 28.04 -37.44
N GLY E 677 32.88 27.03 -37.84
CA GLY E 677 31.45 27.20 -37.81
C GLY E 677 30.85 26.92 -36.46
N TYR E 678 31.38 27.59 -35.43
CA TYR E 678 30.83 27.49 -34.09
C TYR E 678 31.23 28.73 -33.31
N LYS E 679 30.25 29.45 -32.77
CA LYS E 679 30.48 30.64 -31.96
C LYS E 679 29.42 30.73 -30.88
N VAL E 680 29.86 30.83 -29.64
CA VAL E 680 28.97 30.99 -28.50
C VAL E 680 29.30 32.28 -27.80
N SER E 681 28.32 33.17 -27.70
CA SER E 681 28.43 34.41 -26.96
C SER E 681 27.11 34.63 -26.25
N PHE E 682 27.03 35.67 -25.44
CA PHE E 682 25.84 35.93 -24.67
C PHE E 682 25.41 37.37 -24.86
N GLU E 683 24.10 37.59 -24.84
CA GLU E 683 23.52 38.90 -25.01
C GLU E 683 22.71 39.26 -23.77
N SER E 684 22.38 40.53 -23.65
CA SER E 684 21.65 41.02 -22.48
C SER E 684 20.17 41.15 -22.81
N ALA E 685 19.34 40.59 -21.94
CA ALA E 685 17.89 40.66 -22.05
C ALA E 685 17.34 40.98 -20.67
N SER E 686 16.41 41.93 -20.62
CA SER E 686 16.02 42.55 -19.35
C SER E 686 15.56 41.50 -18.35
N LYS E 687 15.95 41.70 -17.09
CA LYS E 687 15.52 40.79 -16.03
C LYS E 687 14.06 41.02 -15.66
N LYS E 688 13.68 42.29 -15.48
CA LYS E 688 12.30 42.59 -15.11
C LYS E 688 11.31 42.16 -16.19
N GLU E 689 11.77 42.08 -17.45
CA GLU E 689 10.89 41.67 -18.55
C GLU E 689 10.78 40.14 -18.64
N VAL E 690 11.91 39.45 -18.64
CA VAL E 690 11.90 37.99 -18.70
C VAL E 690 11.12 37.40 -17.52
N ASP E 691 11.30 37.98 -16.33
CA ASP E 691 10.58 37.47 -15.16
C ASP E 691 9.08 37.62 -15.31
N LYS E 692 8.62 38.72 -15.93
CA LYS E 692 7.19 38.86 -16.20
C LYS E 692 6.68 37.83 -17.18
N LEU E 693 7.54 37.34 -18.09
CA LEU E 693 7.14 36.29 -19.01
C LEU E 693 6.89 34.97 -18.27
N VAL E 694 7.52 34.79 -17.10
CA VAL E 694 7.27 33.61 -16.29
C VAL E 694 6.02 33.83 -15.44
N GLU E 695 5.85 35.05 -14.92
CA GLU E 695 4.63 35.38 -14.20
C GLU E 695 3.40 35.21 -15.08
N GLU E 696 3.49 35.60 -16.35
CA GLU E 696 2.38 35.48 -17.28
C GLU E 696 2.21 34.08 -17.84
N GLY E 697 3.15 33.17 -17.59
CA GLY E 697 3.04 31.82 -18.12
C GLY E 697 3.34 31.68 -19.60
N LYS E 698 3.86 32.73 -20.23
CA LYS E 698 4.31 32.64 -21.63
C LYS E 698 5.70 32.04 -21.75
N LEU E 699 6.42 31.90 -20.65
CA LEU E 699 7.77 31.34 -20.65
C LEU E 699 7.96 30.43 -19.44
N TYR E 700 8.53 29.26 -19.68
CA TYR E 700 8.89 28.35 -18.61
C TYR E 700 10.39 28.43 -18.41
N MET E 701 10.83 28.31 -17.15
CA MET E 701 12.22 28.62 -16.83
C MET E 701 12.65 27.77 -15.64
N PHE E 702 13.67 26.93 -15.85
CA PHE E 702 14.25 26.11 -14.79
C PHE E 702 15.72 26.43 -14.62
N GLN E 703 16.23 26.26 -13.39
CA GLN E 703 17.66 26.34 -13.17
C GLN E 703 18.34 25.02 -13.47
N ILE E 704 19.45 25.07 -14.19
CA ILE E 704 20.31 23.91 -14.38
C ILE E 704 21.19 23.76 -13.15
N TYR E 705 21.21 22.56 -12.57
CA TYR E 705 21.65 22.45 -11.19
C TYR E 705 22.27 21.09 -10.89
N ASN E 706 23.31 21.12 -10.05
CA ASN E 706 23.74 19.98 -9.26
C ASN E 706 24.26 20.52 -7.93
N LYS E 707 24.64 19.61 -7.03
CA LYS E 707 24.95 20.03 -5.66
C LYS E 707 26.18 20.94 -5.57
N ASP E 708 26.93 21.12 -6.66
CA ASP E 708 28.02 22.09 -6.67
C ASP E 708 27.51 23.53 -6.75
N PHE E 709 26.34 23.73 -7.34
CA PHE E 709 25.75 25.06 -7.53
C PHE E 709 25.14 25.63 -6.25
N SER E 710 25.22 24.90 -5.14
CA SER E 710 24.62 25.34 -3.89
C SER E 710 25.39 26.49 -3.28
N ASP E 711 24.68 27.35 -2.54
CA ASP E 711 25.34 28.43 -1.84
C ASP E 711 26.17 27.91 -0.67
N LYS E 712 26.09 26.61 -0.39
CA LYS E 712 26.85 25.96 0.66
C LYS E 712 27.96 25.08 0.12
N SER E 713 28.08 24.93 -1.20
CA SER E 713 29.06 24.02 -1.75
C SER E 713 30.40 24.73 -1.84
N HIS E 714 31.39 24.19 -1.14
CA HIS E 714 32.72 24.77 -1.02
C HIS E 714 33.81 23.81 -1.45
N GLY E 715 33.45 22.65 -2.00
CA GLY E 715 34.40 21.60 -2.29
C GLY E 715 34.70 21.47 -3.78
N THR E 716 35.62 20.56 -4.07
CA THR E 716 36.09 20.39 -5.43
C THR E 716 34.91 20.01 -6.32
N PRO E 717 34.72 20.67 -7.46
CA PRO E 717 33.52 20.41 -8.25
C PRO E 717 33.55 19.03 -8.86
N ASN E 718 32.35 18.54 -9.18
CA ASN E 718 32.27 17.30 -9.92
C ASN E 718 32.88 17.47 -11.30
N LEU E 719 33.43 16.39 -11.84
CA LEU E 719 34.13 16.47 -13.11
C LEU E 719 33.24 17.02 -14.22
N HIS E 720 31.98 16.56 -14.26
CA HIS E 720 31.05 17.08 -15.25
C HIS E 720 30.67 18.53 -14.96
N THR E 721 30.69 18.93 -13.69
CA THR E 721 30.43 20.33 -13.38
C THR E 721 31.49 21.23 -13.99
N MET E 722 32.74 20.75 -14.04
CA MET E 722 33.80 21.53 -14.70
C MET E 722 33.54 21.63 -16.20
N TYR E 723 33.15 20.52 -16.83
CA TYR E 723 32.84 20.55 -18.25
C TYR E 723 31.76 21.59 -18.55
N PHE E 724 30.64 21.52 -17.84
CA PHE E 724 29.51 22.42 -18.08
C PHE E 724 29.94 23.88 -18.01
N LYS E 725 30.71 24.24 -16.97
CA LYS E 725 31.12 25.62 -16.80
C LYS E 725 32.08 26.05 -17.92
N LEU E 726 32.91 25.12 -18.39
CA LEU E 726 33.87 25.40 -19.44
C LEU E 726 33.23 25.64 -20.80
N LEU E 727 32.00 25.14 -21.01
CA LEU E 727 31.33 25.33 -22.30
C LEU E 727 31.25 26.80 -22.69
N PHE E 728 31.06 27.67 -21.71
CA PHE E 728 30.89 29.09 -21.95
C PHE E 728 32.09 29.93 -21.52
N ASP E 729 33.10 29.30 -20.91
CA ASP E 729 34.33 30.02 -20.57
C ASP E 729 35.09 30.37 -21.84
N GLU E 730 35.59 31.62 -21.90
CA GLU E 730 36.26 32.09 -23.10
C GLU E 730 37.68 31.57 -23.25
N ASN E 731 38.15 30.72 -22.34
CA ASN E 731 39.39 30.00 -22.55
C ASN E 731 39.16 28.64 -23.19
N ASN E 732 37.90 28.27 -23.42
CA ASN E 732 37.55 27.02 -24.09
C ASN E 732 37.46 27.35 -25.58
N HIS E 733 38.58 27.22 -26.27
CA HIS E 733 38.66 27.54 -27.70
C HIS E 733 38.25 26.33 -28.54
N GLY E 734 37.03 25.84 -28.29
CA GLY E 734 36.48 24.73 -29.04
C GLY E 734 36.88 23.35 -28.55
N GLN E 735 37.60 23.24 -27.44
CA GLN E 735 37.94 21.93 -26.90
C GLN E 735 36.68 21.15 -26.55
N ILE E 736 35.76 21.80 -25.83
CA ILE E 736 34.49 21.20 -25.49
C ILE E 736 33.39 22.09 -26.04
N ARG E 737 32.57 21.53 -26.95
CA ARG E 737 31.47 22.24 -27.58
C ARG E 737 30.15 21.85 -26.93
N LEU E 738 29.18 22.75 -27.05
CA LEU E 738 27.81 22.50 -26.61
C LEU E 738 27.06 21.86 -27.77
N SER E 739 26.74 20.57 -27.63
CA SER E 739 26.09 19.82 -28.68
C SER E 739 24.57 19.97 -28.62
N GLY E 740 23.91 19.71 -29.75
CA GLY E 740 22.48 19.74 -29.83
C GLY E 740 21.87 18.45 -29.32
N GLY E 741 20.55 18.34 -29.50
CA GLY E 741 19.86 17.10 -29.22
C GLY E 741 19.63 16.80 -27.77
N ALA E 742 19.64 17.81 -26.91
CA ALA E 742 19.40 17.59 -25.50
C ALA E 742 17.94 17.21 -25.26
N GLU E 743 17.70 16.54 -24.13
CA GLU E 743 16.36 16.11 -23.76
C GLU E 743 16.06 16.49 -22.32
N LEU E 744 14.76 16.57 -22.02
CA LEU E 744 14.28 16.99 -20.71
C LEU E 744 13.20 16.02 -20.26
N PHE E 745 13.45 15.29 -19.19
CA PHE E 745 12.58 14.25 -18.69
C PHE E 745 11.91 14.68 -17.39
N MET E 746 10.86 13.95 -17.01
CA MET E 746 10.20 14.16 -15.72
C MET E 746 10.05 12.80 -15.04
N ARG E 747 10.64 12.68 -13.86
CA ARG E 747 10.68 11.42 -13.10
C ARG E 747 9.86 11.61 -11.83
N ARG E 748 8.65 11.04 -11.82
CA ARG E 748 7.80 11.16 -10.64
C ARG E 748 8.44 10.50 -9.42
N ALA E 749 8.03 10.98 -8.25
CA ALA E 749 8.50 10.44 -6.99
C ALA E 749 8.18 8.96 -6.86
N SER E 750 9.08 8.22 -6.20
CA SER E 750 8.86 6.82 -5.95
C SER E 750 8.69 6.49 -4.47
N LEU E 751 8.98 7.43 -3.58
CA LEU E 751 8.81 7.26 -2.15
C LEU E 751 8.14 8.49 -1.57
N LYS E 752 7.54 8.33 -0.40
CA LYS E 752 6.94 9.45 0.32
C LYS E 752 7.93 9.92 1.37
N LYS E 753 8.08 11.25 1.49
CA LYS E 753 9.11 11.79 2.38
C LYS E 753 8.88 11.39 3.83
N GLU E 754 7.63 11.42 4.30
CA GLU E 754 7.37 11.09 5.69
C GLU E 754 7.68 9.62 6.01
N GLU E 755 7.72 8.75 5.00
CA GLU E 755 7.97 7.33 5.23
C GLU E 755 9.45 6.95 5.21
N LEU E 756 10.35 7.85 4.80
CA LEU E 756 11.73 7.44 4.52
C LEU E 756 12.51 7.18 5.80
N VAL E 757 13.66 6.54 5.63
CA VAL E 757 14.60 6.35 6.74
C VAL E 757 15.14 7.72 7.12
N VAL E 758 14.87 8.13 8.37
CA VAL E 758 15.17 9.48 8.84
C VAL E 758 16.13 9.40 10.00
N HIS E 759 17.08 10.33 10.02
CA HIS E 759 17.94 10.53 11.17
C HIS E 759 17.46 11.75 11.92
N PRO E 760 16.95 11.61 13.14
CA PRO E 760 16.33 12.74 13.82
C PRO E 760 17.32 13.89 13.94
N ALA E 761 16.79 15.11 13.97
CA ALA E 761 17.62 16.29 13.84
C ALA E 761 18.70 16.35 14.91
N ASN E 762 18.35 16.80 16.11
CA ASN E 762 19.32 17.00 17.18
C ASN E 762 19.77 15.70 17.86
N SER E 763 19.52 14.51 17.27
CA SER E 763 19.99 13.29 17.93
C SER E 763 21.31 12.81 17.32
N PRO E 764 22.28 12.43 18.14
CA PRO E 764 23.61 12.09 17.62
C PRO E 764 23.58 10.83 16.75
N ILE E 765 24.32 10.89 15.64
CA ILE E 765 24.43 9.80 14.69
C ILE E 765 25.81 9.17 14.80
N ALA E 766 25.88 7.85 14.60
CA ALA E 766 27.15 7.14 14.69
C ALA E 766 27.77 7.07 13.30
N ASN E 767 29.08 7.34 13.23
CA ASN E 767 29.79 7.36 11.96
C ASN E 767 30.34 5.97 11.68
N LYS E 768 30.19 5.50 10.44
CA LYS E 768 30.48 4.10 10.16
C LYS E 768 31.98 3.82 10.09
N ASN E 769 32.78 4.81 9.69
CA ASN E 769 34.22 4.60 9.61
C ASN E 769 34.81 4.52 11.01
N PRO E 770 35.45 3.42 11.40
CA PRO E 770 36.14 3.38 12.69
C PRO E 770 37.44 4.17 12.70
N ASP E 771 37.95 4.55 11.53
CA ASP E 771 39.16 5.37 11.46
C ASP E 771 38.88 6.84 11.72
N ASN E 772 37.69 7.32 11.38
CA ASN E 772 37.30 8.70 11.65
C ASN E 772 37.36 8.96 13.15
N PRO E 773 38.22 9.85 13.63
CA PRO E 773 38.31 10.08 15.08
C PRO E 773 37.14 10.87 15.63
N LYS E 774 36.13 11.13 14.81
CA LYS E 774 34.90 11.78 15.25
C LYS E 774 33.79 10.75 15.07
N LYS E 775 33.49 10.02 16.14
CA LYS E 775 32.58 8.89 16.09
C LYS E 775 31.11 9.30 16.18
N THR E 776 30.81 10.60 16.13
CA THR E 776 29.44 11.07 16.25
C THR E 776 29.28 12.34 15.43
N THR E 777 28.15 12.47 14.75
CA THR E 777 27.77 13.71 14.11
C THR E 777 26.40 14.11 14.63
N THR E 778 26.25 15.37 15.05
CA THR E 778 24.99 15.89 15.56
C THR E 778 24.63 17.12 14.72
N LEU E 779 23.78 16.93 13.73
CA LEU E 779 23.39 17.98 12.81
C LEU E 779 22.10 18.63 13.30
N SER E 780 21.89 19.89 12.89
CA SER E 780 20.68 20.61 13.26
C SER E 780 19.57 20.47 12.23
N TYR E 781 19.56 19.37 11.47
CA TYR E 781 18.59 19.16 10.42
C TYR E 781 18.46 17.67 10.14
N ASP E 782 17.34 17.29 9.52
CA ASP E 782 17.03 15.89 9.30
C ASP E 782 17.83 15.34 8.12
N VAL E 783 18.25 14.09 8.23
CA VAL E 783 18.99 13.42 7.17
C VAL E 783 18.08 12.32 6.63
N TYR E 784 17.48 12.56 5.48
CA TYR E 784 16.62 11.57 4.83
C TYR E 784 17.42 10.79 3.80
N LYS E 785 17.18 9.48 3.75
CA LYS E 785 17.79 8.60 2.76
C LYS E 785 16.90 8.58 1.52
N ASP E 786 17.54 8.64 0.34
CA ASP E 786 16.83 8.64 -0.95
C ASP E 786 15.87 9.80 -1.07
N LYS E 787 16.21 10.95 -0.48
CA LYS E 787 15.37 12.13 -0.59
C LYS E 787 15.23 12.58 -2.03
N ARG E 788 16.22 12.30 -2.87
CA ARG E 788 16.15 12.68 -4.28
C ARG E 788 15.01 11.97 -5.00
N PHE E 789 14.53 10.85 -4.47
CA PHE E 789 13.40 10.14 -5.05
C PHE E 789 12.10 10.40 -4.30
N SER E 790 12.11 11.31 -3.33
CA SER E 790 10.92 11.59 -2.55
C SER E 790 10.07 12.71 -3.14
N GLU E 791 10.60 13.46 -4.12
CA GLU E 791 9.84 14.51 -4.78
C GLU E 791 10.08 14.43 -6.27
N ASP E 792 9.21 15.10 -7.03
CA ASP E 792 9.35 15.12 -8.48
C ASP E 792 10.54 15.99 -8.88
N GLN E 793 11.21 15.57 -9.95
CA GLN E 793 12.46 16.21 -10.35
C GLN E 793 12.53 16.26 -11.87
N TYR E 794 12.77 17.44 -12.41
CA TYR E 794 13.05 17.58 -13.83
C TYR E 794 14.51 17.28 -14.09
N GLU E 795 14.79 16.68 -15.24
CA GLU E 795 16.13 16.23 -15.59
C GLU E 795 16.54 16.77 -16.95
N LEU E 796 17.81 17.14 -17.08
CA LEU E 796 18.35 17.69 -18.31
C LEU E 796 19.59 16.92 -18.70
N HIS E 797 19.56 16.30 -19.88
CA HIS E 797 20.70 15.59 -20.43
C HIS E 797 21.22 16.45 -21.57
N ILE E 798 22.42 17.00 -21.39
CA ILE E 798 23.01 17.94 -22.31
C ILE E 798 24.21 17.22 -22.98
N PRO E 799 24.11 16.85 -24.24
CA PRO E 799 25.27 16.26 -24.90
C PRO E 799 26.33 17.33 -25.14
N ILE E 800 27.60 16.94 -24.98
CA ILE E 800 28.72 17.80 -25.31
C ILE E 800 29.64 17.01 -26.23
N ALA E 801 30.42 17.75 -27.00
CA ALA E 801 31.37 17.17 -27.94
C ALA E 801 32.76 17.66 -27.58
N ILE E 802 33.66 16.71 -27.30
CA ILE E 802 35.02 17.01 -26.88
C ILE E 802 35.94 16.82 -28.08
N ASN E 803 36.68 17.88 -28.41
CA ASN E 803 37.69 17.83 -29.47
C ASN E 803 37.10 17.46 -30.83
N LYS E 804 35.96 18.09 -31.18
CA LYS E 804 35.36 17.86 -32.50
C LYS E 804 36.34 18.08 -33.64
N CYS E 805 37.37 18.90 -33.43
CA CYS E 805 38.39 19.18 -34.44
C CYS E 805 39.76 18.86 -33.85
N PRO E 806 40.23 17.61 -33.99
CA PRO E 806 41.52 17.21 -33.41
C PRO E 806 42.69 17.73 -34.23
N LYS E 807 43.56 18.53 -33.59
CA LYS E 807 44.77 18.99 -34.26
C LYS E 807 45.78 17.86 -34.40
N ASN E 808 46.19 17.27 -33.27
CA ASN E 808 47.22 16.23 -33.28
C ASN E 808 46.64 14.95 -33.87
N ILE E 809 47.01 14.63 -35.11
CA ILE E 809 46.57 13.41 -35.77
C ILE E 809 47.82 12.57 -36.04
N PHE E 810 47.89 11.41 -35.40
CA PHE E 810 48.93 10.43 -35.70
C PHE E 810 48.43 9.08 -35.23
N LYS E 811 49.17 8.04 -35.56
CA LYS E 811 48.87 6.73 -34.99
C LYS E 811 49.26 6.75 -33.52
N ILE E 812 48.34 6.28 -32.67
CA ILE E 812 48.54 6.43 -31.23
C ILE E 812 49.37 5.28 -30.68
N ASN E 813 49.07 4.04 -31.09
CA ASN E 813 49.92 2.92 -30.70
C ASN E 813 51.35 3.12 -31.16
N THR E 814 51.55 3.79 -32.30
CA THR E 814 52.90 4.07 -32.79
C THR E 814 53.60 5.11 -31.92
N GLU E 815 52.90 6.20 -31.60
CA GLU E 815 53.51 7.25 -30.78
C GLU E 815 53.90 6.72 -29.40
N VAL E 816 53.13 5.76 -28.87
CA VAL E 816 53.49 5.14 -27.60
C VAL E 816 54.78 4.34 -27.73
N ARG E 817 54.93 3.60 -28.84
CA ARG E 817 56.14 2.81 -29.03
C ARG E 817 57.36 3.71 -29.22
N VAL E 818 57.22 4.80 -29.95
CA VAL E 818 58.35 5.70 -30.18
C VAL E 818 58.80 6.34 -28.86
N LEU E 819 57.84 6.80 -28.05
CA LEU E 819 58.20 7.44 -26.79
C LEU E 819 58.70 6.44 -25.76
N LEU E 820 58.42 5.16 -25.94
CA LEU E 820 59.09 4.14 -25.15
C LEU E 820 60.50 3.88 -25.66
N LYS E 821 60.71 3.95 -26.98
CA LYS E 821 62.03 3.67 -27.55
C LYS E 821 63.09 4.67 -27.10
N HIS E 822 62.68 5.87 -26.67
CA HIS E 822 63.61 6.92 -26.28
C HIS E 822 63.56 7.23 -24.80
N ASP E 823 62.64 6.62 -24.05
CA ASP E 823 62.58 6.79 -22.61
C ASP E 823 63.68 5.94 -21.96
N ASP E 824 64.47 6.57 -21.09
CA ASP E 824 65.59 5.87 -20.47
C ASP E 824 65.13 4.99 -19.31
N ASN E 825 64.21 5.48 -18.48
CA ASN E 825 63.68 4.73 -17.35
C ASN E 825 62.16 4.66 -17.48
N PRO E 826 61.64 3.76 -18.32
CA PRO E 826 60.18 3.59 -18.42
C PRO E 826 59.64 2.79 -17.25
N TYR E 827 58.35 2.98 -17.00
CA TYR E 827 57.67 2.29 -15.93
C TYR E 827 56.51 1.49 -16.52
N VAL E 828 56.16 0.38 -15.86
CA VAL E 828 55.09 -0.48 -16.32
C VAL E 828 54.19 -0.84 -15.15
N ILE E 829 52.88 -0.75 -15.36
CA ILE E 829 51.90 -1.21 -14.37
C ILE E 829 51.43 -2.60 -14.77
N GLY E 830 51.46 -3.52 -13.81
CA GLY E 830 50.96 -4.87 -14.01
C GLY E 830 49.75 -5.13 -13.18
N ILE E 831 48.67 -5.59 -13.83
CA ILE E 831 47.36 -5.80 -13.20
C ILE E 831 46.92 -7.22 -13.50
N ASP E 832 46.73 -8.03 -12.46
CA ASP E 832 46.43 -9.45 -12.60
C ASP E 832 45.15 -9.81 -11.87
N ARG E 833 44.33 -10.65 -12.51
CA ARG E 833 43.05 -11.06 -11.96
C ARG E 833 43.23 -12.28 -11.06
N GLY E 834 42.26 -12.49 -10.19
CA GLY E 834 42.24 -13.65 -9.30
C GLY E 834 40.91 -13.79 -8.61
N GLU E 835 40.75 -14.93 -7.93
CA GLU E 835 39.61 -15.18 -7.06
C GLU E 835 39.93 -15.04 -5.58
N ARG E 836 41.21 -14.89 -5.25
CA ARG E 836 41.63 -14.57 -3.90
C ARG E 836 41.95 -13.10 -3.73
N ASN E 837 42.38 -12.45 -4.81
CA ASN E 837 42.45 -10.99 -4.89
C ASN E 837 41.75 -10.57 -6.18
N LEU E 838 40.76 -9.67 -6.06
CA LEU E 838 40.02 -9.24 -7.25
C LEU E 838 40.94 -8.62 -8.29
N LEU E 839 41.88 -7.79 -7.85
CA LEU E 839 42.85 -7.14 -8.71
C LEU E 839 44.10 -6.90 -7.89
N TYR E 840 45.27 -7.21 -8.45
CA TYR E 840 46.53 -6.99 -7.76
C TYR E 840 47.42 -6.14 -8.65
N ILE E 841 47.87 -5.01 -8.12
CA ILE E 841 48.69 -4.05 -8.85
C ILE E 841 50.15 -4.32 -8.54
N VAL E 842 50.99 -4.28 -9.57
CA VAL E 842 52.44 -4.35 -9.41
C VAL E 842 53.08 -3.36 -10.36
N VAL E 843 53.87 -2.43 -9.83
CA VAL E 843 54.54 -1.42 -10.62
C VAL E 843 56.04 -1.71 -10.62
N VAL E 844 56.66 -1.64 -11.80
CA VAL E 844 58.06 -1.95 -11.97
C VAL E 844 58.72 -0.85 -12.79
N ASP E 845 60.02 -0.67 -12.59
CA ASP E 845 60.77 0.30 -13.36
C ASP E 845 61.38 -0.37 -14.59
N GLY E 846 62.16 0.39 -15.37
CA GLY E 846 62.69 -0.11 -16.62
C GLY E 846 63.60 -1.31 -16.46
N LYS E 847 64.18 -1.51 -15.28
CA LYS E 847 65.04 -2.64 -15.01
C LYS E 847 64.33 -3.79 -14.32
N GLY E 848 63.00 -3.77 -14.29
CA GLY E 848 62.26 -4.83 -13.64
C GLY E 848 62.25 -4.80 -12.13
N ASN E 849 62.71 -3.70 -11.52
CA ASN E 849 62.69 -3.60 -10.07
C ASN E 849 61.28 -3.30 -9.59
N ILE E 850 60.88 -3.97 -8.51
CA ILE E 850 59.57 -3.71 -7.94
C ILE E 850 59.60 -2.38 -7.21
N VAL E 851 58.68 -1.49 -7.57
CA VAL E 851 58.50 -0.22 -6.87
C VAL E 851 57.27 -0.29 -5.98
N GLU E 852 56.26 -1.04 -6.42
CA GLU E 852 54.99 -1.09 -5.72
C GLU E 852 54.30 -2.41 -6.01
N GLN E 853 53.57 -2.91 -5.01
CA GLN E 853 52.71 -4.07 -5.20
C GLN E 853 51.73 -4.12 -4.03
N TYR E 854 50.44 -4.22 -4.36
CA TYR E 854 49.43 -4.38 -3.32
C TYR E 854 48.16 -4.90 -3.96
N SER E 855 47.35 -5.56 -3.14
CA SER E 855 46.03 -6.01 -3.57
C SER E 855 45.04 -4.86 -3.52
N LEU E 856 44.09 -4.88 -4.46
CA LEU E 856 43.00 -3.92 -4.46
C LEU E 856 41.70 -4.52 -3.93
N ASN E 857 41.79 -5.61 -3.16
CA ASN E 857 40.62 -6.13 -2.45
C ASN E 857 39.99 -5.06 -1.58
N GLU E 858 40.81 -4.13 -1.06
CA GLU E 858 40.36 -3.03 -0.24
C GLU E 858 40.92 -1.73 -0.80
N ILE E 859 40.09 -0.69 -0.82
CA ILE E 859 40.49 0.63 -1.30
C ILE E 859 40.80 1.50 -0.09
N ILE E 860 42.04 2.01 -0.03
CA ILE E 860 42.48 2.90 1.03
C ILE E 860 42.65 4.30 0.45
N ASN E 861 42.05 5.28 1.13
CA ASN E 861 42.11 6.68 0.73
C ASN E 861 42.38 7.54 1.96
N ASN E 862 43.18 8.59 1.77
CA ASN E 862 43.41 9.58 2.80
C ASN E 862 42.96 10.94 2.27
N PHE E 863 42.08 11.59 3.01
CA PHE E 863 41.76 13.00 2.79
C PHE E 863 41.77 13.69 4.14
N ASN E 864 42.55 14.77 4.24
CA ASN E 864 42.65 15.56 5.46
C ASN E 864 43.05 14.71 6.66
N GLY E 865 43.99 13.79 6.44
CA GLY E 865 44.51 12.97 7.50
C GLY E 865 43.59 11.85 7.95
N ILE E 866 42.44 11.70 7.33
CA ILE E 866 41.44 10.71 7.72
C ILE E 866 41.54 9.52 6.78
N ARG E 867 42.18 8.44 7.22
CA ARG E 867 42.22 7.23 6.42
C ARG E 867 40.83 6.59 6.40
N ILE E 868 40.54 5.90 5.30
CA ILE E 868 39.32 5.11 5.20
C ILE E 868 39.57 3.96 4.23
N LYS E 869 39.44 2.73 4.73
CA LYS E 869 39.78 1.52 3.97
C LYS E 869 38.50 0.69 3.79
N THR E 870 37.93 0.76 2.59
CA THR E 870 36.70 0.04 2.28
C THR E 870 37.02 -1.31 1.64
N ASP E 871 36.39 -2.36 2.15
CA ASP E 871 36.72 -3.74 1.76
C ASP E 871 35.76 -4.22 0.66
N TYR E 872 35.98 -3.69 -0.54
CA TYR E 872 35.08 -3.96 -1.65
C TYR E 872 34.98 -5.44 -1.99
N HIS E 873 36.04 -6.21 -1.71
CA HIS E 873 35.94 -7.66 -1.94
C HIS E 873 34.90 -8.27 -1.01
N SER E 874 34.78 -7.74 0.20
CA SER E 874 33.74 -8.19 1.12
C SER E 874 32.38 -7.62 0.75
N LEU E 875 32.33 -6.35 0.33
CA LEU E 875 31.03 -5.75 -0.03
C LEU E 875 30.40 -6.47 -1.21
N LEU E 876 31.19 -6.83 -2.22
CA LEU E 876 30.64 -7.60 -3.33
C LEU E 876 30.29 -9.02 -2.87
N ASP E 877 31.10 -9.59 -1.98
CA ASP E 877 30.87 -10.96 -1.56
C ASP E 877 29.59 -11.09 -0.74
N LYS E 878 29.23 -10.05 0.03
CA LYS E 878 28.00 -10.09 0.79
C LYS E 878 26.79 -9.83 -0.10
N LYS E 879 26.90 -8.86 -1.02
CA LYS E 879 25.80 -8.58 -1.94
C LYS E 879 25.63 -9.69 -2.96
N GLU E 880 26.73 -10.37 -3.34
CA GLU E 880 26.59 -11.51 -4.24
C GLU E 880 25.72 -12.60 -3.61
N LYS E 881 25.92 -12.86 -2.32
CA LYS E 881 25.12 -13.85 -1.62
C LYS E 881 23.73 -13.34 -1.27
N GLU E 882 23.49 -12.04 -1.37
CA GLU E 882 22.16 -11.48 -1.17
C GLU E 882 21.30 -11.56 -2.42
N ARG E 883 21.88 -11.97 -3.55
CA ARG E 883 21.15 -12.26 -4.77
C ARG E 883 20.95 -13.77 -4.95
N PHE E 884 21.89 -14.57 -4.45
CA PHE E 884 21.74 -16.01 -4.47
C PHE E 884 20.54 -16.45 -3.64
N GLU E 885 20.49 -16.05 -2.37
CA GLU E 885 19.36 -16.42 -1.53
C GLU E 885 18.08 -15.68 -1.89
N ALA E 886 18.19 -14.56 -2.60
CA ALA E 886 16.98 -13.86 -3.03
C ALA E 886 16.26 -14.62 -4.12
N ARG E 887 17.00 -15.16 -5.09
CA ARG E 887 16.38 -15.90 -6.18
C ARG E 887 15.76 -17.20 -5.67
N GLN E 888 16.41 -17.85 -4.70
CA GLN E 888 15.85 -19.06 -4.15
C GLN E 888 14.53 -18.79 -3.43
N ASN E 889 14.47 -17.73 -2.64
CA ASN E 889 13.37 -17.50 -1.72
C ASN E 889 12.33 -16.53 -2.26
N TRP E 890 12.40 -16.21 -3.55
CA TRP E 890 11.43 -15.40 -4.27
C TRP E 890 11.37 -13.96 -3.76
N THR E 891 12.32 -13.55 -2.92
CA THR E 891 12.37 -12.21 -2.37
C THR E 891 12.94 -11.23 -3.38
N SER E 892 13.41 -10.07 -2.90
CA SER E 892 13.93 -9.04 -3.78
C SER E 892 15.36 -9.33 -4.17
N ILE E 893 15.63 -9.33 -5.48
CA ILE E 893 16.96 -9.53 -6.01
C ILE E 893 17.64 -8.17 -6.10
N GLU E 894 18.69 -7.98 -5.32
CA GLU E 894 19.39 -6.71 -5.24
C GLU E 894 20.21 -6.46 -6.51
N ASN E 895 20.46 -5.18 -6.79
CA ASN E 895 21.31 -4.79 -7.90
C ASN E 895 22.77 -4.78 -7.46
N ILE E 896 23.64 -5.34 -8.30
CA ILE E 896 25.05 -5.44 -7.96
C ILE E 896 25.95 -4.68 -8.93
N LYS E 897 25.47 -4.32 -10.13
CA LYS E 897 26.34 -3.64 -11.09
C LYS E 897 26.73 -2.26 -10.58
N GLU E 898 25.82 -1.56 -9.91
CA GLU E 898 26.15 -0.26 -9.34
C GLU E 898 27.24 -0.40 -8.27
N LEU E 899 27.16 -1.46 -7.47
CA LEU E 899 28.21 -1.73 -6.48
C LEU E 899 29.53 -1.99 -7.16
N LYS E 900 29.53 -2.77 -8.24
CA LYS E 900 30.76 -3.06 -8.97
C LYS E 900 31.38 -1.78 -9.54
N ALA E 901 30.55 -0.89 -10.09
CA ALA E 901 31.07 0.32 -10.71
C ALA E 901 31.74 1.22 -9.68
N GLY E 902 31.09 1.42 -8.53
CA GLY E 902 31.69 2.22 -7.48
C GLY E 902 33.04 1.70 -7.04
N TYR E 903 33.22 0.38 -7.09
CA TYR E 903 34.53 -0.22 -6.88
C TYR E 903 35.48 0.13 -8.02
N ILE E 904 35.00 0.00 -9.27
CA ILE E 904 35.88 0.16 -10.42
C ILE E 904 36.36 1.61 -10.53
N SER E 905 35.47 2.57 -10.28
CA SER E 905 35.88 3.98 -10.32
C SER E 905 36.98 4.24 -9.30
N GLN E 906 36.88 3.62 -8.13
CA GLN E 906 37.93 3.76 -7.12
C GLN E 906 39.23 3.12 -7.60
N VAL E 907 39.14 2.01 -8.34
CA VAL E 907 40.33 1.38 -8.88
C VAL E 907 40.91 2.23 -10.01
N VAL E 908 40.08 2.59 -10.98
CA VAL E 908 40.54 3.34 -12.14
C VAL E 908 41.23 4.63 -11.72
N HIS E 909 40.66 5.32 -10.73
CA HIS E 909 41.28 6.53 -10.21
C HIS E 909 42.72 6.26 -9.77
N LYS E 910 42.94 5.20 -9.00
CA LYS E 910 44.28 4.89 -8.51
C LYS E 910 45.22 4.53 -9.66
N ILE E 911 44.71 3.74 -10.61
CA ILE E 911 45.53 3.32 -11.75
C ILE E 911 45.92 4.53 -12.59
N CYS E 912 44.98 5.45 -12.80
CA CYS E 912 45.32 6.66 -13.56
C CYS E 912 46.34 7.51 -12.82
N GLU E 913 46.30 7.51 -11.48
CA GLU E 913 47.29 8.24 -10.71
C GLU E 913 48.69 7.66 -10.92
N LEU E 914 48.79 6.32 -10.90
CA LEU E 914 50.08 5.68 -11.18
C LEU E 914 50.55 6.03 -12.59
N VAL E 915 49.63 6.08 -13.56
CA VAL E 915 49.99 6.46 -14.92
C VAL E 915 50.52 7.89 -14.95
N GLU E 916 49.92 8.77 -14.14
CA GLU E 916 50.42 10.14 -14.05
C GLU E 916 51.73 10.21 -13.29
N LYS E 917 51.85 9.45 -12.20
CA LYS E 917 53.03 9.56 -11.34
C LYS E 917 54.26 8.96 -12.02
N TYR E 918 54.20 7.68 -12.37
CA TYR E 918 55.35 7.00 -12.92
C TYR E 918 55.41 7.06 -14.44
N ASP E 919 54.43 7.69 -15.08
CA ASP E 919 54.39 7.80 -16.53
C ASP E 919 54.47 6.41 -17.17
N ALA E 920 53.67 5.49 -16.63
CA ALA E 920 53.82 4.07 -16.88
C ALA E 920 52.79 3.54 -17.87
N VAL E 921 53.24 2.67 -18.77
CA VAL E 921 52.31 1.93 -19.61
C VAL E 921 51.63 0.89 -18.72
N ILE E 922 50.55 0.31 -19.22
CA ILE E 922 49.74 -0.64 -18.46
C ILE E 922 49.78 -1.99 -19.15
N ALA E 923 49.92 -3.05 -18.34
CA ALA E 923 50.03 -4.41 -18.85
C ALA E 923 48.89 -5.25 -18.28
N LEU E 924 48.08 -5.83 -19.17
CA LEU E 924 46.97 -6.69 -18.80
C LEU E 924 47.13 -8.06 -19.46
N GLU E 925 46.30 -9.01 -19.03
CA GLU E 925 46.37 -10.36 -19.56
C GLU E 925 45.60 -10.47 -20.86
N ASP E 926 46.18 -11.17 -21.83
CA ASP E 926 45.47 -11.44 -23.08
C ASP E 926 44.51 -12.60 -22.81
N LEU E 927 43.28 -12.26 -22.44
CA LEU E 927 42.24 -13.23 -22.18
C LEU E 927 41.19 -13.05 -23.27
N ASN E 928 40.98 -14.08 -24.07
CA ASN E 928 40.03 -14.02 -25.17
C ASN E 928 38.63 -14.39 -24.70
N SER E 929 37.73 -14.61 -25.67
CA SER E 929 36.32 -14.89 -25.37
C SER E 929 36.13 -16.17 -24.57
N GLY E 930 37.04 -17.13 -24.73
CA GLY E 930 36.80 -18.48 -24.19
C GLY E 930 36.74 -18.54 -22.67
N PHE E 931 37.57 -17.74 -21.98
CA PHE E 931 37.79 -17.95 -20.55
C PHE E 931 36.51 -17.77 -19.73
N LYS E 932 35.59 -16.91 -20.19
CA LYS E 932 34.39 -16.60 -19.41
C LYS E 932 33.52 -17.84 -19.17
N ASN E 933 33.44 -18.75 -20.14
CA ASN E 933 32.51 -19.88 -20.04
C ASN E 933 32.87 -20.80 -18.88
N SER E 934 34.11 -21.32 -18.84
CA SER E 934 34.55 -22.10 -17.70
C SER E 934 34.44 -21.28 -16.41
N ARG E 935 34.89 -20.04 -16.45
CA ARG E 935 34.91 -19.12 -15.31
C ARG E 935 33.72 -18.18 -15.30
N VAL E 936 32.51 -18.70 -15.15
CA VAL E 936 31.34 -17.80 -15.26
C VAL E 936 30.74 -17.59 -13.88
N LYS E 937 30.70 -18.63 -13.06
CA LYS E 937 30.37 -18.50 -11.65
C LYS E 937 31.51 -17.76 -10.85
N VAL E 938 32.58 -17.27 -11.48
CA VAL E 938 33.74 -16.76 -10.75
C VAL E 938 33.70 -15.27 -10.47
N GLU E 939 32.73 -14.53 -11.01
CA GLU E 939 32.59 -13.08 -10.86
C GLU E 939 33.69 -12.31 -11.55
N LYS E 940 34.45 -12.95 -12.47
CA LYS E 940 35.41 -12.23 -13.28
C LYS E 940 34.75 -11.21 -14.18
N GLN E 941 33.41 -11.18 -14.21
CA GLN E 941 32.69 -10.07 -14.81
C GLN E 941 33.13 -8.73 -14.24
N VAL E 942 33.63 -8.72 -13.00
CA VAL E 942 34.21 -7.49 -12.46
C VAL E 942 35.41 -7.04 -13.29
N TYR E 943 36.22 -7.99 -13.75
CA TYR E 943 37.36 -7.65 -14.60
C TYR E 943 36.89 -7.12 -15.95
N GLN E 944 35.84 -7.73 -16.49
CA GLN E 944 35.31 -7.31 -17.78
C GLN E 944 34.82 -5.86 -17.73
N LYS E 945 34.15 -5.46 -16.64
CA LYS E 945 33.81 -4.06 -16.44
C LYS E 945 35.05 -3.22 -16.17
N PHE E 946 36.13 -3.81 -15.67
CA PHE E 946 37.30 -3.04 -15.35
C PHE E 946 37.98 -2.51 -16.61
N GLU E 947 38.02 -3.32 -17.66
CA GLU E 947 38.52 -2.83 -18.94
C GLU E 947 37.62 -1.71 -19.48
N LYS E 948 36.31 -1.94 -19.47
CA LYS E 948 35.36 -1.01 -20.06
C LYS E 948 35.50 0.39 -19.47
N MET E 949 35.45 0.51 -18.13
CA MET E 949 35.53 1.83 -17.50
C MET E 949 36.94 2.39 -17.45
N LEU E 950 37.97 1.54 -17.53
CA LEU E 950 39.34 2.05 -17.55
C LEU E 950 39.69 2.63 -18.91
N ILE E 951 39.37 1.91 -19.99
CA ILE E 951 39.61 2.42 -21.34
C ILE E 951 38.84 3.70 -21.57
N ASP E 952 37.58 3.75 -21.13
CA ASP E 952 36.78 4.95 -21.30
C ASP E 952 37.42 6.14 -20.58
N LYS E 953 38.06 5.91 -19.44
CA LYS E 953 38.72 6.99 -18.72
C LYS E 953 39.94 7.49 -19.47
N LEU E 954 40.79 6.57 -19.95
CA LEU E 954 42.02 6.98 -20.63
C LEU E 954 41.76 7.55 -22.02
N ASN E 955 40.56 7.35 -22.59
CA ASN E 955 40.21 8.06 -23.80
C ASN E 955 40.28 9.57 -23.60
N TYR E 956 39.87 10.05 -22.42
CA TYR E 956 39.97 11.45 -22.03
C TYR E 956 40.29 11.50 -20.53
N MET E 957 41.58 11.40 -20.20
CA MET E 957 42.00 11.43 -18.81
C MET E 957 42.09 12.87 -18.32
N VAL E 958 41.51 13.14 -17.16
CA VAL E 958 41.45 14.48 -16.60
C VAL E 958 41.89 14.43 -15.15
N ASP E 959 42.62 15.45 -14.73
CA ASP E 959 42.92 15.65 -13.31
C ASP E 959 42.20 16.90 -12.84
N LYS E 960 41.39 16.75 -11.79
CA LYS E 960 40.58 17.86 -11.30
C LYS E 960 41.39 18.87 -10.50
N LYS E 961 42.64 18.56 -10.18
CA LYS E 961 43.48 19.48 -9.40
C LYS E 961 44.26 20.43 -10.30
N SER E 962 44.67 19.96 -11.47
CA SER E 962 45.36 20.77 -12.45
C SER E 962 44.48 21.92 -12.91
N ASN E 963 45.11 22.91 -13.53
CA ASN E 963 44.35 23.99 -14.15
C ASN E 963 43.59 23.42 -15.33
N PRO E 964 42.27 23.65 -15.43
CA PRO E 964 41.50 23.07 -16.55
C PRO E 964 42.00 23.47 -17.92
N CYS E 965 42.57 24.66 -18.07
CA CYS E 965 43.08 25.14 -19.35
C CYS E 965 44.54 24.75 -19.60
N ALA E 966 45.13 23.95 -18.73
CA ALA E 966 46.49 23.43 -18.89
C ALA E 966 46.47 21.96 -19.27
N THR E 967 47.62 21.47 -19.75
CA THR E 967 47.74 20.08 -20.16
C THR E 967 47.45 19.13 -19.01
N GLY E 968 46.54 18.18 -19.25
CA GLY E 968 46.08 17.25 -18.25
C GLY E 968 44.79 17.64 -17.57
N GLY E 969 44.40 18.91 -17.66
CA GLY E 969 43.18 19.40 -17.04
C GLY E 969 41.93 19.04 -17.82
N ALA E 970 40.86 19.76 -17.50
CA ALA E 970 39.56 19.44 -18.09
C ALA E 970 39.53 19.76 -19.58
N LEU E 971 40.11 20.90 -19.98
CA LEU E 971 40.10 21.29 -21.38
C LEU E 971 41.28 20.75 -22.17
N LYS E 972 42.30 20.20 -21.51
CA LYS E 972 43.45 19.64 -22.19
C LYS E 972 43.74 18.26 -21.58
N GLY E 973 42.78 17.36 -21.75
CA GLY E 973 42.88 16.03 -21.16
C GLY E 973 43.65 15.05 -22.02
N TYR E 974 44.24 14.06 -21.35
CA TYR E 974 45.07 13.08 -22.01
C TYR E 974 44.22 12.05 -22.74
N GLN E 975 44.62 11.70 -23.95
CA GLN E 975 43.98 10.65 -24.74
C GLN E 975 45.05 9.62 -25.07
N ILE E 976 45.16 8.58 -24.23
CA ILE E 976 46.22 7.59 -24.40
C ILE E 976 45.65 6.20 -24.66
N THR E 977 44.41 6.14 -25.13
CA THR E 977 43.83 4.92 -25.66
C THR E 977 43.04 5.26 -26.91
N ASN E 978 42.98 4.31 -27.84
CA ASN E 978 42.21 4.48 -29.05
C ASN E 978 40.72 4.52 -28.73
N LYS E 979 39.98 5.27 -29.54
CA LYS E 979 38.55 5.47 -29.30
C LYS E 979 37.83 4.14 -29.16
N PHE E 980 36.97 4.05 -28.14
CA PHE E 980 36.30 2.80 -27.82
C PHE E 980 35.18 2.59 -28.84
N GLU E 981 35.48 1.81 -29.87
CA GLU E 981 34.48 1.48 -30.88
C GLU E 981 33.76 0.19 -30.55
N SER E 982 34.50 -0.86 -30.20
CA SER E 982 33.89 -2.12 -29.80
C SER E 982 34.93 -2.95 -29.06
N PHE E 983 34.43 -3.93 -28.30
CA PHE E 983 35.33 -4.88 -27.64
C PHE E 983 36.01 -5.80 -28.64
N LYS E 984 35.45 -5.93 -29.85
CA LYS E 984 35.95 -6.88 -30.85
C LYS E 984 36.95 -6.28 -31.84
N SER E 985 36.93 -4.97 -32.06
CA SER E 985 37.81 -4.36 -33.05
C SER E 985 39.20 -4.09 -32.52
N MET E 986 39.56 -4.68 -31.38
CA MET E 986 40.81 -4.38 -30.72
C MET E 986 41.87 -5.41 -31.09
N SER E 987 43.13 -4.97 -31.06
CA SER E 987 44.26 -5.85 -31.29
C SER E 987 44.99 -6.06 -29.97
N THR E 988 46.22 -6.57 -30.05
CA THR E 988 46.97 -6.85 -28.84
C THR E 988 47.43 -5.58 -28.11
N GLN E 989 47.37 -4.41 -28.73
CA GLN E 989 47.74 -3.18 -28.06
C GLN E 989 46.70 -2.09 -28.33
N ASN E 990 46.51 -1.22 -27.34
CA ASN E 990 45.58 -0.09 -27.38
C ASN E 990 46.22 1.06 -26.59
N GLY E 991 47.14 1.77 -27.23
CA GLY E 991 47.80 2.88 -26.56
C GLY E 991 48.70 2.40 -25.44
N PHE E 992 48.52 2.98 -24.25
CA PHE E 992 49.31 2.56 -23.10
C PHE E 992 48.95 1.17 -22.62
N ILE E 993 47.75 0.68 -22.93
CA ILE E 993 47.29 -0.62 -22.45
C ILE E 993 47.78 -1.71 -23.40
N PHE E 994 48.42 -2.73 -22.85
CA PHE E 994 48.86 -3.90 -23.60
C PHE E 994 48.15 -5.13 -23.07
N TYR E 995 47.55 -5.91 -23.96
CA TYR E 995 47.06 -7.23 -23.62
C TYR E 995 48.13 -8.25 -24.01
N ILE E 996 48.62 -9.00 -23.02
CA ILE E 996 49.70 -9.95 -23.25
C ILE E 996 49.29 -11.30 -22.67
N PRO E 997 49.72 -12.41 -23.26
CA PRO E 997 49.30 -13.73 -22.75
C PRO E 997 49.79 -13.96 -21.33
N ALA E 998 49.08 -14.84 -20.63
CA ALA E 998 49.36 -15.14 -19.24
C ALA E 998 50.14 -16.43 -19.07
N TRP E 999 50.56 -17.06 -20.17
CA TRP E 999 51.27 -18.34 -20.09
C TRP E 999 52.59 -18.17 -19.36
N LEU E 1000 52.82 -19.04 -18.37
CA LEU E 1000 54.06 -19.06 -17.60
C LEU E 1000 54.34 -17.73 -16.93
N THR E 1001 53.27 -17.00 -16.58
CA THR E 1001 53.35 -15.81 -15.75
C THR E 1001 53.28 -16.11 -14.26
N SER E 1002 52.50 -17.11 -13.86
CA SER E 1002 52.27 -17.38 -12.44
C SER E 1002 53.09 -18.56 -11.92
N LYS E 1003 53.07 -19.68 -12.62
CA LYS E 1003 53.85 -20.85 -12.20
C LYS E 1003 55.27 -20.76 -12.76
N ILE E 1004 55.96 -19.68 -12.37
CA ILE E 1004 57.36 -19.44 -12.74
C ILE E 1004 58.11 -18.86 -11.54
N ASP E 1005 59.36 -19.27 -11.40
CA ASP E 1005 60.21 -18.79 -10.30
C ASP E 1005 60.72 -17.40 -10.68
N PRO E 1006 60.38 -16.35 -9.92
CA PRO E 1006 60.92 -15.02 -10.27
C PRO E 1006 62.43 -14.92 -10.08
N SER E 1007 62.99 -15.57 -9.06
CA SER E 1007 64.40 -15.41 -8.75
C SER E 1007 65.31 -16.03 -9.81
N THR E 1008 64.83 -17.06 -10.52
CA THR E 1008 65.66 -17.74 -11.50
C THR E 1008 65.02 -17.89 -12.88
N GLY E 1009 63.70 -17.75 -12.99
CA GLY E 1009 63.03 -18.03 -14.24
C GLY E 1009 62.73 -19.50 -14.47
N PHE E 1010 62.97 -20.36 -13.49
CA PHE E 1010 62.77 -21.79 -13.67
C PHE E 1010 61.29 -22.12 -13.78
N VAL E 1011 60.98 -23.09 -14.65
CA VAL E 1011 59.61 -23.53 -14.91
C VAL E 1011 59.60 -25.04 -15.08
N ASN E 1012 58.44 -25.63 -14.82
CA ASN E 1012 58.23 -27.07 -14.94
C ASN E 1012 57.78 -27.42 -16.35
N LEU E 1013 58.73 -27.80 -17.19
CA LEU E 1013 58.43 -28.25 -18.55
C LEU E 1013 58.48 -29.77 -18.68
N LEU E 1014 58.47 -30.49 -17.56
CA LEU E 1014 58.48 -31.94 -17.53
C LEU E 1014 57.06 -32.47 -17.37
N LYS E 1015 56.76 -33.57 -18.04
CA LYS E 1015 55.50 -34.27 -17.84
C LYS E 1015 55.69 -35.28 -16.71
N THR E 1016 54.84 -35.18 -15.68
CA THR E 1016 55.02 -35.95 -14.46
C THR E 1016 53.90 -36.95 -14.17
N LYS E 1017 52.76 -36.85 -14.85
CA LYS E 1017 51.67 -37.79 -14.61
C LYS E 1017 52.10 -39.21 -14.99
N TYR E 1018 51.58 -40.19 -14.24
CA TYR E 1018 52.01 -41.58 -14.38
C TYR E 1018 51.20 -42.27 -15.46
N THR E 1019 51.90 -42.83 -16.45
CA THR E 1019 51.28 -43.62 -17.51
C THR E 1019 51.64 -45.09 -17.48
N SER E 1020 52.89 -45.44 -17.18
CA SER E 1020 53.31 -46.84 -17.23
C SER E 1020 54.55 -47.03 -16.36
N ILE E 1021 54.88 -48.30 -16.14
CA ILE E 1021 56.13 -48.65 -15.47
C ILE E 1021 57.33 -48.25 -16.34
N ALA E 1022 57.28 -48.60 -17.63
CA ALA E 1022 58.41 -48.35 -18.52
C ALA E 1022 58.66 -46.86 -18.69
N ASP E 1023 57.60 -46.07 -18.82
CA ASP E 1023 57.75 -44.62 -18.91
C ASP E 1023 58.47 -44.06 -17.68
N SER E 1024 58.15 -44.60 -16.51
CA SER E 1024 58.81 -44.15 -15.28
C SER E 1024 60.30 -44.51 -15.28
N LYS E 1025 60.66 -45.70 -15.74
CA LYS E 1025 62.08 -46.07 -15.76
C LYS E 1025 62.87 -45.14 -16.67
N LYS E 1026 62.36 -44.87 -17.87
CA LYS E 1026 63.03 -43.93 -18.76
C LYS E 1026 63.07 -42.53 -18.16
N PHE E 1027 62.08 -42.19 -17.34
CA PHE E 1027 62.05 -40.91 -16.67
C PHE E 1027 63.28 -40.75 -15.79
N ILE E 1028 63.52 -41.72 -14.90
CA ILE E 1028 64.64 -41.62 -13.97
C ILE E 1028 65.97 -41.54 -14.72
N SER E 1029 66.10 -42.31 -15.81
CA SER E 1029 67.37 -42.35 -16.53
C SER E 1029 67.72 -41.01 -17.15
N SER E 1030 66.71 -40.25 -17.59
CA SER E 1030 66.98 -38.97 -18.25
C SER E 1030 67.65 -37.99 -17.30
N PHE E 1031 67.28 -38.01 -16.01
CA PHE E 1031 67.95 -37.16 -15.04
C PHE E 1031 69.44 -37.45 -15.03
N ASP E 1032 70.24 -36.38 -14.92
CA ASP E 1032 71.68 -36.53 -14.86
C ASP E 1032 72.11 -37.22 -13.56
N ARG E 1033 71.45 -36.90 -12.46
CA ARG E 1033 71.74 -37.50 -11.16
C ARG E 1033 70.50 -37.50 -10.29
N ILE E 1034 70.38 -38.52 -9.44
CA ILE E 1034 69.41 -38.52 -8.35
C ILE E 1034 70.15 -39.01 -7.11
N MET E 1035 70.42 -38.10 -6.17
CA MET E 1035 71.20 -38.46 -5.00
C MET E 1035 70.58 -37.83 -3.76
N TYR E 1036 71.05 -38.27 -2.60
CA TYR E 1036 70.73 -37.65 -1.32
C TYR E 1036 71.92 -36.86 -0.81
N VAL E 1037 71.69 -35.59 -0.51
CA VAL E 1037 72.72 -34.75 0.10
C VAL E 1037 72.36 -34.54 1.57
N PRO E 1038 73.04 -35.22 2.50
CA PRO E 1038 72.60 -35.18 3.91
C PRO E 1038 72.96 -33.89 4.63
N GLU E 1039 74.07 -33.25 4.24
CA GLU E 1039 74.46 -32.01 4.89
C GLU E 1039 73.41 -30.91 4.74
N GLU E 1040 72.50 -31.05 3.77
CA GLU E 1040 71.43 -30.09 3.57
C GLU E 1040 70.05 -30.70 3.82
N ASP E 1041 69.98 -32.01 4.08
CA ASP E 1041 68.72 -32.74 4.17
C ASP E 1041 67.83 -32.45 2.96
N LEU E 1042 68.41 -32.63 1.78
CA LEU E 1042 67.69 -32.41 0.53
C LEU E 1042 68.07 -33.50 -0.46
N PHE E 1043 67.13 -33.81 -1.34
CA PHE E 1043 67.38 -34.66 -2.49
C PHE E 1043 67.63 -33.80 -3.70
N GLU E 1044 68.60 -34.21 -4.53
CA GLU E 1044 68.97 -33.46 -5.72
C GLU E 1044 68.59 -34.25 -6.94
N PHE E 1045 67.92 -33.58 -7.88
CA PHE E 1045 67.49 -34.18 -9.15
C PHE E 1045 68.03 -33.27 -10.25
N ALA E 1046 69.31 -33.44 -10.57
CA ALA E 1046 69.93 -32.69 -11.65
C ALA E 1046 69.48 -33.26 -13.00
N LEU E 1047 69.07 -32.38 -13.91
CA LEU E 1047 68.62 -32.80 -15.23
C LEU E 1047 69.10 -31.82 -16.28
N ASP E 1048 69.32 -32.34 -17.48
CA ASP E 1048 69.47 -31.51 -18.67
C ASP E 1048 68.16 -31.57 -19.43
N TYR E 1049 67.51 -30.41 -19.61
CA TYR E 1049 66.22 -30.38 -20.27
C TYR E 1049 66.28 -30.99 -21.67
N LYS E 1050 67.42 -30.87 -22.35
CA LYS E 1050 67.55 -31.42 -23.69
C LYS E 1050 67.44 -32.95 -23.72
N ASN E 1051 67.47 -33.61 -22.57
CA ASN E 1051 67.27 -35.05 -22.50
C ASN E 1051 65.81 -35.44 -22.31
N PHE E 1052 64.92 -34.47 -22.16
CA PHE E 1052 63.49 -34.71 -22.09
C PHE E 1052 62.82 -34.08 -23.31
N SER E 1053 61.62 -34.56 -23.61
CA SER E 1053 60.90 -34.07 -24.76
C SER E 1053 60.17 -32.77 -24.44
N ARG E 1054 59.96 -31.96 -25.47
CA ARG E 1054 59.20 -30.71 -25.40
C ARG E 1054 59.79 -29.71 -24.42
N THR E 1055 61.09 -29.80 -24.17
CA THR E 1055 61.82 -28.83 -23.35
C THR E 1055 62.64 -27.85 -24.19
N ASP E 1056 62.21 -27.59 -25.43
CA ASP E 1056 62.94 -26.66 -26.29
C ASP E 1056 62.79 -25.22 -25.80
N ALA E 1057 61.71 -24.92 -25.08
CA ALA E 1057 61.42 -23.54 -24.70
C ALA E 1057 62.48 -22.95 -23.79
N ASP E 1058 62.99 -23.75 -22.85
CA ASP E 1058 63.87 -23.21 -21.82
C ASP E 1058 65.20 -22.73 -22.41
N TYR E 1059 65.74 -21.66 -21.83
CA TYR E 1059 67.05 -21.18 -22.24
C TYR E 1059 68.15 -22.02 -21.60
N ILE E 1060 68.22 -22.00 -20.28
CA ILE E 1060 69.19 -22.80 -19.55
C ILE E 1060 68.66 -24.23 -19.53
N LYS E 1061 69.31 -25.12 -20.27
CA LYS E 1061 68.83 -26.50 -20.35
C LYS E 1061 68.97 -27.18 -18.99
N LYS E 1062 70.05 -26.90 -18.29
CA LYS E 1062 70.48 -27.65 -17.11
C LYS E 1062 70.01 -26.96 -15.84
N TRP E 1063 69.25 -27.69 -15.02
CA TRP E 1063 68.79 -27.24 -13.72
C TRP E 1063 69.07 -28.33 -12.70
N LYS E 1064 69.16 -27.94 -11.44
CA LYS E 1064 69.33 -28.87 -10.33
C LYS E 1064 68.12 -28.76 -9.43
N LEU E 1065 67.31 -29.80 -9.41
CA LEU E 1065 66.07 -29.80 -8.64
C LEU E 1065 66.32 -30.31 -7.23
N TYR E 1066 65.71 -29.65 -6.26
CA TYR E 1066 65.88 -30.01 -4.88
C TYR E 1066 64.51 -30.22 -4.25
N SER E 1067 64.44 -31.13 -3.28
CA SER E 1067 63.20 -31.41 -2.57
C SER E 1067 63.07 -30.50 -1.36
N TYR E 1068 63.19 -29.20 -1.61
CA TYR E 1068 63.19 -28.22 -0.56
C TYR E 1068 61.76 -27.74 -0.33
N GLY E 1069 61.35 -27.72 0.93
CA GLY E 1069 60.10 -27.10 1.31
C GLY E 1069 58.92 -28.03 1.41
N ASN E 1070 57.80 -27.45 1.82
CA ASN E 1070 56.54 -28.16 1.95
C ASN E 1070 55.65 -27.80 0.77
N ARG E 1071 54.77 -28.73 0.42
CA ARG E 1071 53.82 -28.53 -0.66
C ARG E 1071 52.41 -28.73 -0.13
N ILE E 1072 51.43 -28.41 -0.97
CA ILE E 1072 50.03 -28.58 -0.63
C ILE E 1072 49.40 -29.55 -1.62
N ARG E 1073 48.75 -30.58 -1.09
CA ARG E 1073 47.99 -31.53 -1.88
C ARG E 1073 46.55 -31.56 -1.36
N ILE E 1074 45.62 -31.83 -2.26
CA ILE E 1074 44.19 -31.87 -1.96
C ILE E 1074 43.77 -33.32 -1.75
N PHE E 1075 42.93 -33.56 -0.73
CA PHE E 1075 42.45 -34.91 -0.43
C PHE E 1075 41.61 -35.40 -1.60
N ARG E 1076 41.08 -36.61 -1.49
CA ARG E 1076 40.23 -37.14 -2.56
C ARG E 1076 38.88 -37.60 -2.02
N ASN E 1077 38.52 -37.22 -0.80
CA ASN E 1077 37.27 -37.64 -0.16
C ASN E 1077 36.93 -36.75 1.03
N ASN E 1081 33.53 -33.92 9.36
CA ASN E 1081 34.33 -35.14 9.34
C ASN E 1081 35.81 -34.83 9.57
N ASN E 1082 36.52 -34.56 8.48
CA ASN E 1082 37.93 -34.19 8.54
C ASN E 1082 38.08 -32.69 8.74
N VAL E 1083 39.13 -32.31 9.48
CA VAL E 1083 39.35 -30.90 9.78
C VAL E 1083 39.63 -30.12 8.50
N PHE E 1084 40.57 -30.62 7.69
CA PHE E 1084 40.99 -29.94 6.48
C PHE E 1084 40.77 -30.85 5.29
N ASP E 1085 40.47 -30.25 4.13
CA ASP E 1085 40.36 -30.98 2.88
C ASP E 1085 41.70 -31.10 2.15
N TRP E 1086 42.80 -30.80 2.83
CA TRP E 1086 44.11 -30.80 2.20
C TRP E 1086 45.16 -31.15 3.25
N GLU E 1087 46.34 -31.57 2.77
CA GLU E 1087 47.45 -31.90 3.64
C GLU E 1087 48.72 -31.24 3.13
N GLU E 1088 49.67 -31.06 4.03
CA GLU E 1088 50.94 -30.42 3.73
C GLU E 1088 52.02 -31.48 3.78
N VAL E 1089 52.45 -31.96 2.62
CA VAL E 1089 53.46 -33.00 2.53
C VAL E 1089 54.83 -32.37 2.75
N CYS E 1090 55.66 -33.05 3.54
CA CYS E 1090 57.06 -32.68 3.66
C CYS E 1090 57.84 -33.52 2.66
N LEU E 1091 58.43 -32.86 1.67
CA LEU E 1091 58.96 -33.57 0.52
C LEU E 1091 60.10 -34.49 0.90
N THR E 1092 61.13 -33.94 1.55
CA THR E 1092 62.26 -34.76 1.96
C THR E 1092 61.82 -35.89 2.90
N SER E 1093 60.88 -35.59 3.78
CA SER E 1093 60.32 -36.61 4.66
C SER E 1093 59.38 -37.56 3.94
N ALA E 1094 59.10 -37.33 2.65
CA ALA E 1094 58.31 -38.25 1.85
C ALA E 1094 59.16 -39.07 0.88
N TYR E 1095 60.27 -38.51 0.42
CA TYR E 1095 61.24 -39.31 -0.33
C TYR E 1095 61.89 -40.34 0.58
N LYS E 1096 62.19 -39.96 1.83
CA LYS E 1096 62.65 -40.94 2.80
C LYS E 1096 61.59 -41.99 3.12
N GLU E 1097 60.31 -41.60 3.15
CA GLU E 1097 59.26 -42.58 3.42
C GLU E 1097 59.09 -43.56 2.27
N LEU E 1098 58.90 -43.05 1.05
CA LEU E 1098 58.65 -43.93 -0.08
C LEU E 1098 59.79 -44.89 -0.31
N PHE E 1099 61.04 -44.43 -0.16
CA PHE E 1099 62.18 -45.29 -0.38
C PHE E 1099 62.32 -46.35 0.70
N ASN E 1100 61.75 -46.11 1.89
CA ASN E 1100 61.80 -47.10 2.95
C ASN E 1100 60.71 -48.16 2.81
N LYS E 1101 59.57 -47.80 2.22
CA LYS E 1101 58.52 -48.80 2.04
C LYS E 1101 59.00 -49.92 1.12
N TYR E 1102 59.88 -49.61 0.17
CA TYR E 1102 60.47 -50.61 -0.71
C TYR E 1102 61.94 -50.81 -0.39
N GLY E 1103 62.42 -50.25 0.71
CA GLY E 1103 63.77 -50.55 1.16
C GLY E 1103 64.87 -50.01 0.30
N ILE E 1104 64.67 -48.87 -0.36
CA ILE E 1104 65.69 -48.34 -1.25
C ILE E 1104 66.65 -47.51 -0.43
N ASN E 1105 67.95 -47.75 -0.62
CA ASN E 1105 69.00 -47.10 0.16
C ASN E 1105 69.37 -45.79 -0.52
N TYR E 1106 68.70 -44.71 -0.11
CA TYR E 1106 68.90 -43.43 -0.77
C TYR E 1106 70.28 -42.85 -0.44
N GLN E 1107 70.91 -43.33 0.62
CA GLN E 1107 72.24 -42.87 0.99
C GLN E 1107 73.34 -43.44 0.10
N GLN E 1108 73.00 -44.31 -0.84
CA GLN E 1108 74.01 -45.11 -1.52
C GLN E 1108 74.81 -44.31 -2.54
N GLY E 1109 74.42 -43.07 -2.79
CA GLY E 1109 74.99 -42.26 -3.86
C GLY E 1109 73.99 -42.03 -4.99
N ASP E 1110 74.40 -42.19 -6.26
CA ASP E 1110 73.44 -42.06 -7.35
C ASP E 1110 72.45 -43.22 -7.28
N ILE E 1111 71.19 -42.92 -7.53
CA ILE E 1111 70.10 -43.86 -7.29
C ILE E 1111 69.33 -44.19 -8.56
N ARG E 1112 69.76 -43.67 -9.72
CA ARG E 1112 68.99 -43.84 -10.94
C ARG E 1112 68.81 -45.31 -11.29
N ALA E 1113 69.91 -46.07 -11.34
CA ALA E 1113 69.81 -47.49 -11.63
C ALA E 1113 69.11 -48.24 -10.49
N LEU E 1114 69.15 -47.69 -9.27
CA LEU E 1114 68.55 -48.37 -8.12
C LEU E 1114 67.04 -48.33 -8.16
N LEU E 1115 66.45 -47.19 -8.54
CA LEU E 1115 64.99 -47.08 -8.60
C LEU E 1115 64.41 -47.87 -9.76
N CYS E 1116 65.14 -48.01 -10.87
CA CYS E 1116 64.64 -48.78 -11.99
C CYS E 1116 64.70 -50.28 -11.72
N GLU E 1117 65.47 -50.71 -10.71
CA GLU E 1117 65.51 -52.12 -10.34
C GLU E 1117 64.16 -52.60 -9.84
N GLN E 1118 63.36 -51.71 -9.26
CA GLN E 1118 62.06 -52.09 -8.72
C GLN E 1118 61.12 -52.58 -9.83
N SER E 1119 60.18 -53.44 -9.44
CA SER E 1119 59.20 -54.02 -10.36
C SER E 1119 57.77 -53.76 -9.92
N ASP E 1120 57.54 -52.96 -8.89
CA ASP E 1120 56.23 -52.79 -8.28
C ASP E 1120 55.58 -51.52 -8.82
N LYS E 1121 54.34 -51.67 -9.31
CA LYS E 1121 53.63 -50.52 -9.85
C LYS E 1121 53.39 -49.45 -8.79
N ALA E 1122 53.14 -49.88 -7.55
CA ALA E 1122 52.82 -48.92 -6.49
C ALA E 1122 53.98 -47.97 -6.23
N PHE E 1123 55.21 -48.43 -6.44
CA PHE E 1123 56.38 -47.57 -6.27
C PHE E 1123 56.37 -46.42 -7.27
N TYR E 1124 56.11 -46.74 -8.53
CA TYR E 1124 56.19 -45.72 -9.57
C TYR E 1124 55.00 -44.77 -9.53
N SER E 1125 53.79 -45.29 -9.29
CA SER E 1125 52.61 -44.44 -9.21
C SER E 1125 52.68 -43.45 -8.05
N SER E 1126 53.54 -43.72 -7.07
CA SER E 1126 53.74 -42.83 -5.93
C SER E 1126 54.96 -41.94 -6.12
N PHE E 1127 56.00 -42.46 -6.75
CA PHE E 1127 57.16 -41.64 -7.11
C PHE E 1127 56.76 -40.48 -8.00
N MET E 1128 55.97 -40.76 -9.04
CA MET E 1128 55.53 -39.70 -9.94
C MET E 1128 54.64 -38.68 -9.24
N ALA E 1129 54.02 -39.05 -8.12
CA ALA E 1129 53.29 -38.05 -7.35
C ALA E 1129 54.24 -37.13 -6.58
N LEU E 1130 55.28 -37.69 -5.98
CA LEU E 1130 56.30 -36.86 -5.34
C LEU E 1130 57.06 -36.03 -6.36
N MET E 1131 57.36 -36.61 -7.52
CA MET E 1131 57.95 -35.83 -8.60
C MET E 1131 56.98 -34.77 -9.10
N SER E 1132 55.67 -35.04 -9.03
CA SER E 1132 54.70 -34.03 -9.42
C SER E 1132 54.69 -32.86 -8.45
N LEU E 1133 54.78 -33.15 -7.14
CA LEU E 1133 54.64 -32.11 -6.13
C LEU E 1133 55.85 -31.19 -6.08
N MET E 1134 57.05 -31.74 -6.22
CA MET E 1134 58.25 -30.90 -6.16
C MET E 1134 58.22 -29.79 -7.21
N LEU E 1135 57.59 -30.04 -8.35
CA LEU E 1135 57.49 -29.08 -9.43
C LEU E 1135 56.18 -28.30 -9.39
N GLN E 1136 55.39 -28.49 -8.32
CA GLN E 1136 54.16 -27.74 -8.13
C GLN E 1136 54.53 -26.48 -7.37
N MET E 1137 54.88 -25.42 -8.11
CA MET E 1137 55.40 -24.22 -7.48
C MET E 1137 54.29 -23.38 -6.84
N ARG E 1138 53.20 -23.15 -7.57
CA ARG E 1138 52.12 -22.31 -7.06
C ARG E 1138 51.20 -23.21 -6.24
N ASN E 1139 51.30 -23.11 -4.93
CA ASN E 1139 50.50 -23.95 -4.02
C ASN E 1139 49.45 -23.06 -3.36
N SER E 1140 48.20 -23.34 -3.67
CA SER E 1140 47.06 -22.59 -3.15
C SER E 1140 45.90 -23.54 -2.97
N ILE E 1141 44.93 -23.12 -2.14
CA ILE E 1141 43.65 -23.81 -2.01
C ILE E 1141 42.56 -22.78 -2.29
N THR E 1142 41.58 -23.18 -3.10
CA THR E 1142 40.53 -22.28 -3.52
C THR E 1142 39.80 -21.73 -2.31
N GLY E 1143 39.67 -20.41 -2.25
CA GLY E 1143 38.92 -19.79 -1.18
C GLY E 1143 39.55 -19.93 0.20
N ARG E 1144 40.83 -20.28 0.28
CA ARG E 1144 41.51 -20.47 1.55
C ARG E 1144 42.39 -19.25 1.82
N THR E 1145 42.02 -18.48 2.84
CA THR E 1145 42.72 -17.23 3.16
C THR E 1145 44.18 -17.44 3.54
N ASP E 1146 44.51 -18.56 4.21
CA ASP E 1146 45.81 -18.68 4.86
C ASP E 1146 46.95 -18.66 3.85
N VAL E 1147 46.91 -19.53 2.85
CA VAL E 1147 48.07 -19.78 2.00
C VAL E 1147 47.71 -19.56 0.52
N ASP E 1148 48.48 -18.68 -0.13
CA ASP E 1148 48.55 -18.53 -1.57
C ASP E 1148 50.01 -18.61 -1.99
N PHE E 1149 50.83 -19.28 -1.19
CA PHE E 1149 52.28 -19.11 -1.28
C PHE E 1149 52.89 -19.77 -2.50
N LEU E 1150 54.03 -19.22 -2.91
CA LEU E 1150 54.80 -19.66 -4.06
C LEU E 1150 56.17 -20.14 -3.59
N ILE E 1151 56.55 -21.35 -3.97
CA ILE E 1151 57.82 -21.93 -3.56
C ILE E 1151 58.45 -22.66 -4.74
N SER E 1152 59.77 -22.50 -4.90
CA SER E 1152 60.55 -23.00 -6.00
C SER E 1152 61.53 -24.08 -5.55
N PRO E 1153 61.78 -25.08 -6.39
CA PRO E 1153 62.71 -26.15 -6.01
C PRO E 1153 64.11 -26.02 -6.61
N VAL E 1154 64.54 -24.81 -6.95
CA VAL E 1154 65.82 -24.58 -7.60
C VAL E 1154 66.64 -23.57 -6.81
N LYS E 1155 67.94 -23.83 -6.68
CA LYS E 1155 68.85 -22.89 -6.05
C LYS E 1155 69.26 -21.80 -7.04
N ASN E 1156 69.26 -20.55 -6.56
CA ASN E 1156 69.57 -19.38 -7.36
C ASN E 1156 71.07 -19.07 -7.32
N SER E 1157 71.45 -17.86 -7.73
CA SER E 1157 72.86 -17.47 -7.81
C SER E 1157 73.53 -17.45 -6.45
N ASP E 1158 72.78 -17.13 -5.39
CA ASP E 1158 73.31 -17.13 -4.03
C ASP E 1158 72.98 -18.42 -3.29
N GLY E 1159 72.41 -19.40 -3.99
CA GLY E 1159 72.12 -20.70 -3.39
C GLY E 1159 71.08 -20.69 -2.28
N ILE E 1160 70.04 -19.89 -2.43
CA ILE E 1160 68.92 -19.86 -1.49
C ILE E 1160 67.62 -19.96 -2.27
N PHE E 1161 66.70 -20.79 -1.79
CA PHE E 1161 65.45 -21.04 -2.49
C PHE E 1161 64.50 -19.86 -2.38
N TYR E 1162 63.65 -19.70 -3.39
CA TYR E 1162 62.62 -18.68 -3.38
C TYR E 1162 61.38 -19.20 -2.65
N ASP E 1163 61.05 -18.55 -1.53
CA ASP E 1163 59.80 -18.78 -0.82
C ASP E 1163 59.08 -17.44 -0.73
N SER E 1164 57.97 -17.30 -1.45
CA SER E 1164 57.21 -16.06 -1.42
C SER E 1164 56.78 -15.69 0.00
N ARG E 1165 56.63 -16.70 0.87
CA ARG E 1165 56.28 -16.43 2.27
C ARG E 1165 57.29 -15.52 2.94
N ASN E 1166 58.57 -15.63 2.58
CA ASN E 1166 59.58 -14.75 3.12
C ASN E 1166 59.43 -13.30 2.65
N TYR E 1167 58.42 -13.00 1.86
CA TYR E 1167 58.20 -11.65 1.36
C TYR E 1167 56.87 -11.05 1.77
N GLU E 1168 55.79 -11.84 1.86
CA GLU E 1168 54.51 -11.29 2.25
C GLU E 1168 54.59 -10.62 3.62
N ALA E 1169 55.49 -11.12 4.47
CA ALA E 1169 55.70 -10.46 5.75
C ALA E 1169 56.46 -9.15 5.58
N GLN E 1170 57.28 -9.03 4.54
CA GLN E 1170 58.05 -7.82 4.33
C GLN E 1170 57.14 -6.70 3.83
N GLU E 1171 57.37 -5.49 4.35
CA GLU E 1171 56.58 -4.33 3.94
C GLU E 1171 56.86 -3.97 2.48
N ASN E 1172 58.11 -3.64 2.18
CA ASN E 1172 58.55 -3.32 0.82
C ASN E 1172 59.44 -4.48 0.36
N ALA E 1173 58.82 -5.49 -0.25
CA ALA E 1173 59.58 -6.61 -0.76
C ALA E 1173 60.11 -6.28 -2.15
N ILE E 1174 61.31 -6.78 -2.44
CA ILE E 1174 61.95 -6.55 -3.74
C ILE E 1174 61.57 -7.62 -4.75
N LEU E 1175 60.76 -8.60 -4.35
CA LEU E 1175 60.26 -9.69 -5.18
C LEU E 1175 58.79 -9.91 -4.86
N PRO E 1176 58.07 -10.65 -5.70
CA PRO E 1176 56.64 -10.90 -5.43
C PRO E 1176 56.38 -11.44 -4.03
N LYS E 1177 55.24 -11.05 -3.47
CA LYS E 1177 54.82 -11.52 -2.15
C LYS E 1177 53.97 -12.77 -2.19
N ASN E 1178 53.36 -13.09 -3.32
CA ASN E 1178 52.40 -14.19 -3.42
C ASN E 1178 52.24 -14.58 -4.87
N ALA E 1179 51.53 -15.69 -5.10
CA ALA E 1179 51.31 -16.15 -6.48
C ALA E 1179 50.49 -15.17 -7.31
N ASP E 1180 49.68 -14.33 -6.66
CA ASP E 1180 48.87 -13.35 -7.39
C ASP E 1180 49.71 -12.15 -7.80
N ALA E 1181 50.48 -11.59 -6.88
CA ALA E 1181 51.42 -10.52 -7.24
C ALA E 1181 52.44 -11.03 -8.24
N ASN E 1182 52.84 -12.30 -8.10
CA ASN E 1182 53.75 -12.92 -9.07
C ASN E 1182 53.18 -12.84 -10.48
N GLY E 1183 51.87 -12.99 -10.62
CA GLY E 1183 51.21 -12.85 -11.90
C GLY E 1183 51.37 -11.46 -12.49
N ALA E 1184 50.93 -10.44 -11.75
CA ALA E 1184 51.02 -9.07 -12.25
C ALA E 1184 52.46 -8.66 -12.50
N TYR E 1185 53.40 -9.13 -11.67
CA TYR E 1185 54.81 -8.84 -11.89
C TYR E 1185 55.28 -9.30 -13.26
N ASN E 1186 54.93 -10.53 -13.63
CA ASN E 1186 55.40 -11.07 -14.91
C ASN E 1186 54.63 -10.45 -16.07
N ILE E 1187 53.32 -10.22 -15.88
CA ILE E 1187 52.56 -9.44 -16.85
C ILE E 1187 53.27 -8.13 -17.17
N ALA E 1188 53.89 -7.51 -16.16
CA ALA E 1188 54.60 -6.26 -16.38
C ALA E 1188 55.93 -6.49 -17.09
N ARG E 1189 56.64 -7.58 -16.76
CA ARG E 1189 57.93 -7.82 -17.39
C ARG E 1189 57.78 -8.27 -18.83
N LYS E 1190 56.72 -9.03 -19.14
CA LYS E 1190 56.42 -9.37 -20.52
C LYS E 1190 56.28 -8.13 -21.39
N VAL E 1191 55.87 -7.01 -20.79
CA VAL E 1191 55.79 -5.75 -21.52
C VAL E 1191 57.16 -5.06 -21.54
N LEU E 1192 57.95 -5.23 -20.49
CA LEU E 1192 59.31 -4.71 -20.51
C LEU E 1192 60.13 -5.33 -21.64
N TRP E 1193 59.89 -6.62 -21.95
CA TRP E 1193 60.49 -7.25 -23.11
C TRP E 1193 60.12 -6.48 -24.39
N ALA E 1194 58.84 -6.14 -24.52
CA ALA E 1194 58.36 -5.43 -25.71
C ALA E 1194 59.07 -4.09 -25.87
N ILE E 1195 59.28 -3.39 -24.76
CA ILE E 1195 60.09 -2.18 -24.82
C ILE E 1195 61.51 -2.50 -25.29
N GLY E 1196 62.01 -3.69 -24.94
CA GLY E 1196 63.32 -4.10 -25.44
C GLY E 1196 63.35 -4.24 -26.94
N GLN E 1197 62.28 -4.75 -27.53
CA GLN E 1197 62.20 -4.82 -28.99
C GLN E 1197 61.98 -3.46 -29.63
N PHE E 1198 61.49 -2.49 -28.85
CA PHE E 1198 61.30 -1.14 -29.37
C PHE E 1198 62.61 -0.37 -29.44
N LYS E 1199 63.52 -0.60 -28.49
CA LYS E 1199 64.78 0.11 -28.43
C LYS E 1199 65.77 -0.32 -29.52
N LYS E 1200 65.52 -1.44 -30.19
CA LYS E 1200 66.43 -1.95 -31.21
C LYS E 1200 66.05 -1.48 -32.61
N ALA E 1201 64.79 -1.62 -32.97
CA ALA E 1201 64.36 -1.31 -34.32
C ALA E 1201 64.32 0.19 -34.54
N GLU E 1202 64.11 0.59 -35.79
CA GLU E 1202 64.08 1.99 -36.17
C GLU E 1202 62.63 2.43 -36.30
N ASP E 1203 62.40 3.73 -36.08
CA ASP E 1203 61.04 4.24 -35.92
C ASP E 1203 60.17 3.93 -37.13
N GLU E 1204 60.77 3.72 -38.30
CA GLU E 1204 60.01 3.30 -39.47
C GLU E 1204 59.49 1.87 -39.34
N LYS E 1205 60.15 1.03 -38.55
CA LYS E 1205 59.76 -0.37 -38.42
C LYS E 1205 59.07 -0.69 -37.10
N LEU E 1206 58.79 0.32 -36.27
CA LEU E 1206 58.14 0.06 -35.00
C LEU E 1206 56.71 -0.43 -35.17
N ASP E 1207 56.03 0.01 -36.25
CA ASP E 1207 54.67 -0.48 -36.48
C ASP E 1207 54.65 -1.98 -36.71
N LYS E 1208 55.72 -2.54 -37.28
CA LYS E 1208 55.77 -3.94 -37.65
C LYS E 1208 56.43 -4.82 -36.59
N VAL E 1209 56.89 -4.25 -35.48
CA VAL E 1209 57.42 -5.07 -34.40
C VAL E 1209 56.27 -5.85 -33.76
N LYS E 1210 56.48 -7.15 -33.57
CA LYS E 1210 55.49 -8.01 -32.94
C LYS E 1210 55.70 -7.95 -31.43
N ILE E 1211 54.70 -7.45 -30.69
CA ILE E 1211 54.78 -7.40 -29.24
C ILE E 1211 54.32 -8.71 -28.60
N ALA E 1212 53.75 -9.62 -29.37
CA ALA E 1212 53.37 -10.92 -28.84
C ALA E 1212 54.59 -11.73 -28.40
N ILE E 1213 54.70 -11.95 -27.08
CA ILE E 1213 55.73 -12.80 -26.54
C ILE E 1213 55.67 -14.17 -27.19
N SER E 1214 56.84 -14.68 -27.55
CA SER E 1214 56.98 -16.10 -27.85
C SER E 1214 57.23 -16.82 -26.54
N ASN E 1215 56.51 -17.93 -26.33
CA ASN E 1215 56.69 -18.70 -25.11
C ASN E 1215 58.14 -19.13 -24.94
N LYS E 1216 58.87 -19.27 -26.05
CA LYS E 1216 60.30 -19.53 -25.98
C LYS E 1216 61.08 -18.26 -25.61
N GLU E 1217 60.61 -17.09 -26.08
CA GLU E 1217 61.33 -15.85 -25.79
C GLU E 1217 61.17 -15.43 -24.33
N TRP E 1218 60.03 -15.76 -23.73
CA TRP E 1218 59.74 -15.31 -22.36
C TRP E 1218 60.60 -16.06 -21.33
N LEU E 1219 61.03 -17.28 -21.65
CA LEU E 1219 61.87 -18.04 -20.73
C LEU E 1219 63.31 -17.53 -20.72
N GLU E 1220 63.88 -17.24 -21.89
CA GLU E 1220 65.27 -16.76 -21.90
C GLU E 1220 65.40 -15.39 -21.27
N TYR E 1221 64.31 -14.60 -21.24
CA TYR E 1221 64.37 -13.29 -20.60
C TYR E 1221 64.31 -13.42 -19.08
N ALA E 1222 63.42 -14.28 -18.58
CA ALA E 1222 63.27 -14.45 -17.13
C ALA E 1222 64.49 -15.07 -16.49
N GLN E 1223 65.24 -15.89 -17.23
CA GLN E 1223 66.40 -16.57 -16.66
C GLN E 1223 67.69 -15.78 -16.77
N THR E 1224 67.77 -14.83 -17.72
CA THR E 1224 68.96 -14.00 -17.85
C THR E 1224 68.86 -12.70 -17.05
N SER E 1225 67.64 -12.25 -16.73
CA SER E 1225 67.48 -10.99 -16.02
C SER E 1225 68.09 -10.99 -14.63
N VAL E 1226 68.62 -12.13 -14.18
CA VAL E 1226 69.26 -12.24 -12.88
C VAL E 1226 70.47 -13.16 -12.96
MG MG I . -24.88 35.74 34.10
MG MG J . -32.38 5.01 28.76
MG MG K . 25.10 -12.69 -9.97
MG MG L . 32.51 18.22 -4.49
#